data_5SYL
#
_entry.id   5SYL
#
_cell.length_a   101.114
_cell.length_b   114.231
_cell.length_c   175.190
_cell.angle_alpha   90.000
_cell.angle_beta   90.000
_cell.angle_gamma   90.000
#
_symmetry.space_group_name_H-M   'P 21 21 21'
#
loop_
_entity.id
_entity.type
_entity.pdbx_description
1 polymer Catalase-peroxidase
2 non-polymer 'SODIUM ION'
3 non-polymer 'CHLORIDE ION'
4 non-polymer 'PROTOPORPHYRIN IX CONTAINING FE'
5 non-polymer 'CYANIDE ION'
6 non-polymer (4S)-2-METHYL-2,4-PENTANEDIOL
7 non-polymer 'PHOSPHATE ION'
8 water water
#
_entity_poly.entity_id   1
_entity_poly.type   'polypeptide(L)'
_entity_poly.pdbx_seq_one_letter_code
;MSNEAKCPFHQAAGNGTSNRDWWPNQLDLSILHRHSSLSDPMGKDFNYAQAFEKLDLAAVKRDLHALMTTSQDWWPADFG
HYGGLFIRMAWHSAGTYRTADGRGGAGEGQQRFAPLNSWPDNANLDKARRLLWPIKQKYGRAISWADLLILTGNVALESM
GFKTFGFAGGRADTWEPEDVYWGSEKIWLELSGGPNSRYSGDRQLENPLAAVQMGLIYVNPEGPDGNPDPVAAARDIRDT
FARMAMNDEETVALIAGGHTFGKTHGAGPASNVGAEPEAAGIEAQGLGWKSAYRTGKGADAITSGLEVTWTTTPTQWSHN
FFENLFGYEWELTKSPAGAHQWVAKGADAVIPDAFDPSKKHRPTMLTTDLSLRFDPAYEKISRRFHENPEQFADAFARAW
FKLTHRDMGPRARYLGPEVPAEVLLWQDPIPAVDHPLIDAADAAELKAKVLASGLTVSQLVSTAWAAASTFRGSDKRGGA
NGARIRLAPQKDWEANQPEQLAAVLETLEAIRTAFNGAQRGGKQVSLADLIVLAGCAGVEQAAKNAGHAVTVPFAPGRAD
ASQEQTDVESMAVLEPVADGFRNYLKGKYRVPAEVLLVDKAQLLTLSAPEMTVLLGGLRVLGANVGQSRHGVFTAREQAL
TNDFFVNLLDMGTEWKPTAADADVFEGRDRATGELKWTGTRVDLVFGSHSQLRALAEVYGSADAQEKFVRDFVAVWNKVM
NLDRFDLA
;
_entity_poly.pdbx_strand_id   A,B
#
loop_
_chem_comp.id
_chem_comp.type
_chem_comp.name
_chem_comp.formula
CL non-polymer 'CHLORIDE ION' 'Cl -1'
CYN non-polymer 'CYANIDE ION' 'C N -1'
HEM non-polymer 'PROTOPORPHYRIN IX CONTAINING FE' 'C34 H32 Fe N4 O4'
MPD non-polymer (4S)-2-METHYL-2,4-PENTANEDIOL 'C6 H14 O2'
NA non-polymer 'SODIUM ION' 'Na 1'
PO4 non-polymer 'PHOSPHATE ION' 'O4 P -3'
#
# COMPACT_ATOMS: atom_id res chain seq x y z
N GLY A 16 17.11 1.95 -5.09
CA GLY A 16 15.99 2.41 -5.99
C GLY A 16 15.48 3.70 -5.29
N THR A 17 15.71 4.87 -5.90
CA THR A 17 15.24 6.13 -5.39
C THR A 17 13.67 6.20 -5.54
N SER A 18 12.98 6.52 -4.47
CA SER A 18 11.52 6.51 -4.39
C SER A 18 10.93 7.94 -4.26
N ASN A 19 9.59 8.04 -4.31
CA ASN A 19 8.94 9.35 -4.22
C ASN A 19 9.17 10.02 -2.82
N ARG A 20 9.18 9.19 -1.75
CA ARG A 20 9.49 9.61 -0.38
C ARG A 20 10.92 10.13 -0.26
N ASP A 21 11.86 9.57 -1.01
CA ASP A 21 13.21 10.18 -1.12
C ASP A 21 13.10 11.59 -1.74
N TRP A 22 12.45 11.71 -2.91
CA TRP A 22 12.45 13.01 -3.65
C TRP A 22 11.68 14.10 -2.91
N TRP A 23 10.56 13.71 -2.29
CA TRP A 23 9.58 14.63 -1.73
C TRP A 23 9.24 14.12 -0.31
N PRO A 24 10.21 14.26 0.64
CA PRO A 24 10.04 13.58 1.95
C PRO A 24 8.91 14.24 2.80
N ASN A 25 8.48 15.45 2.45
CA ASN A 25 7.36 16.04 3.13
C ASN A 25 6.01 15.96 2.45
N GLN A 26 5.84 15.24 1.32
CA GLN A 26 4.50 15.11 0.73
C GLN A 26 3.63 14.34 1.71
N LEU A 27 2.32 14.54 1.60
CA LEU A 27 1.34 13.79 2.36
C LEU A 27 1.31 12.34 1.93
N ASP A 28 1.31 11.43 2.88
CA ASP A 28 1.30 9.99 2.52
C ASP A 28 -0.09 9.30 2.67
N LEU A 29 -0.72 9.02 1.53
CA LEU A 29 -2.05 8.40 1.50
C LEU A 29 -2.09 6.89 1.62
N SER A 30 -0.93 6.25 1.63
CA SER A 30 -0.92 4.79 1.65
C SER A 30 -1.46 4.28 3.00
N ILE A 31 -1.43 5.10 4.05
CA ILE A 31 -2.08 4.63 5.28
C ILE A 31 -3.56 4.36 5.19
N LEU A 32 -4.25 5.01 4.27
CA LEU A 32 -5.71 4.81 4.10
C LEU A 32 -6.07 3.56 3.27
N HIS A 33 -5.06 2.98 2.62
CA HIS A 33 -5.24 1.80 1.78
C HIS A 33 -4.49 0.51 2.23
N ARG A 34 -4.13 0.45 3.52
CA ARG A 34 -3.63 -0.80 4.11
C ARG A 34 -4.83 -1.67 4.26
N HIS A 35 -4.59 -2.95 4.49
CA HIS A 35 -5.69 -3.86 4.83
C HIS A 35 -6.66 -4.05 3.68
N SER A 36 -6.17 -3.94 2.44
CA SER A 36 -6.99 -4.33 1.25
C SER A 36 -7.22 -5.83 1.19
N SER A 37 -8.22 -6.19 0.41
CA SER A 37 -8.42 -7.58 0.04
C SER A 37 -7.19 -8.19 -0.62
N LEU A 38 -6.31 -7.41 -1.28
CA LEU A 38 -5.18 -7.97 -1.94
C LEU A 38 -4.23 -8.69 -0.97
N SER A 39 -4.01 -8.11 0.22
CA SER A 39 -3.08 -8.62 1.19
C SER A 39 -3.64 -9.73 2.08
N ASP A 40 -4.96 -9.92 2.05
CA ASP A 40 -5.65 -10.82 2.95
C ASP A 40 -5.72 -12.19 2.36
N PRO A 41 -5.19 -13.22 3.05
CA PRO A 41 -5.26 -14.57 2.51
C PRO A 41 -6.62 -15.21 2.66
N MET A 42 -7.48 -14.72 3.52
CA MET A 42 -8.80 -15.33 3.75
C MET A 42 -9.72 -14.84 2.62
N GLY A 43 -10.70 -15.67 2.30
CA GLY A 43 -11.68 -15.22 1.28
C GLY A 43 -12.48 -13.99 1.65
N LYS A 44 -13.05 -13.33 0.66
CA LYS A 44 -13.87 -12.13 0.83
C LYS A 44 -14.97 -12.30 1.92
N ASP A 45 -15.53 -13.50 1.97
CA ASP A 45 -16.62 -13.75 2.90
C ASP A 45 -16.19 -14.41 4.25
N PHE A 46 -14.89 -14.51 4.54
CA PHE A 46 -14.46 -15.13 5.81
C PHE A 46 -14.91 -14.21 6.95
N ASN A 47 -15.53 -14.77 7.95
CA ASN A 47 -16.03 -14.01 9.10
C ASN A 47 -15.40 -14.67 10.36
N TYR A 48 -14.49 -13.95 11.02
CA TYR A 48 -13.75 -14.56 12.14
C TYR A 48 -14.62 -14.93 13.32
N ALA A 49 -15.58 -14.06 13.64
CA ALA A 49 -16.61 -14.34 14.73
C ALA A 49 -17.31 -15.65 14.61
N GLN A 50 -17.73 -15.93 13.39
CA GLN A 50 -18.34 -17.24 13.03
C GLN A 50 -17.42 -18.42 13.29
N ALA A 51 -16.16 -18.26 12.94
CA ALA A 51 -15.18 -19.32 13.12
C ALA A 51 -14.89 -19.52 14.60
N PHE A 52 -14.66 -18.41 15.29
CA PHE A 52 -14.34 -18.52 16.72
C PHE A 52 -15.51 -19.09 17.53
N GLU A 53 -16.73 -18.77 17.15
CA GLU A 53 -17.88 -19.22 17.92
C GLU A 53 -17.99 -20.77 17.91
N LYS A 54 -17.45 -21.47 16.89
CA LYS A 54 -17.33 -22.91 16.95
C LYS A 54 -16.02 -23.47 17.48
N LEU A 55 -15.04 -22.64 17.78
CA LEU A 55 -13.85 -23.13 18.44
C LEU A 55 -14.21 -23.86 19.73
N ASP A 56 -13.61 -25.00 19.96
CA ASP A 56 -13.67 -25.62 21.32
C ASP A 56 -12.65 -24.96 22.22
N LEU A 57 -13.07 -23.88 22.87
CA LEU A 57 -12.19 -23.08 23.72
C LEU A 57 -11.57 -23.89 24.87
N ALA A 58 -12.37 -24.76 25.50
CA ALA A 58 -11.87 -25.63 26.58
C ALA A 58 -10.69 -26.54 26.06
N ALA A 59 -10.79 -27.10 24.84
CA ALA A 59 -9.73 -27.90 24.30
C ALA A 59 -8.45 -27.10 24.02
N VAL A 60 -8.58 -25.87 23.53
CA VAL A 60 -7.44 -25.01 23.32
C VAL A 60 -6.75 -24.79 24.70
N LYS A 61 -7.55 -24.44 25.70
CA LYS A 61 -7.00 -24.12 27.05
C LYS A 61 -6.31 -25.35 27.68
N ARG A 62 -6.80 -26.57 27.41
CA ARG A 62 -6.12 -27.75 27.86
C ARG A 62 -4.78 -27.91 27.21
N ASP A 63 -4.69 -27.61 25.90
CA ASP A 63 -3.42 -27.74 25.17
C ASP A 63 -2.42 -26.69 25.66
N LEU A 64 -2.92 -25.52 26.03
CA LEU A 64 -2.09 -24.42 26.55
C LEU A 64 -1.57 -24.76 27.94
N HIS A 65 -2.42 -25.37 28.75
CA HIS A 65 -2.03 -25.88 30.05
C HIS A 65 -0.88 -26.86 29.94
N ALA A 66 -1.00 -27.82 29.04
CA ALA A 66 0.06 -28.81 28.86
C ALA A 66 1.35 -28.19 28.39
N LEU A 67 1.24 -27.25 27.48
CA LEU A 67 2.37 -26.55 26.97
C LEU A 67 3.20 -25.85 28.05
N MET A 68 2.55 -25.32 29.10
CA MET A 68 3.27 -24.52 30.06
C MET A 68 4.51 -25.27 30.66
N THR A 69 4.40 -26.56 30.80
CA THR A 69 5.42 -27.34 31.47
C THR A 69 6.09 -28.30 30.47
N THR A 70 6.04 -27.96 29.17
CA THR A 70 6.64 -28.91 28.12
C THR A 70 7.75 -28.16 27.50
N SER A 71 8.93 -28.34 28.05
CA SER A 71 10.08 -27.53 27.63
C SER A 71 10.66 -27.91 26.27
N GLN A 72 10.94 -26.95 25.39
CA GLN A 72 11.66 -27.21 24.14
C GLN A 72 13.16 -26.86 24.32
N ASP A 73 14.05 -27.69 23.80
CA ASP A 73 15.50 -27.49 24.02
C ASP A 73 16.08 -26.28 23.40
N TRP A 74 15.45 -25.78 22.34
CA TRP A 74 15.93 -24.57 21.68
C TRP A 74 15.61 -23.28 22.52
N TRP A 75 14.75 -23.40 23.55
CA TRP A 75 14.45 -22.29 24.48
C TRP A 75 13.91 -22.89 25.79
N PRO A 76 14.79 -23.49 26.58
CA PRO A 76 14.32 -24.23 27.71
C PRO A 76 13.56 -23.37 28.74
N ALA A 77 12.56 -23.98 29.36
CA ALA A 77 11.68 -23.26 30.28
C ALA A 77 12.31 -23.03 31.63
N ASP A 78 12.32 -21.78 32.06
CA ASP A 78 12.77 -21.43 33.40
C ASP A 78 11.98 -22.14 34.44
N PHE A 79 12.63 -22.79 35.43
CA PHE A 79 11.87 -23.49 36.45
C PHE A 79 10.96 -24.56 35.92
N GLY A 80 11.24 -25.06 34.72
CA GLY A 80 10.34 -25.93 34.02
C GLY A 80 9.00 -25.36 33.58
N HIS A 81 8.76 -24.06 33.65
CA HIS A 81 7.40 -23.48 33.45
C HIS A 81 7.53 -22.18 32.59
N TYR A 82 6.88 -22.17 31.46
CA TYR A 82 6.84 -20.99 30.53
C TYR A 82 5.87 -19.87 30.90
N GLY A 83 5.16 -20.03 32.01
CA GLY A 83 4.11 -19.17 32.48
C GLY A 83 4.52 -17.71 32.54
N GLY A 84 5.63 -17.46 33.22
CA GLY A 84 6.12 -16.06 33.24
C GLY A 84 6.41 -15.48 31.89
N LEU A 85 7.08 -16.26 31.01
CA LEU A 85 7.42 -15.77 29.67
C LEU A 85 6.11 -15.37 28.90
N PHE A 86 5.07 -16.21 29.06
CA PHE A 86 3.85 -15.93 28.38
C PHE A 86 3.05 -14.76 28.97
N ILE A 87 3.14 -14.57 30.27
CA ILE A 87 2.51 -13.38 30.88
C ILE A 87 3.16 -12.15 30.27
N ARG A 88 4.50 -12.12 30.21
CA ARG A 88 5.19 -11.04 29.60
C ARG A 88 4.80 -10.73 28.18
N MET A 89 4.68 -11.81 27.39
CA MET A 89 4.26 -11.74 26.06
C MET A 89 2.94 -11.05 25.93
N ALA A 90 1.93 -11.52 26.68
CA ALA A 90 0.55 -10.96 26.58
C ALA A 90 0.50 -9.50 27.06
N TRP A 91 1.18 -9.22 28.16
CA TRP A 91 1.40 -7.83 28.66
C TRP A 91 1.97 -6.91 27.57
N HIS A 92 3.01 -7.37 26.87
CA HIS A 92 3.62 -6.60 25.77
C HIS A 92 2.70 -6.42 24.56
N SER A 93 1.94 -7.46 24.24
CA SER A 93 0.92 -7.41 23.18
C SER A 93 -0.07 -6.29 23.50
N ALA A 94 -0.55 -6.28 24.70
CA ALA A 94 -1.46 -5.20 25.13
C ALA A 94 -0.84 -3.83 25.46
N GLY A 95 0.42 -3.83 25.82
CA GLY A 95 1.04 -2.65 26.48
C GLY A 95 1.60 -1.62 25.54
N THR A 96 1.37 -1.78 24.24
CA THR A 96 1.68 -0.68 23.28
C THR A 96 0.62 0.41 23.15
N TYR A 97 -0.52 0.15 23.75
CA TYR A 97 -1.74 0.98 23.65
C TYR A 97 -1.52 2.42 24.17
N ARG A 98 -2.00 3.42 23.44
CA ARG A 98 -1.96 4.86 23.85
C ARG A 98 -3.39 5.32 23.81
N THR A 99 -3.83 6.04 24.84
CA THR A 99 -5.18 6.54 24.89
CA THR A 99 -5.18 6.53 24.89
C THR A 99 -5.34 7.74 23.94
N ALA A 100 -4.23 8.45 23.64
CA ALA A 100 -4.27 9.66 22.83
C ALA A 100 -4.95 9.44 21.46
N ASP A 101 -4.61 8.31 20.79
CA ASP A 101 -5.21 7.96 19.51
C ASP A 101 -5.83 6.59 19.42
N GLY A 102 -5.72 5.77 20.50
CA GLY A 102 -6.21 4.40 20.47
C GLY A 102 -5.32 3.41 19.74
N ARG A 103 -4.20 3.87 19.18
CA ARG A 103 -3.34 3.01 18.46
C ARG A 103 -2.51 2.11 19.42
N GLY A 104 -1.93 1.07 18.84
CA GLY A 104 -1.42 -0.06 19.59
C GLY A 104 -2.48 -0.86 20.31
N GLY A 105 -2.02 -1.63 21.30
CA GLY A 105 -2.86 -2.60 21.96
C GLY A 105 -2.76 -4.00 21.30
N ALA A 106 -3.41 -4.96 21.95
CA ALA A 106 -3.42 -6.36 21.55
C ALA A 106 -4.37 -6.75 20.42
N GLY A 107 -5.34 -5.87 20.08
CA GLY A 107 -6.57 -6.21 19.30
C GLY A 107 -6.31 -6.62 17.88
N GLU A 108 -5.11 -6.34 17.38
CA GLU A 108 -4.80 -6.76 16.01
C GLU A 108 -3.65 -7.76 15.85
N GLY A 109 -3.11 -8.25 16.96
CA GLY A 109 -1.93 -9.13 16.90
C GLY A 109 -0.69 -8.61 16.17
N GLN A 110 -0.51 -7.30 16.29
CA GLN A 110 0.60 -6.59 15.66
C GLN A 110 1.99 -6.93 16.17
N GLN A 111 2.08 -7.64 17.31
CA GLN A 111 3.37 -8.05 17.82
C GLN A 111 4.10 -9.03 16.87
N ARG A 112 3.41 -9.69 15.96
CA ARG A 112 4.08 -10.62 15.02
C ARG A 112 4.56 -9.96 13.75
N PHE A 113 4.32 -8.65 13.63
CA PHE A 113 4.79 -7.88 12.45
C PHE A 113 5.82 -6.83 12.88
N ALA A 114 6.51 -6.25 11.88
CA ALA A 114 7.39 -5.09 12.07
C ALA A 114 6.59 -3.85 12.41
N PRO A 115 7.11 -2.93 13.26
CA PRO A 115 8.38 -3.05 14.01
C PRO A 115 8.31 -3.80 15.35
N LEU A 116 7.11 -4.03 15.89
CA LEU A 116 6.99 -4.56 17.20
C LEU A 116 7.66 -5.88 17.43
N ASN A 117 7.64 -6.76 16.40
CA ASN A 117 8.28 -8.03 16.55
C ASN A 117 9.80 -7.94 16.86
N SER A 118 10.39 -6.78 16.63
CA SER A 118 11.83 -6.55 16.71
C SER A 118 12.20 -5.38 17.68
N TRP A 119 11.24 -4.80 18.39
CA TRP A 119 11.55 -3.84 19.45
C TRP A 119 12.41 -4.52 20.51
N PRO A 120 13.35 -3.77 21.05
CA PRO A 120 14.21 -4.38 22.08
C PRO A 120 13.47 -4.88 23.27
N ASP A 121 12.43 -4.17 23.73
CA ASP A 121 11.62 -4.69 24.85
C ASP A 121 10.83 -5.92 24.50
N ASN A 122 10.73 -6.31 23.24
CA ASN A 122 10.11 -7.61 22.88
C ASN A 122 11.12 -8.73 22.59
N ALA A 123 12.38 -8.54 22.97
CA ALA A 123 13.42 -9.52 22.84
C ALA A 123 13.02 -10.85 23.46
N ASN A 124 13.14 -11.92 22.66
CA ASN A 124 12.80 -13.24 23.03
C ASN A 124 11.32 -13.56 23.21
N LEU A 125 10.46 -12.60 22.95
CA LEU A 125 9.05 -12.92 22.71
C LEU A 125 8.84 -13.64 21.38
N ASP A 126 9.81 -13.53 20.49
CA ASP A 126 9.81 -14.39 19.30
C ASP A 126 9.84 -15.87 19.59
N LYS A 127 10.53 -16.25 20.67
CA LYS A 127 10.54 -17.62 21.12
C LYS A 127 9.19 -18.02 21.65
N ALA A 128 8.60 -17.16 22.46
CA ALA A 128 7.27 -17.44 22.98
C ALA A 128 6.23 -17.66 21.86
N ARG A 129 6.25 -16.82 20.83
CA ARG A 129 5.28 -16.95 19.77
C ARG A 129 5.49 -18.27 19.03
N ARG A 130 6.76 -18.66 18.80
CA ARG A 130 7.05 -19.90 18.09
C ARG A 130 6.62 -21.14 18.91
N LEU A 131 6.71 -21.06 20.23
CA LEU A 131 6.24 -22.14 21.12
C LEU A 131 4.74 -22.39 20.94
N LEU A 132 4.06 -21.31 20.49
CA LEU A 132 2.61 -21.38 20.17
C LEU A 132 2.22 -21.87 18.78
N TRP A 133 3.15 -22.11 17.86
CA TRP A 133 2.79 -22.45 16.50
C TRP A 133 2.02 -23.78 16.42
N PRO A 134 2.48 -24.82 17.16
CA PRO A 134 1.75 -26.10 17.14
C PRO A 134 0.25 -25.96 17.47
N ILE A 135 -0.06 -25.19 18.51
CA ILE A 135 -1.47 -24.88 18.86
C ILE A 135 -2.20 -24.05 17.77
N LYS A 136 -1.57 -22.97 17.32
CA LYS A 136 -2.12 -22.18 16.21
C LYS A 136 -2.42 -23.08 15.00
N GLN A 137 -1.45 -23.87 14.59
CA GLN A 137 -1.57 -24.83 13.53
C GLN A 137 -2.77 -25.79 13.71
N LYS A 138 -2.88 -26.38 14.92
CA LYS A 138 -3.88 -27.31 15.18
C LYS A 138 -5.36 -26.74 15.01
N TYR A 139 -5.62 -25.51 15.52
CA TYR A 139 -6.93 -24.95 15.50
C TYR A 139 -7.17 -24.02 14.29
N GLY A 140 -6.13 -23.66 13.59
CA GLY A 140 -6.30 -22.94 12.35
C GLY A 140 -7.02 -21.63 12.49
N ARG A 141 -7.89 -21.36 11.49
CA ARG A 141 -8.52 -20.07 11.44
C ARG A 141 -9.53 -19.83 12.56
N ALA A 142 -9.87 -20.88 13.30
CA ALA A 142 -10.88 -20.73 14.42
C ALA A 142 -10.31 -19.95 15.61
N ILE A 143 -8.97 -19.76 15.70
CA ILE A 143 -8.44 -18.90 16.70
C ILE A 143 -7.32 -18.03 16.11
N SER A 144 -7.51 -16.74 16.19
CA SER A 144 -6.57 -15.76 15.63
C SER A 144 -5.30 -15.77 16.51
N TRP A 145 -4.19 -15.35 15.97
CA TRP A 145 -3.04 -15.10 16.76
C TRP A 145 -3.36 -14.03 17.82
N ALA A 146 -4.05 -13.00 17.41
CA ALA A 146 -4.35 -11.92 18.38
C ALA A 146 -5.08 -12.42 19.63
N ASP A 147 -6.07 -13.28 19.46
CA ASP A 147 -6.75 -13.88 20.55
C ASP A 147 -5.85 -14.88 21.30
N LEU A 148 -5.02 -15.64 20.58
CA LEU A 148 -4.22 -16.64 21.19
C LEU A 148 -3.18 -16.06 22.10
N LEU A 149 -2.55 -15.00 21.68
CA LEU A 149 -1.59 -14.24 22.62
C LEU A 149 -2.20 -13.92 23.96
N ILE A 150 -3.40 -13.40 23.98
CA ILE A 150 -4.03 -13.07 25.26
C ILE A 150 -4.49 -14.29 26.00
N LEU A 151 -5.10 -15.24 25.27
CA LEU A 151 -5.57 -16.47 25.94
C LEU A 151 -4.43 -17.20 26.66
N THR A 152 -3.25 -17.17 26.05
CA THR A 152 -2.07 -17.84 26.62
C THR A 152 -1.65 -17.21 27.89
N GLY A 153 -1.64 -15.89 27.93
CA GLY A 153 -1.39 -15.17 29.21
C GLY A 153 -2.37 -15.62 30.26
N ASN A 154 -3.67 -15.73 29.90
CA ASN A 154 -4.68 -16.11 30.85
C ASN A 154 -4.44 -17.50 31.36
N VAL A 155 -4.10 -18.46 30.47
CA VAL A 155 -3.92 -19.81 30.92
C VAL A 155 -2.66 -19.91 31.75
N ALA A 156 -1.66 -19.10 31.49
CA ALA A 156 -0.48 -19.06 32.33
C ALA A 156 -0.84 -18.74 33.72
N LEU A 157 -1.54 -17.61 33.89
CA LEU A 157 -1.98 -17.19 35.20
C LEU A 157 -2.82 -18.25 35.91
N GLU A 158 -3.79 -18.82 35.17
CA GLU A 158 -4.63 -19.91 35.71
C GLU A 158 -3.84 -21.18 36.16
N SER A 159 -2.87 -21.61 35.34
CA SER A 159 -2.07 -22.78 35.59
C SER A 159 -1.32 -22.61 36.88
N MET A 160 -0.90 -21.38 37.16
CA MET A 160 -0.17 -21.01 38.39
C MET A 160 -1.00 -20.57 39.57
N GLY A 161 -2.30 -20.73 39.50
CA GLY A 161 -3.11 -20.55 40.70
C GLY A 161 -3.80 -19.20 40.85
N PHE A 162 -3.84 -18.40 39.78
CA PHE A 162 -4.46 -17.11 39.80
C PHE A 162 -5.80 -17.19 39.09
N LYS A 163 -6.86 -16.78 39.77
CA LYS A 163 -8.16 -16.62 39.15
C LYS A 163 -8.32 -15.35 38.30
N THR A 164 -8.52 -15.50 37.00
CA THR A 164 -8.70 -14.34 36.14
C THR A 164 -10.15 -13.91 36.15
N PHE A 165 -10.40 -12.71 35.64
CA PHE A 165 -11.68 -12.05 35.66
C PHE A 165 -12.47 -12.51 34.48
N GLY A 166 -11.86 -13.21 33.50
CA GLY A 166 -12.60 -13.55 32.28
C GLY A 166 -11.77 -13.37 30.99
N PHE A 167 -12.39 -13.73 29.88
CA PHE A 167 -11.75 -13.60 28.53
C PHE A 167 -12.82 -13.46 27.48
N ALA A 168 -12.60 -12.56 26.52
CA ALA A 168 -13.40 -12.40 25.34
C ALA A 168 -12.54 -12.70 24.10
N GLY A 169 -13.02 -13.59 23.20
CA GLY A 169 -12.45 -13.65 21.87
C GLY A 169 -13.12 -12.57 20.97
N GLY A 170 -12.63 -12.54 19.73
CA GLY A 170 -13.09 -11.67 18.66
C GLY A 170 -12.07 -10.76 18.05
N ARG A 171 -10.77 -10.85 18.42
CA ARG A 171 -9.76 -10.04 17.78
C ARG A 171 -9.37 -10.71 16.42
N ALA A 172 -9.85 -10.18 15.29
CA ALA A 172 -9.49 -10.78 14.02
C ALA A 172 -8.02 -10.48 13.70
N ASP A 173 -7.31 -11.45 13.09
CA ASP A 173 -5.95 -11.20 12.64
C ASP A 173 -5.86 -10.12 11.57
N THR A 174 -4.74 -9.43 11.50
CA THR A 174 -4.46 -8.48 10.40
C THR A 174 -3.26 -9.10 9.65
N TRP A 175 -2.93 -8.55 8.49
CA TRP A 175 -1.95 -9.19 7.57
C TRP A 175 -0.81 -8.29 7.13
N GLU A 176 -0.74 -7.08 7.71
CA GLU A 176 0.39 -6.24 7.53
C GLU A 176 0.53 -5.21 8.67
N PRO A 177 1.69 -4.58 8.73
CA PRO A 177 1.90 -3.63 9.78
C PRO A 177 1.01 -2.47 9.70
N GLU A 178 0.53 -2.05 10.87
CA GLU A 178 -0.13 -0.75 10.99
C GLU A 178 0.86 0.38 10.90
N ASP A 179 0.40 1.52 10.40
CA ASP A 179 1.26 2.71 10.30
C ASP A 179 1.04 3.52 11.59
N VAL A 180 2.02 3.48 12.49
CA VAL A 180 1.85 4.15 13.75
C VAL A 180 3.02 5.02 13.99
N TYR A 181 2.80 6.17 14.58
CA TYR A 181 3.89 7.04 14.94
C TYR A 181 4.40 6.63 16.33
N TRP A 182 5.57 5.96 16.34
CA TRP A 182 6.18 5.48 17.58
C TRP A 182 7.28 6.45 18.16
N GLY A 183 7.47 7.59 17.46
CA GLY A 183 8.52 8.56 17.78
C GLY A 183 9.45 8.86 16.58
N SER A 184 10.36 9.81 16.77
CA SER A 184 11.21 10.30 15.65
C SER A 184 12.66 9.92 15.81
N GLU A 185 13.01 9.23 16.92
CA GLU A 185 14.35 8.80 17.15
C GLU A 185 14.77 7.82 16.08
N LYS A 186 16.06 7.89 15.71
CA LYS A 186 16.64 7.01 14.68
C LYS A 186 17.54 5.98 15.30
N ILE A 187 17.55 5.89 16.63
CA ILE A 187 18.48 5.06 17.41
C ILE A 187 17.62 4.27 18.41
N TRP A 188 17.68 2.93 18.37
CA TRP A 188 16.92 2.13 19.34
C TRP A 188 17.26 2.59 20.77
N LEU A 189 16.23 2.81 21.59
CA LEU A 189 16.44 3.07 23.02
C LEU A 189 17.23 4.39 23.33
N GLU A 190 17.23 5.33 22.41
CA GLU A 190 18.03 6.55 22.58
C GLU A 190 17.60 7.31 23.85
N LEU A 191 18.58 7.74 24.63
CA LEU A 191 18.29 8.51 25.82
C LEU A 191 17.68 9.88 25.43
N SER A 192 16.92 10.47 26.38
CA SER A 192 16.19 11.71 26.06
C SER A 192 17.16 12.86 25.82
N GLY A 193 16.71 13.89 25.14
CA GLY A 193 17.52 15.11 24.89
C GLY A 193 18.37 15.12 23.61
N GLY A 194 18.21 14.10 22.78
CA GLY A 194 18.92 14.03 21.47
C GLY A 194 18.19 14.95 20.47
N PRO A 195 18.65 15.00 19.24
CA PRO A 195 17.96 15.84 18.23
C PRO A 195 16.49 15.46 17.94
N ASN A 196 16.07 14.23 18.29
CA ASN A 196 14.68 13.77 18.08
C ASN A 196 14.02 13.45 19.42
N SER A 197 14.37 14.25 20.42
CA SER A 197 13.90 14.00 21.77
C SER A 197 12.39 13.94 21.80
N ARG A 198 11.84 12.87 22.39
CA ARG A 198 10.39 12.86 22.69
C ARG A 198 10.00 13.70 23.96
N TYR A 199 11.00 14.28 24.65
CA TYR A 199 10.77 15.12 25.85
C TYR A 199 11.13 16.57 25.55
N SER A 200 10.38 17.44 26.21
CA SER A 200 10.73 18.85 26.30
C SER A 200 10.19 19.42 27.60
N GLY A 201 10.47 20.69 27.89
CA GLY A 201 9.97 21.34 29.11
C GLY A 201 10.39 20.55 30.35
N ASP A 202 9.50 20.47 31.33
CA ASP A 202 9.83 19.74 32.59
C ASP A 202 9.41 18.25 32.45
N ARG A 203 10.26 17.50 31.76
CA ARG A 203 10.02 16.09 31.37
C ARG A 203 8.57 15.85 30.88
N GLN A 204 8.15 16.63 29.87
CA GLN A 204 6.84 16.48 29.21
C GLN A 204 7.03 15.58 27.96
N LEU A 205 6.31 14.49 27.94
CA LEU A 205 6.39 13.54 26.82
C LEU A 205 5.47 14.02 25.70
N GLU A 206 5.95 14.05 24.46
CA GLU A 206 5.08 14.46 23.30
C GLU A 206 3.90 13.49 23.06
N ASN A 207 2.72 14.04 22.86
CA ASN A 207 1.58 13.24 22.36
C ASN A 207 1.86 12.86 20.94
N PRO A 208 1.46 11.67 20.50
CA PRO A 208 0.61 10.75 21.24
C PRO A 208 1.44 9.65 21.99
N LEU A 209 2.71 9.90 22.30
CA LEU A 209 3.58 8.80 22.74
C LEU A 209 3.31 8.41 24.18
N ALA A 210 3.58 7.17 24.52
CA ALA A 210 3.32 6.64 25.85
C ALA A 210 4.42 5.78 26.41
N ALA A 211 5.64 6.05 25.96
CA ALA A 211 6.81 5.33 26.40
C ALA A 211 7.98 6.30 26.41
N VAL A 212 8.96 6.03 27.28
CA VAL A 212 10.07 7.00 27.62
C VAL A 212 11.26 6.94 26.64
N GLN A 213 11.36 5.84 25.88
CA GLN A 213 12.41 5.66 24.89
C GLN A 213 11.86 4.75 23.76
N MET A 214 12.44 4.92 22.58
CA MET A 214 12.04 4.20 21.33
C MET A 214 12.37 2.74 21.50
N GLY A 215 11.34 1.95 21.55
CA GLY A 215 11.46 0.48 21.54
C GLY A 215 11.18 -0.09 22.93
N LEU A 216 10.83 0.77 23.93
CA LEU A 216 10.37 0.28 25.22
C LEU A 216 8.79 0.33 25.21
N ILE A 217 8.18 -0.52 26.07
CA ILE A 217 6.73 -0.62 26.32
C ILE A 217 6.28 0.58 27.17
N TYR A 218 6.82 0.75 28.36
CA TYR A 218 6.53 2.01 29.12
C TYR A 218 7.78 2.75 29.55
N VAL A 219 8.52 2.20 30.51
CA VAL A 219 9.63 2.90 31.18
C VAL A 219 10.94 2.09 31.17
N ASN A 220 12.01 2.75 31.64
CA ASN A 220 13.32 2.11 31.73
C ASN A 220 13.42 1.41 33.08
N PRO A 221 13.62 0.09 33.08
CA PRO A 221 13.65 -0.64 34.40
C PRO A 221 14.82 -0.26 35.31
N GLU A 222 15.88 0.32 34.77
CA GLU A 222 16.96 0.82 35.57
C GLU A 222 16.67 2.16 36.19
N GLY A 223 15.70 2.90 35.65
CA GLY A 223 15.35 4.23 36.10
C GLY A 223 15.40 5.23 34.92
N PRO A 224 14.92 6.45 35.13
CA PRO A 224 14.90 7.49 34.05
C PRO A 224 16.25 7.78 33.38
N ASP A 225 16.30 7.45 32.10
CA ASP A 225 17.48 7.50 31.27
C ASP A 225 18.65 6.72 31.90
N GLY A 226 18.36 5.67 32.69
CA GLY A 226 19.34 4.84 33.34
C GLY A 226 19.76 5.25 34.74
N ASN A 227 19.16 6.29 35.33
CA ASN A 227 19.52 6.77 36.69
C ASN A 227 18.68 6.00 37.74
N PRO A 228 19.33 5.13 38.54
CA PRO A 228 18.55 4.25 39.44
C PRO A 228 18.02 4.97 40.68
N ASP A 229 17.03 5.81 40.46
CA ASP A 229 16.34 6.51 41.51
C ASP A 229 14.89 6.08 41.48
N PRO A 230 14.47 5.25 42.43
CA PRO A 230 13.10 4.75 42.47
C PRO A 230 12.03 5.85 42.54
N VAL A 231 12.32 6.94 43.28
CA VAL A 231 11.42 8.05 43.38
C VAL A 231 11.14 8.75 42.02
N ALA A 232 12.20 9.06 41.24
CA ALA A 232 12.03 9.73 39.97
C ALA A 232 11.50 8.69 38.93
N ALA A 233 11.86 7.43 39.10
CA ALA A 233 11.32 6.40 38.21
C ALA A 233 9.80 6.38 38.32
N ALA A 234 9.29 6.51 39.54
CA ALA A 234 7.83 6.54 39.75
C ALA A 234 7.08 7.62 38.94
N ARG A 235 7.73 8.77 38.71
CA ARG A 235 7.12 9.81 37.90
CA ARG A 235 7.10 9.80 37.92
C ARG A 235 6.86 9.31 36.48
N ASP A 236 7.86 8.63 35.94
CA ASP A 236 7.75 8.03 34.57
C ASP A 236 6.69 6.96 34.43
N ILE A 237 6.63 6.11 35.45
CA ILE A 237 5.67 5.05 35.57
C ILE A 237 4.28 5.67 35.56
N ARG A 238 4.06 6.66 36.40
CA ARG A 238 2.74 7.22 36.48
C ARG A 238 2.31 7.86 35.15
N ASP A 239 3.20 8.62 34.56
CA ASP A 239 2.88 9.34 33.33
C ASP A 239 2.56 8.34 32.19
N THR A 240 3.44 7.36 31.98
CA THR A 240 3.24 6.42 30.87
C THR A 240 2.00 5.54 31.09
N PHE A 241 1.84 5.05 32.32
CA PHE A 241 0.63 4.26 32.61
C PHE A 241 -0.67 5.06 32.42
N ALA A 242 -0.68 6.36 32.78
CA ALA A 242 -1.87 7.17 32.60
C ALA A 242 -2.17 7.32 31.11
N ARG A 243 -1.11 7.38 30.32
CA ARG A 243 -1.22 7.44 28.88
C ARG A 243 -1.61 6.15 28.22
N MET A 244 -1.62 5.04 28.99
CA MET A 244 -2.20 3.77 28.62
C MET A 244 -3.51 3.46 29.37
N ALA A 245 -4.15 4.51 29.91
CA ALA A 245 -5.45 4.44 30.58
C ALA A 245 -5.48 3.81 31.96
N MET A 246 -4.33 3.70 32.63
CA MET A 246 -4.33 3.10 33.97
C MET A 246 -4.04 4.16 35.06
N ASN A 247 -4.81 4.14 36.13
CA ASN A 247 -4.60 4.99 37.31
C ASN A 247 -3.55 4.32 38.32
N ASP A 248 -3.33 4.97 39.42
CA ASP A 248 -2.35 4.48 40.42
C ASP A 248 -2.66 3.07 40.93
N GLU A 249 -3.92 2.84 41.28
CA GLU A 249 -4.29 1.58 41.85
C GLU A 249 -4.05 0.46 40.82
N GLU A 250 -4.39 0.71 39.56
CA GLU A 250 -4.35 -0.31 38.56
C GLU A 250 -2.88 -0.58 38.21
N THR A 251 -2.05 0.45 38.30
CA THR A 251 -0.65 0.38 37.87
C THR A 251 0.10 -0.45 38.91
N VAL A 252 -0.14 -0.19 40.18
CA VAL A 252 0.47 -1.00 41.32
C VAL A 252 0.06 -2.45 41.17
N ALA A 253 -1.22 -2.66 40.91
CA ALA A 253 -1.72 -4.03 40.86
C ALA A 253 -1.07 -4.77 39.69
N LEU A 254 -0.98 -4.13 38.52
CA LEU A 254 -0.42 -4.73 37.33
C LEU A 254 1.07 -5.06 37.48
N ILE A 255 1.83 -4.12 38.04
CA ILE A 255 3.29 -4.31 38.09
C ILE A 255 3.66 -5.45 39.12
N ALA A 256 3.08 -5.31 40.30
CA ALA A 256 3.29 -6.32 41.41
C ALA A 256 2.71 -7.68 41.05
N GLY A 257 1.59 -7.66 40.32
CA GLY A 257 0.94 -8.89 39.87
C GLY A 257 1.83 -9.64 38.88
N GLY A 258 2.29 -8.93 37.88
CA GLY A 258 3.20 -9.47 36.87
C GLY A 258 4.48 -10.02 37.48
N HIS A 259 5.08 -9.21 38.35
CA HIS A 259 6.37 -9.54 38.93
C HIS A 259 6.29 -10.48 40.13
N THR A 260 5.08 -10.99 40.36
CA THR A 260 4.87 -12.19 41.16
C THR A 260 5.46 -13.45 40.44
N PHE A 261 5.56 -13.38 39.12
CA PHE A 261 5.97 -14.55 38.34
C PHE A 261 7.30 -14.46 37.63
N GLY A 262 7.95 -15.64 37.45
CA GLY A 262 9.11 -15.75 36.56
C GLY A 262 10.31 -14.92 37.00
N LYS A 263 11.08 -14.45 36.02
CA LYS A 263 12.36 -13.83 36.22
C LYS A 263 12.74 -13.03 34.98
N THR A 264 13.77 -12.23 35.19
CA THR A 264 14.40 -11.47 34.08
C THR A 264 15.63 -12.28 33.62
N HIS A 265 16.29 -11.81 32.59
CA HIS A 265 17.39 -12.54 31.93
C HIS A 265 18.53 -11.62 31.59
N GLY A 266 19.63 -11.75 32.31
CA GLY A 266 20.80 -10.97 32.09
C GLY A 266 22.10 -11.67 32.50
N ALA A 267 22.28 -12.90 32.00
CA ALA A 267 23.33 -13.79 32.49
C ALA A 267 24.77 -13.38 32.12
N GLY A 268 24.89 -12.56 31.07
CA GLY A 268 26.19 -12.08 30.59
C GLY A 268 26.00 -10.82 29.76
N PRO A 269 27.12 -10.26 29.26
CA PRO A 269 27.09 -8.95 28.57
C PRO A 269 26.21 -8.91 27.35
N ALA A 270 25.59 -7.79 27.17
CA ALA A 270 24.60 -7.64 26.13
C ALA A 270 25.19 -7.64 24.79
N SER A 271 26.44 -7.30 24.69
CA SER A 271 27.10 -7.35 23.38
C SER A 271 27.08 -8.76 22.76
N ASN A 272 26.90 -9.82 23.53
CA ASN A 272 26.70 -11.16 23.00
C ASN A 272 25.43 -11.36 22.16
N VAL A 273 24.44 -10.53 22.38
CA VAL A 273 23.15 -10.70 21.71
C VAL A 273 23.19 -10.08 20.30
N GLY A 274 22.89 -10.90 19.26
CA GLY A 274 22.87 -10.48 17.89
C GLY A 274 21.58 -9.86 17.35
N ALA A 275 21.44 -9.92 16.01
CA ALA A 275 20.46 -9.11 15.28
C ALA A 275 18.96 -9.42 15.69
N GLU A 276 18.20 -8.34 15.88
CA GLU A 276 16.78 -8.44 16.07
C GLU A 276 16.11 -9.16 14.85
N PRO A 277 14.87 -9.67 15.01
CA PRO A 277 14.35 -10.57 13.95
C PRO A 277 14.29 -9.97 12.55
N GLU A 278 13.83 -8.73 12.41
CA GLU A 278 13.75 -8.15 11.05
C GLU A 278 15.13 -7.96 10.44
N ALA A 279 16.22 -8.05 11.20
CA ALA A 279 17.54 -7.92 10.67
C ALA A 279 18.29 -9.23 10.55
N ALA A 280 17.77 -10.33 11.10
CA ALA A 280 18.53 -11.57 11.19
C ALA A 280 18.56 -12.27 9.81
N GLY A 281 19.52 -13.11 9.64
CA GLY A 281 19.63 -13.95 8.46
C GLY A 281 18.37 -14.73 8.18
N ILE A 282 18.27 -15.13 6.94
CA ILE A 282 17.12 -15.89 6.46
C ILE A 282 16.99 -17.26 7.15
N GLU A 283 18.13 -17.83 7.49
CA GLU A 283 18.17 -19.14 8.15
C GLU A 283 17.60 -19.12 9.55
N ALA A 284 17.57 -17.92 10.20
CA ALA A 284 16.96 -17.77 11.48
C ALA A 284 15.44 -18.06 11.48
N GLN A 285 14.85 -18.08 10.31
CA GLN A 285 13.43 -18.43 10.15
C GLN A 285 12.54 -17.66 11.15
N GLY A 286 12.73 -16.35 11.08
CA GLY A 286 11.87 -15.36 11.81
C GLY A 286 12.12 -15.15 13.28
N LEU A 287 13.19 -15.75 13.77
CA LEU A 287 13.64 -15.61 15.15
C LEU A 287 14.84 -14.67 15.17
N GLY A 288 15.09 -14.06 16.32
CA GLY A 288 16.30 -13.20 16.42
C GLY A 288 16.95 -13.21 17.80
N TRP A 289 17.79 -12.20 17.98
CA TRP A 289 18.55 -11.99 19.23
C TRP A 289 19.34 -13.25 19.60
N LYS A 290 19.90 -13.93 18.59
CA LYS A 290 20.75 -15.05 18.87
C LYS A 290 21.92 -14.61 19.74
N SER A 291 22.25 -15.38 20.78
CA SER A 291 23.29 -15.01 21.77
C SER A 291 24.52 -15.88 21.73
N ALA A 292 25.68 -15.23 21.79
CA ALA A 292 26.96 -15.95 21.84
C ALA A 292 27.38 -16.26 23.30
N TYR A 293 26.58 -15.93 24.27
CA TYR A 293 26.99 -16.12 25.66
C TYR A 293 26.65 -17.53 26.11
N ARG A 294 27.73 -18.32 26.28
CA ARG A 294 27.66 -19.71 26.68
C ARG A 294 26.66 -20.46 25.82
N THR A 295 25.64 -21.12 26.36
CA THR A 295 24.64 -21.78 25.52
C THR A 295 23.67 -20.85 24.77
N GLY A 296 23.52 -19.59 25.14
CA GLY A 296 22.69 -18.66 24.38
C GLY A 296 21.22 -18.71 24.78
N LYS A 297 20.93 -19.46 25.85
CA LYS A 297 19.55 -19.73 26.23
C LYS A 297 19.48 -20.34 27.67
N GLY A 298 18.26 -20.53 28.22
CA GLY A 298 18.08 -21.17 29.48
C GLY A 298 18.82 -20.41 30.58
N ALA A 299 19.62 -21.13 31.39
CA ALA A 299 20.45 -20.53 32.44
C ALA A 299 21.33 -19.45 31.92
N ASP A 300 21.66 -19.43 30.64
CA ASP A 300 22.54 -18.41 30.09
C ASP A 300 21.80 -17.30 29.29
N ALA A 301 20.47 -17.26 29.37
CA ALA A 301 19.69 -16.32 28.56
C ALA A 301 19.96 -14.87 28.88
N ILE A 302 19.96 -14.03 27.83
CA ILE A 302 20.00 -12.58 28.01
C ILE A 302 18.87 -11.94 27.21
N THR A 303 18.03 -11.16 27.90
CA THR A 303 16.92 -10.48 27.29
C THR A 303 16.96 -8.99 27.62
N SER A 304 16.75 -8.60 28.85
CA SER A 304 16.85 -7.17 29.22
C SER A 304 18.24 -6.83 29.69
N GLY A 305 19.06 -7.82 30.06
CA GLY A 305 20.33 -7.55 30.71
C GLY A 305 20.21 -7.39 32.24
N LEU A 306 19.02 -7.37 32.84
CA LEU A 306 18.88 -7.56 34.26
C LEU A 306 18.81 -9.00 34.71
N GLU A 307 19.19 -9.30 35.96
CA GLU A 307 19.10 -10.67 36.50
C GLU A 307 18.42 -10.62 37.86
N VAL A 308 17.08 -10.63 37.85
CA VAL A 308 16.25 -10.46 39.04
C VAL A 308 15.24 -11.62 39.05
N THR A 309 15.06 -12.27 40.20
CA THR A 309 13.94 -13.19 40.42
C THR A 309 13.22 -12.69 41.68
N TRP A 310 11.92 -12.40 41.57
CA TRP A 310 11.21 -11.68 42.60
C TRP A 310 10.76 -12.48 43.79
N THR A 311 10.31 -13.70 43.59
CA THR A 311 9.65 -14.47 44.68
C THR A 311 10.24 -15.81 44.92
N THR A 312 9.89 -16.38 46.09
CA THR A 312 10.37 -17.68 46.42
C THR A 312 9.65 -18.77 45.64
N THR A 313 8.48 -18.52 45.00
CA THR A 313 7.80 -19.52 44.18
C THR A 313 7.40 -18.87 42.80
N PRO A 314 8.38 -18.72 41.89
CA PRO A 314 8.18 -17.98 40.61
C PRO A 314 7.17 -18.66 39.68
N THR A 315 6.77 -19.88 40.00
CA THR A 315 5.72 -20.55 39.18
C THR A 315 4.39 -20.66 39.93
N GLN A 316 4.16 -19.86 40.97
CA GLN A 316 2.88 -19.97 41.68
C GLN A 316 2.49 -18.60 42.14
N TRP A 317 1.22 -18.26 41.99
CA TRP A 317 0.66 -17.07 42.62
C TRP A 317 0.94 -17.04 44.10
N SER A 318 1.25 -15.86 44.61
CA SER A 318 1.57 -15.64 46.02
C SER A 318 1.42 -14.18 46.32
N HIS A 319 1.66 -13.79 47.59
CA HIS A 319 1.78 -12.40 47.95
C HIS A 319 3.22 -12.14 48.38
N ASN A 320 4.16 -12.83 47.77
CA ASN A 320 5.55 -12.76 48.20
C ASN A 320 6.28 -11.56 47.58
N PHE A 321 5.79 -11.00 46.45
CA PHE A 321 6.37 -9.77 45.93
C PHE A 321 6.34 -8.65 46.99
N PHE A 322 5.17 -8.35 47.57
CA PHE A 322 5.06 -7.32 48.64
C PHE A 322 5.72 -7.73 49.94
N GLU A 323 5.69 -9.01 50.29
CA GLU A 323 6.37 -9.53 51.47
C GLU A 323 7.85 -9.16 51.36
N ASN A 324 8.44 -9.42 50.22
CA ASN A 324 9.84 -9.05 49.98
C ASN A 324 10.04 -7.59 49.95
N LEU A 325 9.20 -6.86 49.20
CA LEU A 325 9.40 -5.45 48.96
C LEU A 325 9.51 -4.67 50.26
N PHE A 326 8.58 -4.94 51.15
CA PHE A 326 8.48 -4.26 52.41
C PHE A 326 9.33 -4.95 53.50
N GLY A 327 9.66 -6.23 53.36
CA GLY A 327 10.25 -7.00 54.47
C GLY A 327 11.76 -6.92 54.52
N TYR A 328 12.39 -6.34 53.53
CA TYR A 328 13.83 -6.16 53.50
C TYR A 328 14.17 -4.72 53.20
N GLU A 329 15.41 -4.36 53.50
CA GLU A 329 16.03 -3.11 53.04
C GLU A 329 16.94 -3.40 51.84
N TRP A 330 16.99 -2.49 50.90
CA TRP A 330 17.52 -2.76 49.56
C TRP A 330 18.80 -2.00 49.30
N GLU A 331 19.69 -2.57 48.54
CA GLU A 331 21.01 -1.97 48.25
C GLU A 331 21.27 -2.12 46.78
N LEU A 332 21.91 -1.08 46.24
CA LEU A 332 22.15 -1.02 44.82
C LEU A 332 23.24 -2.02 44.42
N THR A 333 23.08 -2.69 43.29
CA THR A 333 24.11 -3.62 42.78
C THR A 333 24.07 -3.62 41.23
N LYS A 334 24.84 -4.51 40.59
CA LYS A 334 24.80 -4.68 39.14
C LYS A 334 24.62 -6.11 38.75
N SER A 335 23.93 -6.34 37.62
CA SER A 335 23.68 -7.64 37.10
C SER A 335 24.95 -8.09 36.41
N PRO A 336 25.01 -9.36 35.94
CA PRO A 336 26.19 -9.77 35.15
C PRO A 336 26.40 -9.06 33.83
N ALA A 337 25.43 -8.36 33.36
CA ALA A 337 25.56 -7.60 32.13
C ALA A 337 25.86 -6.21 32.45
N GLY A 338 25.94 -5.83 33.73
CA GLY A 338 26.28 -4.47 34.13
C GLY A 338 25.16 -3.52 34.41
N ALA A 339 23.91 -3.99 34.34
CA ALA A 339 22.73 -3.10 34.61
C ALA A 339 22.50 -2.88 36.07
N HIS A 340 21.92 -1.74 36.42
CA HIS A 340 21.60 -1.45 37.81
C HIS A 340 20.31 -2.20 38.26
N GLN A 341 20.38 -2.85 39.43
CA GLN A 341 19.30 -3.57 40.11
C GLN A 341 19.59 -3.60 41.59
N TRP A 342 18.71 -4.23 42.39
CA TRP A 342 18.74 -4.05 43.84
C TRP A 342 18.71 -5.47 44.48
N VAL A 343 19.44 -5.63 45.57
CA VAL A 343 19.46 -6.88 46.34
C VAL A 343 19.21 -6.59 47.81
N ALA A 344 18.63 -7.57 48.48
CA ALA A 344 18.37 -7.50 49.87
C ALA A 344 19.60 -8.21 50.53
N LYS A 345 20.68 -7.50 50.84
CA LYS A 345 21.87 -8.19 51.46
C LYS A 345 21.66 -8.99 52.81
N GLY A 346 20.80 -8.53 53.71
CA GLY A 346 20.70 -9.21 55.00
C GLY A 346 19.76 -10.39 54.99
N ALA A 347 19.47 -10.93 53.82
CA ALA A 347 18.48 -11.92 53.65
C ALA A 347 19.20 -13.23 53.40
N ASP A 348 18.51 -14.32 53.73
CA ASP A 348 18.99 -15.67 53.38
C ASP A 348 18.80 -15.84 51.89
N ALA A 349 19.43 -16.88 51.35
CA ALA A 349 19.27 -17.28 49.96
C ALA A 349 18.03 -18.12 49.89
N VAL A 350 16.90 -17.51 49.69
CA VAL A 350 15.60 -18.20 49.70
C VAL A 350 14.95 -18.34 48.31
N ILE A 351 15.48 -17.64 47.30
CA ILE A 351 14.88 -17.66 45.95
C ILE A 351 15.47 -18.79 45.11
N PRO A 352 14.63 -19.60 44.50
CA PRO A 352 15.21 -20.71 43.68
C PRO A 352 15.86 -20.32 42.38
N ASP A 353 16.80 -21.14 41.97
CA ASP A 353 17.48 -21.02 40.69
C ASP A 353 16.59 -21.62 39.65
N ALA A 354 16.63 -21.07 38.44
CA ALA A 354 15.78 -21.52 37.39
C ALA A 354 16.14 -22.92 36.80
N PHE A 355 17.40 -23.34 36.92
CA PHE A 355 17.86 -24.62 36.33
C PHE A 355 18.65 -25.55 37.29
N ASP A 356 19.27 -25.03 38.33
CA ASP A 356 20.13 -25.85 39.21
C ASP A 356 19.47 -26.01 40.55
N PRO A 357 18.97 -27.21 40.84
CA PRO A 357 18.24 -27.44 42.10
C PRO A 357 19.10 -27.16 43.30
N SER A 358 20.41 -27.17 43.18
CA SER A 358 21.20 -26.95 44.37
C SER A 358 21.63 -25.49 44.59
N LYS A 359 21.18 -24.51 43.75
CA LYS A 359 21.48 -23.13 44.02
C LYS A 359 20.23 -22.40 44.53
N LYS A 360 20.48 -21.46 45.42
CA LYS A 360 19.52 -20.46 45.81
C LYS A 360 20.13 -19.08 45.79
N HIS A 361 19.26 -18.05 45.85
CA HIS A 361 19.66 -16.68 45.63
C HIS A 361 18.95 -15.77 46.62
N ARG A 362 19.58 -14.65 46.87
CA ARG A 362 18.96 -13.61 47.61
C ARG A 362 17.83 -12.89 46.84
N PRO A 363 16.82 -12.38 47.59
CA PRO A 363 15.81 -11.59 46.88
C PRO A 363 16.44 -10.40 46.18
N THR A 364 15.86 -10.07 45.01
CA THR A 364 16.28 -8.96 44.18
C THR A 364 15.05 -8.18 43.67
N MET A 365 15.28 -6.94 43.28
CA MET A 365 14.23 -6.07 42.74
C MET A 365 14.83 -5.12 41.70
N LEU A 366 13.97 -4.73 40.77
CA LEU A 366 14.27 -3.59 39.89
C LEU A 366 14.05 -2.23 40.56
N THR A 367 14.73 -1.19 40.07
CA THR A 367 14.48 0.19 40.48
C THR A 367 12.95 0.55 40.41
N THR A 368 12.32 0.15 39.30
CA THR A 368 10.91 0.37 39.08
C THR A 368 9.99 -0.44 40.00
N ASP A 369 10.43 -1.59 40.47
CA ASP A 369 9.72 -2.31 41.60
C ASP A 369 9.78 -1.50 42.88
N LEU A 370 10.97 -0.92 43.17
CA LEU A 370 11.10 -0.14 44.43
C LEU A 370 10.30 1.16 44.40
N SER A 371 10.01 1.68 43.18
CA SER A 371 9.05 2.78 43.03
C SER A 371 7.71 2.58 43.74
N LEU A 372 7.27 1.33 43.78
CA LEU A 372 5.99 0.96 44.38
C LEU A 372 6.03 1.12 45.90
N ARG A 373 7.23 1.10 46.44
CA ARG A 373 7.38 1.39 47.87
C ARG A 373 7.80 2.83 48.21
N PHE A 374 8.66 3.45 47.41
CA PHE A 374 9.24 4.78 47.71
C PHE A 374 8.54 6.00 47.14
N ASP A 375 7.65 5.81 46.18
CA ASP A 375 6.71 6.90 45.78
C ASP A 375 5.63 6.96 46.86
N PRO A 376 5.36 8.12 47.44
CA PRO A 376 4.41 8.14 48.57
C PRO A 376 3.02 7.68 48.25
N ALA A 377 2.51 8.07 47.07
CA ALA A 377 1.19 7.60 46.67
C ALA A 377 1.13 6.12 46.41
N TYR A 378 2.15 5.60 45.73
CA TYR A 378 2.20 4.14 45.48
C TYR A 378 2.33 3.36 46.78
N GLU A 379 3.12 3.87 47.70
CA GLU A 379 3.35 3.17 48.97
C GLU A 379 2.04 2.85 49.69
N LYS A 380 1.11 3.79 49.67
CA LYS A 380 -0.21 3.63 50.35
C LYS A 380 -0.99 2.46 49.80
N ILE A 381 -1.00 2.42 48.48
CA ILE A 381 -1.67 1.30 47.75
C ILE A 381 -0.97 -0.06 47.95
N SER A 382 0.38 -0.07 47.75
CA SER A 382 1.19 -1.27 47.93
C SER A 382 1.03 -1.78 49.36
N ARG A 383 0.92 -0.89 50.34
CA ARG A 383 0.75 -1.33 51.71
C ARG A 383 -0.62 -1.93 51.95
N ARG A 384 -1.66 -1.38 51.33
CA ARG A 384 -2.95 -1.96 51.48
C ARG A 384 -3.01 -3.31 50.77
N PHE A 385 -2.31 -3.47 49.64
CA PHE A 385 -2.23 -4.78 48.96
C PHE A 385 -1.42 -5.83 49.74
N HIS A 386 -0.32 -5.40 50.31
CA HIS A 386 0.51 -6.22 51.19
C HIS A 386 -0.31 -6.81 52.34
N GLU A 387 -1.12 -5.97 52.98
CA GLU A 387 -1.87 -6.36 54.17
C GLU A 387 -3.13 -7.14 53.80
N ASN A 388 -3.65 -6.90 52.57
CA ASN A 388 -4.90 -7.47 52.15
C ASN A 388 -4.70 -8.11 50.76
N PRO A 389 -3.96 -9.21 50.64
CA PRO A 389 -3.68 -9.83 49.33
C PRO A 389 -4.92 -10.25 48.56
N GLU A 390 -6.06 -10.46 49.24
CA GLU A 390 -7.29 -10.66 48.51
C GLU A 390 -7.70 -9.40 47.66
N GLN A 391 -7.48 -8.22 48.21
CA GLN A 391 -7.76 -6.98 47.45
C GLN A 391 -6.76 -6.82 46.31
N PHE A 392 -5.50 -7.22 46.55
CA PHE A 392 -4.50 -7.22 45.45
C PHE A 392 -4.93 -8.17 44.29
N ALA A 393 -5.38 -9.37 44.64
CA ALA A 393 -5.77 -10.34 43.63
C ALA A 393 -6.94 -9.85 42.79
N ASP A 394 -7.93 -9.20 43.46
CA ASP A 394 -9.09 -8.69 42.75
C ASP A 394 -8.69 -7.52 41.82
N ALA A 395 -7.96 -6.56 42.38
CA ALA A 395 -7.45 -5.40 41.57
C ALA A 395 -6.66 -5.90 40.34
N PHE A 396 -5.80 -6.85 40.57
CA PHE A 396 -4.91 -7.32 39.49
C PHE A 396 -5.78 -8.00 38.43
N ALA A 397 -6.73 -8.82 38.83
CA ALA A 397 -7.58 -9.55 37.83
C ALA A 397 -8.39 -8.54 36.97
N ARG A 398 -8.89 -7.48 37.62
CA ARG A 398 -9.64 -6.46 36.91
C ARG A 398 -8.81 -5.66 35.96
N ALA A 399 -7.63 -5.34 36.41
CA ALA A 399 -6.74 -4.52 35.62
C ALA A 399 -6.16 -5.37 34.45
N TRP A 400 -5.83 -6.60 34.72
CA TRP A 400 -5.43 -7.56 33.62
C TRP A 400 -6.48 -7.69 32.53
N PHE A 401 -7.74 -7.77 32.93
CA PHE A 401 -8.83 -7.81 31.95
C PHE A 401 -8.88 -6.50 31.17
N LYS A 402 -8.81 -5.37 31.86
CA LYS A 402 -8.90 -4.09 31.23
C LYS A 402 -7.76 -3.89 30.20
N LEU A 403 -6.53 -4.18 30.65
CA LEU A 403 -5.30 -4.15 29.86
C LEU A 403 -5.46 -4.91 28.51
N THR A 404 -5.89 -6.14 28.64
CA THR A 404 -5.93 -7.02 27.49
C THR A 404 -7.20 -6.89 26.59
N HIS A 405 -8.20 -6.13 27.05
CA HIS A 405 -9.43 -5.89 26.31
C HIS A 405 -9.71 -4.44 25.94
N ARG A 406 -8.79 -3.52 26.30
CA ARG A 406 -9.07 -2.08 26.29
C ARG A 406 -9.43 -1.53 24.86
N ASP A 407 -8.87 -2.20 23.83
CA ASP A 407 -9.01 -1.82 22.46
C ASP A 407 -9.96 -2.70 21.65
N MET A 408 -10.80 -3.44 22.35
CA MET A 408 -11.69 -4.39 21.67
C MET A 408 -13.01 -3.77 21.21
N GLY A 409 -13.36 -2.60 21.69
CA GLY A 409 -14.56 -1.96 21.32
C GLY A 409 -15.77 -2.31 22.20
N PRO A 410 -16.96 -2.02 21.72
CA PRO A 410 -18.18 -2.32 22.43
C PRO A 410 -18.38 -3.77 22.80
N ARG A 411 -19.11 -4.03 23.90
CA ARG A 411 -19.16 -5.41 24.47
C ARG A 411 -19.83 -6.32 23.50
N ALA A 412 -20.60 -5.77 22.56
CA ALA A 412 -21.18 -6.52 21.50
C ALA A 412 -20.15 -7.32 20.66
N ARG A 413 -18.90 -6.86 20.58
CA ARG A 413 -17.85 -7.59 19.92
C ARG A 413 -17.28 -8.79 20.70
N TYR A 414 -17.58 -8.91 21.98
CA TYR A 414 -16.98 -9.94 22.84
C TYR A 414 -17.50 -11.29 22.61
N LEU A 415 -16.66 -12.26 22.31
CA LEU A 415 -17.17 -13.61 22.00
C LEU A 415 -16.76 -14.67 23.05
N GLY A 416 -17.49 -15.77 23.03
CA GLY A 416 -17.15 -16.96 23.80
C GLY A 416 -17.80 -17.14 25.15
N PRO A 417 -17.51 -18.27 25.81
CA PRO A 417 -18.11 -18.62 27.10
C PRO A 417 -17.48 -17.99 28.31
N GLU A 418 -16.41 -17.20 28.19
CA GLU A 418 -15.83 -16.63 29.39
C GLU A 418 -16.00 -15.14 29.57
N VAL A 419 -16.90 -14.54 28.83
CA VAL A 419 -16.98 -13.08 28.93
C VAL A 419 -17.52 -12.72 30.30
N PRO A 420 -16.87 -11.83 31.03
CA PRO A 420 -17.47 -11.35 32.25
C PRO A 420 -18.80 -10.67 32.11
N ALA A 421 -19.76 -11.08 32.93
CA ALA A 421 -21.04 -10.39 32.94
C ALA A 421 -21.02 -8.99 33.51
N GLU A 422 -20.10 -8.67 34.40
CA GLU A 422 -20.13 -7.35 35.00
C GLU A 422 -19.75 -6.31 33.91
N VAL A 423 -20.56 -5.26 33.80
CA VAL A 423 -20.35 -4.18 32.88
C VAL A 423 -19.51 -3.13 33.61
N LEU A 424 -18.36 -2.74 33.02
CA LEU A 424 -17.37 -1.85 33.65
C LEU A 424 -17.47 -0.45 33.03
N LEU A 425 -17.29 0.56 33.84
CA LEU A 425 -17.37 1.91 33.37
C LEU A 425 -16.40 2.22 32.21
N TRP A 426 -15.19 1.68 32.24
CA TRP A 426 -14.25 1.87 31.11
C TRP A 426 -14.74 1.43 29.77
N GLN A 427 -15.67 0.51 29.76
CA GLN A 427 -16.20 0.02 28.46
C GLN A 427 -17.18 1.03 27.78
N ASP A 428 -17.40 2.24 28.35
CA ASP A 428 -18.35 3.16 27.80
C ASP A 428 -19.69 2.47 27.49
N PRO A 429 -20.28 1.87 28.49
CA PRO A 429 -21.35 0.95 28.23
C PRO A 429 -22.66 1.56 27.72
N ILE A 430 -23.37 0.74 26.95
CA ILE A 430 -24.62 1.09 26.26
C ILE A 430 -25.71 0.19 26.89
N PRO A 431 -26.78 0.78 27.41
CA PRO A 431 -27.87 -0.05 27.95
C PRO A 431 -28.48 -0.98 26.94
N ALA A 432 -29.02 -2.08 27.44
CA ALA A 432 -29.64 -3.07 26.52
C ALA A 432 -30.95 -2.44 26.02
N VAL A 433 -31.34 -2.83 24.84
CA VAL A 433 -32.62 -2.42 24.28
C VAL A 433 -33.63 -3.56 24.49
N ASP A 434 -34.71 -3.17 25.05
CA ASP A 434 -35.69 -4.04 25.68
C ASP A 434 -37.08 -3.96 25.00
N HIS A 435 -37.22 -3.25 23.87
CA HIS A 435 -38.51 -2.85 23.30
C HIS A 435 -38.46 -2.89 21.79
N PRO A 436 -39.62 -2.94 21.14
CA PRO A 436 -39.64 -2.96 19.69
C PRO A 436 -39.05 -1.67 19.06
N LEU A 437 -38.39 -1.86 17.91
CA LEU A 437 -37.76 -0.73 17.20
C LEU A 437 -38.68 -0.07 16.19
N ILE A 438 -38.45 1.19 15.89
CA ILE A 438 -39.15 1.81 14.80
C ILE A 438 -38.91 1.05 13.46
N ASP A 439 -39.92 1.11 12.59
CA ASP A 439 -39.84 0.54 11.25
C ASP A 439 -39.68 1.56 10.19
N ALA A 440 -39.78 1.14 8.90
CA ALA A 440 -39.51 2.07 7.77
C ALA A 440 -40.52 3.19 7.72
N ALA A 441 -41.79 2.84 7.92
CA ALA A 441 -42.83 3.85 8.01
C ALA A 441 -42.61 4.89 9.14
N ASP A 442 -42.25 4.40 10.32
CA ASP A 442 -42.01 5.24 11.50
C ASP A 442 -40.83 6.20 11.20
N ALA A 443 -39.78 5.65 10.58
CA ALA A 443 -38.61 6.46 10.20
C ALA A 443 -39.00 7.60 9.26
N ALA A 444 -39.81 7.31 8.27
CA ALA A 444 -40.33 8.31 7.34
C ALA A 444 -41.14 9.35 8.10
N GLU A 445 -41.95 8.94 9.05
CA GLU A 445 -42.76 9.92 9.77
C GLU A 445 -41.87 10.83 10.63
N LEU A 446 -40.83 10.30 11.30
CA LEU A 446 -39.87 11.09 12.06
C LEU A 446 -39.04 12.06 11.22
N LYS A 447 -38.59 11.61 10.09
CA LYS A 447 -37.88 12.49 9.13
C LYS A 447 -38.75 13.68 8.74
N ALA A 448 -40.02 13.42 8.43
CA ALA A 448 -40.91 14.51 8.09
C ALA A 448 -41.10 15.48 9.29
N LYS A 449 -41.20 14.97 10.51
CA LYS A 449 -41.39 15.83 11.67
C LYS A 449 -40.15 16.68 11.91
N VAL A 450 -38.97 16.03 11.73
CA VAL A 450 -37.73 16.72 11.89
C VAL A 450 -37.72 17.88 10.88
N LEU A 451 -37.99 17.62 9.64
CA LEU A 451 -37.91 18.68 8.60
C LEU A 451 -39.02 19.74 8.83
N ALA A 452 -40.18 19.37 9.35
CA ALA A 452 -41.20 20.39 9.65
C ALA A 452 -40.88 21.29 10.83
N SER A 453 -40.00 20.87 11.76
CA SER A 453 -39.73 21.64 12.94
C SER A 453 -39.01 22.92 12.59
N GLY A 454 -38.42 23.06 11.42
CA GLY A 454 -37.57 24.25 11.24
C GLY A 454 -36.05 24.11 11.35
N LEU A 455 -35.59 22.96 11.80
CA LEU A 455 -34.15 22.68 11.82
C LEU A 455 -33.62 22.69 10.40
N THR A 456 -32.51 23.33 10.15
CA THR A 456 -31.98 23.43 8.80
C THR A 456 -31.11 22.21 8.44
N VAL A 457 -30.86 22.07 7.15
CA VAL A 457 -29.94 21.06 6.64
C VAL A 457 -28.60 21.18 7.38
N SER A 458 -28.09 22.40 7.47
CA SER A 458 -26.82 22.61 8.21
C SER A 458 -26.83 22.11 9.67
N GLN A 459 -27.85 22.47 10.41
CA GLN A 459 -27.97 21.97 11.79
C GLN A 459 -28.12 20.43 11.89
N LEU A 460 -28.96 19.89 11.02
CA LEU A 460 -29.17 18.42 11.00
C LEU A 460 -27.86 17.63 10.73
N VAL A 461 -27.22 18.03 9.65
CA VAL A 461 -25.99 17.38 9.19
C VAL A 461 -24.83 17.62 10.22
N SER A 462 -24.71 18.88 10.72
CA SER A 462 -23.68 19.15 11.74
C SER A 462 -23.80 18.32 13.01
N THR A 463 -25.02 18.23 13.50
CA THR A 463 -25.27 17.52 14.71
C THR A 463 -24.98 16.03 14.64
N ALA A 464 -25.45 15.39 13.55
CA ALA A 464 -25.25 13.97 13.40
C ALA A 464 -23.75 13.64 13.09
N TRP A 465 -23.09 14.57 12.39
CA TRP A 465 -21.64 14.40 12.14
C TRP A 465 -20.88 14.43 13.48
N ALA A 466 -21.30 15.37 14.39
CA ALA A 466 -20.64 15.60 15.63
C ALA A 466 -20.82 14.37 16.53
N ALA A 467 -21.99 13.74 16.44
CA ALA A 467 -22.26 12.58 17.25
C ALA A 467 -21.55 11.30 16.72
N ALA A 468 -21.51 11.16 15.40
CA ALA A 468 -21.04 9.90 14.81
C ALA A 468 -19.50 9.87 14.67
N SER A 469 -18.91 11.01 14.40
CA SER A 469 -17.49 11.12 14.01
C SER A 469 -16.47 11.08 15.14
N THR A 470 -16.92 10.77 16.37
CA THR A 470 -16.01 10.48 17.50
C THR A 470 -15.47 9.10 17.42
N PHE A 471 -16.05 8.25 16.58
CA PHE A 471 -15.54 6.91 16.45
C PHE A 471 -14.08 6.86 15.99
N ARG A 472 -13.32 5.96 16.58
CA ARG A 472 -12.00 5.66 16.02
C ARG A 472 -11.77 4.16 15.94
N GLY A 473 -11.24 3.74 14.81
CA GLY A 473 -11.07 2.27 14.53
C GLY A 473 -9.86 1.67 15.28
N SER A 474 -8.97 2.54 15.79
CA SER A 474 -7.81 2.13 16.46
C SER A 474 -8.14 1.30 17.73
N ASP A 475 -9.08 1.81 18.56
CA ASP A 475 -9.56 1.10 19.74
C ASP A 475 -11.03 0.89 19.75
N LYS A 476 -11.71 1.29 18.69
CA LYS A 476 -13.17 1.10 18.50
C LYS A 476 -14.02 1.74 19.57
N ARG A 477 -13.48 2.82 20.15
CA ARG A 477 -14.25 3.74 21.04
C ARG A 477 -14.96 4.79 20.18
N GLY A 478 -15.99 5.40 20.73
CA GLY A 478 -16.65 6.47 20.06
C GLY A 478 -17.80 6.02 19.17
N GLY A 479 -18.40 7.00 18.51
CA GLY A 479 -19.54 6.84 17.64
C GLY A 479 -20.85 7.38 18.26
N ALA A 480 -21.92 7.26 17.45
CA ALA A 480 -23.23 7.83 17.83
C ALA A 480 -24.04 7.03 18.87
N ASN A 481 -23.76 5.74 19.00
CA ASN A 481 -24.49 4.92 19.98
C ASN A 481 -24.22 5.46 21.35
N GLY A 482 -25.29 5.50 22.16
CA GLY A 482 -25.25 6.08 23.50
C GLY A 482 -25.70 7.50 23.65
N ALA A 483 -25.85 8.25 22.52
CA ALA A 483 -26.12 9.67 22.63
C ALA A 483 -25.31 10.43 23.66
N ARG A 484 -24.02 10.18 23.67
CA ARG A 484 -23.20 10.82 24.64
C ARG A 484 -22.93 12.22 24.23
N ILE A 485 -23.32 12.63 23.00
CA ILE A 485 -23.20 14.02 22.63
C ILE A 485 -24.03 14.97 23.53
N ARG A 486 -25.11 14.48 24.14
CA ARG A 486 -25.88 15.34 25.05
C ARG A 486 -25.32 15.44 26.47
N LEU A 487 -24.24 14.69 26.77
CA LEU A 487 -23.69 14.56 28.10
C LEU A 487 -22.33 15.28 28.21
N ALA A 488 -21.91 15.51 29.45
CA ALA A 488 -20.55 16.01 29.71
C ALA A 488 -19.60 14.87 29.27
N PRO A 489 -18.50 15.12 28.63
CA PRO A 489 -18.03 16.45 28.16
C PRO A 489 -18.37 16.80 26.73
N GLN A 490 -18.88 15.82 25.97
CA GLN A 490 -19.10 16.00 24.53
C GLN A 490 -19.97 17.23 24.25
N LYS A 491 -20.99 17.47 25.06
CA LYS A 491 -21.87 18.64 24.82
C LYS A 491 -21.15 20.00 24.90
N ASP A 492 -20.02 20.01 25.59
CA ASP A 492 -19.19 21.21 25.81
C ASP A 492 -17.97 21.32 24.94
N TRP A 493 -17.72 20.31 24.07
CA TRP A 493 -16.60 20.45 23.21
C TRP A 493 -16.79 21.57 22.19
N GLU A 494 -15.81 22.44 22.10
CA GLU A 494 -15.82 23.55 21.09
C GLU A 494 -16.15 23.10 19.67
N ALA A 495 -15.54 22.04 19.19
CA ALA A 495 -15.86 21.54 17.85
C ALA A 495 -17.38 21.31 17.63
N ASN A 496 -18.07 20.95 18.70
CA ASN A 496 -19.49 20.62 18.65
C ASN A 496 -20.41 21.81 18.77
N GLN A 497 -19.85 23.00 18.94
CA GLN A 497 -20.62 24.23 18.93
C GLN A 497 -21.72 24.23 20.03
N PRO A 498 -21.27 24.24 21.28
CA PRO A 498 -22.18 23.91 22.38
C PRO A 498 -23.53 24.60 22.39
N GLU A 499 -23.61 25.89 22.09
CA GLU A 499 -24.94 26.55 22.14
C GLU A 499 -25.84 26.15 20.97
N GLN A 500 -25.30 26.04 19.77
CA GLN A 500 -26.14 25.57 18.62
CA GLN A 500 -26.15 25.60 18.66
C GLN A 500 -26.57 24.15 18.90
N LEU A 501 -25.65 23.32 19.41
CA LEU A 501 -25.95 21.91 19.73
C LEU A 501 -27.13 21.76 20.71
N ALA A 502 -27.10 22.57 21.78
CA ALA A 502 -28.09 22.53 22.80
C ALA A 502 -29.45 22.90 22.26
N ALA A 503 -29.50 23.85 21.36
CA ALA A 503 -30.79 24.17 20.68
C ALA A 503 -31.32 23.01 19.78
N VAL A 504 -30.45 22.36 19.02
CA VAL A 504 -30.90 21.26 18.16
C VAL A 504 -31.42 20.11 19.02
N LEU A 505 -30.63 19.75 20.04
CA LEU A 505 -31.02 18.69 20.92
C LEU A 505 -32.38 18.93 21.58
N GLU A 506 -32.63 20.18 22.05
CA GLU A 506 -33.91 20.49 22.68
C GLU A 506 -35.09 20.23 21.72
N THR A 507 -34.95 20.62 20.46
CA THR A 507 -35.95 20.36 19.44
C THR A 507 -36.12 18.88 19.14
N LEU A 508 -35.01 18.18 18.99
CA LEU A 508 -35.11 16.75 18.77
C LEU A 508 -35.76 16.00 19.96
N GLU A 509 -35.41 16.40 21.18
CA GLU A 509 -35.97 15.78 22.38
C GLU A 509 -37.49 15.99 22.42
N ALA A 510 -37.95 17.16 21.98
CA ALA A 510 -39.41 17.42 21.96
C ALA A 510 -40.14 16.50 20.95
N ILE A 511 -39.54 16.33 19.79
CA ILE A 511 -40.08 15.40 18.77
C ILE A 511 -40.08 13.98 19.28
N ARG A 512 -39.01 13.58 19.89
CA ARG A 512 -38.92 12.24 20.48
C ARG A 512 -39.99 11.99 21.52
N THR A 513 -40.13 12.95 22.46
CA THR A 513 -41.15 12.84 23.51
C THR A 513 -42.51 12.68 22.93
N ALA A 514 -42.87 13.49 21.93
CA ALA A 514 -44.19 13.38 21.32
C ALA A 514 -44.40 12.03 20.61
N PHE A 515 -43.40 11.59 19.83
CA PHE A 515 -43.53 10.33 19.09
C PHE A 515 -43.68 9.16 20.07
N ASN A 516 -42.82 9.13 21.07
CA ASN A 516 -42.86 8.04 22.03
C ASN A 516 -44.16 8.03 22.84
N GLY A 517 -44.62 9.21 23.20
CA GLY A 517 -45.90 9.34 23.93
C GLY A 517 -47.09 8.79 23.18
N ALA A 518 -47.06 8.86 21.87
CA ALA A 518 -48.17 8.40 21.07
C ALA A 518 -48.08 6.93 20.72
N GLN A 519 -47.08 6.21 21.17
CA GLN A 519 -46.95 4.81 20.82
C GLN A 519 -47.73 3.87 21.70
N ARG A 520 -48.14 2.80 21.02
CA ARG A 520 -48.72 1.59 21.59
C ARG A 520 -47.64 0.51 21.59
N GLY A 521 -47.81 -0.37 22.56
CA GLY A 521 -47.17 -1.66 22.52
C GLY A 521 -45.68 -1.60 22.72
N GLY A 522 -45.21 -0.58 23.40
CA GLY A 522 -43.85 -0.63 23.91
C GLY A 522 -42.81 0.00 22.97
N LYS A 523 -43.19 0.24 21.71
CA LYS A 523 -42.34 0.86 20.76
C LYS A 523 -41.87 2.22 21.22
N GLN A 524 -40.58 2.47 21.10
CA GLN A 524 -40.07 3.85 21.26
C GLN A 524 -38.73 4.02 20.53
N VAL A 525 -38.35 5.26 20.30
CA VAL A 525 -37.12 5.58 19.67
C VAL A 525 -36.15 6.31 20.67
N SER A 526 -34.88 5.91 20.62
CA SER A 526 -33.81 6.53 21.43
C SER A 526 -33.40 7.88 20.88
N LEU A 527 -32.88 8.77 21.72
CA LEU A 527 -32.33 10.00 21.19
C LEU A 527 -31.11 9.75 20.32
N ALA A 528 -30.33 8.73 20.64
CA ALA A 528 -29.20 8.31 19.83
C ALA A 528 -29.61 7.99 18.35
N ASP A 529 -30.61 7.15 18.20
CA ASP A 529 -31.16 6.86 16.87
C ASP A 529 -31.73 8.15 16.20
N LEU A 530 -32.49 8.96 16.98
CA LEU A 530 -33.10 10.14 16.36
C LEU A 530 -32.11 11.17 15.86
N ILE A 531 -31.03 11.33 16.59
CA ILE A 531 -29.92 12.22 16.13
C ILE A 531 -29.42 11.81 14.76
N VAL A 532 -29.19 10.51 14.62
CA VAL A 532 -28.72 9.98 13.34
C VAL A 532 -29.82 10.08 12.27
N LEU A 533 -31.05 9.74 12.62
CA LEU A 533 -32.16 9.79 11.65
C LEU A 533 -32.42 11.19 11.15
N ALA A 534 -32.31 12.16 12.06
CA ALA A 534 -32.41 13.54 11.74
C ALA A 534 -31.34 13.99 10.77
N GLY A 535 -30.10 13.53 11.00
CA GLY A 535 -29.01 13.79 10.04
C GLY A 535 -29.32 13.26 8.66
N CYS A 536 -29.89 12.03 8.62
CA CYS A 536 -30.31 11.41 7.37
C CYS A 536 -31.36 12.28 6.67
N ALA A 537 -32.37 12.76 7.42
CA ALA A 537 -33.35 13.60 6.79
C ALA A 537 -32.70 14.88 6.24
N GLY A 538 -31.72 15.45 6.94
CA GLY A 538 -31.05 16.62 6.37
C GLY A 538 -30.30 16.38 5.07
N VAL A 539 -29.63 15.25 5.00
CA VAL A 539 -29.00 14.77 3.71
C VAL A 539 -30.06 14.58 2.58
N GLU A 540 -31.16 13.95 2.92
CA GLU A 540 -32.27 13.79 1.93
C GLU A 540 -32.85 15.12 1.50
N GLN A 541 -33.04 16.02 2.47
CA GLN A 541 -33.53 17.36 2.11
C GLN A 541 -32.52 18.12 1.21
N ALA A 542 -31.23 18.04 1.54
CA ALA A 542 -30.17 18.64 0.70
C ALA A 542 -30.16 18.05 -0.72
N ALA A 543 -30.36 16.76 -0.84
CA ALA A 543 -30.49 16.19 -2.16
C ALA A 543 -31.69 16.73 -2.90
N LYS A 544 -32.80 16.84 -2.21
CA LYS A 544 -34.00 17.39 -2.81
C LYS A 544 -33.81 18.83 -3.26
N ASN A 545 -33.12 19.61 -2.48
CA ASN A 545 -32.79 20.98 -2.83
C ASN A 545 -31.99 21.02 -4.11
N ALA A 546 -31.21 20.02 -4.39
CA ALA A 546 -30.45 19.96 -5.64
C ALA A 546 -31.28 19.31 -6.69
N GLY A 547 -32.56 19.00 -6.43
CA GLY A 547 -33.38 18.38 -7.44
C GLY A 547 -33.24 16.87 -7.59
N HIS A 548 -32.89 16.18 -6.50
CA HIS A 548 -32.75 14.73 -6.51
C HIS A 548 -33.47 14.06 -5.33
N ALA A 549 -34.23 13.04 -5.64
CA ALA A 549 -34.99 12.30 -4.66
C ALA A 549 -34.11 11.11 -4.29
N VAL A 550 -33.65 11.09 -3.04
CA VAL A 550 -32.97 9.88 -2.58
C VAL A 550 -33.40 9.47 -1.19
N THR A 551 -33.27 8.20 -0.92
CA THR A 551 -33.40 7.65 0.38
C THR A 551 -32.04 7.38 1.03
N VAL A 552 -31.78 7.96 2.22
CA VAL A 552 -30.59 7.64 2.93
C VAL A 552 -30.92 6.44 3.87
N PRO A 553 -30.18 5.33 3.75
CA PRO A 553 -30.39 4.21 4.67
C PRO A 553 -30.22 4.61 6.15
N PHE A 554 -30.92 3.84 7.00
CA PHE A 554 -30.96 4.05 8.43
C PHE A 554 -31.31 2.76 9.13
N ALA A 555 -30.53 2.44 10.13
CA ALA A 555 -30.63 1.24 10.95
C ALA A 555 -30.85 1.66 12.40
N PRO A 556 -32.06 1.41 12.95
CA PRO A 556 -32.33 1.72 14.31
C PRO A 556 -31.65 0.69 15.26
N GLY A 557 -31.68 0.95 16.57
CA GLY A 557 -31.12 0.06 17.56
C GLY A 557 -30.15 0.64 18.57
N ARG A 558 -29.75 1.89 18.38
CA ARG A 558 -28.90 2.61 19.32
C ARG A 558 -29.72 2.84 20.62
N ALA A 559 -29.00 2.92 21.72
CA ALA A 559 -29.57 3.18 22.99
C ALA A 559 -28.90 4.38 23.67
N ASP A 560 -29.59 5.01 24.66
CA ASP A 560 -29.09 6.20 25.32
C ASP A 560 -28.38 5.77 26.61
N ALA A 561 -27.09 6.14 26.76
CA ALA A 561 -26.33 5.90 27.99
C ALA A 561 -26.58 7.09 28.95
N SER A 562 -26.49 6.86 30.25
CA SER A 562 -26.58 7.95 31.24
C SER A 562 -25.27 8.66 31.50
N GLN A 563 -25.33 9.84 32.11
CA GLN A 563 -24.10 10.49 32.60
C GLN A 563 -23.30 9.60 33.58
N GLU A 564 -24.00 8.83 34.40
CA GLU A 564 -23.37 7.97 35.37
C GLU A 564 -22.69 6.83 34.70
N GLN A 565 -23.13 6.44 33.50
CA GLN A 565 -22.43 5.41 32.71
C GLN A 565 -21.36 6.01 31.82
N THR A 566 -20.88 7.21 32.10
CA THR A 566 -19.99 7.90 31.23
C THR A 566 -18.88 8.52 32.09
N ASP A 567 -17.69 7.95 32.00
CA ASP A 567 -16.46 8.46 32.63
C ASP A 567 -15.95 9.63 31.79
N VAL A 568 -16.06 10.77 32.38
CA VAL A 568 -15.74 12.04 31.76
C VAL A 568 -14.25 12.23 31.46
N GLU A 569 -13.37 11.72 32.29
CA GLU A 569 -11.93 11.91 32.06
C GLU A 569 -11.54 11.06 30.89
N SER A 570 -12.02 9.82 30.87
CA SER A 570 -11.70 8.89 29.77
C SER A 570 -12.22 9.42 28.45
N MET A 571 -13.37 10.11 28.50
CA MET A 571 -13.94 10.67 27.31
C MET A 571 -13.07 11.80 26.66
N ALA A 572 -12.17 12.46 27.43
CA ALA A 572 -11.43 13.61 26.98
C ALA A 572 -10.57 13.32 25.80
N VAL A 573 -9.99 12.11 25.74
CA VAL A 573 -9.09 11.77 24.61
C VAL A 573 -9.80 11.62 23.29
N LEU A 574 -11.12 11.50 23.31
CA LEU A 574 -11.87 11.52 22.08
C LEU A 574 -12.26 12.90 21.50
N GLU A 575 -12.02 13.98 22.25
CA GLU A 575 -12.32 15.29 21.72
C GLU A 575 -11.51 15.54 20.40
N PRO A 576 -12.21 15.94 19.32
CA PRO A 576 -11.49 16.36 18.12
C PRO A 576 -10.90 17.71 18.30
N VAL A 577 -9.57 17.78 18.28
CA VAL A 577 -8.90 19.07 18.30
C VAL A 577 -8.59 19.49 16.86
N ALA A 578 -8.65 18.55 15.93
CA ALA A 578 -8.61 18.85 14.52
C ALA A 578 -9.67 17.97 13.84
N ASP A 579 -10.51 18.59 13.03
CA ASP A 579 -11.47 17.90 12.19
C ASP A 579 -11.58 18.62 10.83
N GLY A 580 -10.80 18.15 9.83
CA GLY A 580 -10.83 18.76 8.50
C GLY A 580 -12.19 18.64 7.83
N PHE A 581 -12.99 17.67 8.25
CA PHE A 581 -14.29 17.52 7.68
C PHE A 581 -15.26 18.67 8.11
N ARG A 582 -14.93 19.41 9.20
CA ARG A 582 -15.65 20.60 9.64
C ARG A 582 -14.75 21.87 9.56
N ASN A 583 -13.61 21.74 8.86
CA ASN A 583 -12.65 22.81 8.65
C ASN A 583 -12.23 23.41 9.97
N TYR A 584 -11.93 22.53 10.94
CA TYR A 584 -11.77 22.90 12.31
C TYR A 584 -10.41 22.54 12.83
N LEU A 585 -9.77 23.53 13.50
CA LEU A 585 -8.48 23.37 14.15
C LEU A 585 -8.52 24.12 15.43
N LYS A 586 -8.29 23.42 16.54
CA LYS A 586 -8.54 24.04 17.86
C LYS A 586 -7.47 25.02 18.24
N GLY A 587 -6.22 24.73 17.84
CA GLY A 587 -5.10 25.65 18.03
C GLY A 587 -4.14 25.49 16.88
N LYS A 588 -2.91 25.93 17.04
CA LYS A 588 -1.89 25.92 15.96
C LYS A 588 -1.00 24.74 16.29
N TYR A 589 -0.76 23.84 15.33
CA TYR A 589 -0.02 22.63 15.61
C TYR A 589 1.21 22.63 14.79
N ARG A 590 2.14 21.77 15.15
CA ARG A 590 3.35 21.63 14.37
C ARG A 590 2.96 20.97 13.05
N VAL A 591 2.03 20.02 13.10
CA VAL A 591 1.71 19.20 11.91
C VAL A 591 0.76 19.92 10.96
N PRO A 592 1.12 19.99 9.64
CA PRO A 592 0.19 20.61 8.70
C PRO A 592 -1.25 20.03 8.78
N ALA A 593 -2.23 20.91 8.59
CA ALA A 593 -3.60 20.55 8.72
C ALA A 593 -3.99 19.39 7.79
N GLU A 594 -3.40 19.33 6.62
CA GLU A 594 -3.74 18.23 5.68
C GLU A 594 -3.30 16.87 6.15
N VAL A 595 -2.24 16.90 6.93
CA VAL A 595 -1.73 15.63 7.55
C VAL A 595 -2.69 15.14 8.61
N LEU A 596 -3.21 16.11 9.37
CA LEU A 596 -4.18 15.82 10.40
C LEU A 596 -5.50 15.36 9.79
N LEU A 597 -5.84 15.86 8.61
CA LEU A 597 -7.00 15.37 7.89
C LEU A 597 -6.89 13.85 7.55
N VAL A 598 -5.75 13.43 7.02
CA VAL A 598 -5.60 12.04 6.59
C VAL A 598 -5.60 11.12 7.88
N ASP A 599 -5.05 11.67 8.97
CA ASP A 599 -4.97 10.93 10.23
C ASP A 599 -6.41 10.73 10.70
N LYS A 600 -7.25 11.72 10.57
CA LYS A 600 -8.69 11.58 11.00
C LYS A 600 -9.42 10.56 10.10
N ALA A 601 -9.13 10.64 8.80
CA ALA A 601 -9.73 9.72 7.86
C ALA A 601 -9.36 8.24 8.21
N GLN A 602 -8.11 8.04 8.56
CA GLN A 602 -7.64 6.72 8.95
C GLN A 602 -8.38 6.22 10.22
N LEU A 603 -8.54 7.11 11.18
CA LEU A 603 -9.25 6.76 12.40
C LEU A 603 -10.74 6.43 12.09
N LEU A 604 -11.33 7.15 11.15
CA LEU A 604 -12.68 6.89 10.78
C LEU A 604 -12.81 5.67 9.80
N THR A 605 -11.71 5.06 9.45
CA THR A 605 -11.66 3.88 8.52
C THR A 605 -12.00 4.15 7.06
N LEU A 606 -11.74 5.39 6.67
CA LEU A 606 -12.08 5.83 5.31
C LEU A 606 -10.95 5.69 4.31
N SER A 607 -11.28 5.26 3.09
CA SER A 607 -10.29 5.28 2.00
C SER A 607 -10.13 6.74 1.51
N ALA A 608 -9.12 6.99 0.71
CA ALA A 608 -8.96 8.28 0.03
C ALA A 608 -10.15 8.75 -0.78
N PRO A 609 -10.71 7.91 -1.64
CA PRO A 609 -11.95 8.28 -2.32
C PRO A 609 -13.10 8.61 -1.36
N GLU A 610 -13.27 7.83 -0.27
CA GLU A 610 -14.38 8.11 0.67
C GLU A 610 -14.14 9.44 1.43
N MET A 611 -12.90 9.69 1.80
CA MET A 611 -12.52 10.96 2.44
C MET A 611 -12.82 12.16 1.48
N THR A 612 -12.50 11.97 0.21
CA THR A 612 -12.67 13.04 -0.78
C THR A 612 -14.15 13.38 -0.99
N VAL A 613 -14.96 12.36 -1.24
CA VAL A 613 -16.39 12.63 -1.47
C VAL A 613 -17.03 13.18 -0.25
N LEU A 614 -16.73 12.59 0.91
CA LEU A 614 -17.33 13.01 2.14
C LEU A 614 -17.06 14.50 2.45
N LEU A 615 -15.80 14.93 2.30
CA LEU A 615 -15.43 16.33 2.66
C LEU A 615 -16.09 17.32 1.65
N GLY A 616 -16.09 16.99 0.34
CA GLY A 616 -16.69 17.92 -0.63
C GLY A 616 -18.21 18.09 -0.39
N GLY A 617 -18.86 17.05 0.09
CA GLY A 617 -20.30 17.19 0.37
C GLY A 617 -20.53 17.94 1.66
N LEU A 618 -19.83 17.55 2.71
CA LEU A 618 -19.94 18.30 3.99
C LEU A 618 -19.74 19.83 3.81
N ARG A 619 -18.76 20.23 3.00
CA ARG A 619 -18.58 21.63 2.66
C ARG A 619 -19.87 22.34 2.21
N VAL A 620 -20.55 21.75 1.28
CA VAL A 620 -21.68 22.45 0.74
C VAL A 620 -22.94 22.24 1.53
N LEU A 621 -22.94 21.31 2.51
CA LEU A 621 -24.08 21.11 3.39
C LEU A 621 -24.11 22.06 4.63
N GLY A 622 -23.02 22.78 4.87
CA GLY A 622 -22.93 23.75 6.00
C GLY A 622 -22.42 23.04 7.25
N ALA A 623 -21.58 22.05 7.08
CA ALA A 623 -21.01 21.36 8.25
C ALA A 623 -19.84 22.09 8.96
N ASN A 624 -19.30 23.14 8.40
CA ASN A 624 -18.16 23.82 8.99
C ASN A 624 -18.51 24.37 10.38
N VAL A 625 -17.59 24.20 11.31
CA VAL A 625 -17.74 24.88 12.62
C VAL A 625 -17.86 26.39 12.40
N GLY A 626 -18.75 27.05 13.15
CA GLY A 626 -18.82 28.52 13.17
C GLY A 626 -19.43 29.13 11.89
N GLN A 627 -20.05 28.30 11.06
CA GLN A 627 -20.46 28.77 9.74
C GLN A 627 -19.32 29.46 8.86
N SER A 628 -18.07 29.04 9.05
CA SER A 628 -16.96 29.51 8.19
C SER A 628 -17.31 29.28 6.72
N ARG A 629 -16.90 30.23 5.92
CA ARG A 629 -17.09 30.23 4.47
C ARG A 629 -15.93 29.44 3.80
N HIS A 630 -14.90 29.07 4.57
CA HIS A 630 -13.74 28.42 4.00
C HIS A 630 -14.08 27.07 3.29
N GLY A 631 -13.78 26.95 2.04
CA GLY A 631 -14.09 25.71 1.29
C GLY A 631 -15.54 25.59 0.84
N VAL A 632 -16.37 26.59 1.15
CA VAL A 632 -17.79 26.51 0.76
C VAL A 632 -17.92 27.02 -0.67
N PHE A 633 -17.41 26.24 -1.59
CA PHE A 633 -17.34 26.67 -2.96
C PHE A 633 -18.62 26.36 -3.74
N THR A 634 -19.70 27.04 -3.35
CA THR A 634 -20.98 26.82 -3.99
C THR A 634 -21.80 28.12 -3.79
N ALA A 635 -22.69 28.41 -4.75
CA ALA A 635 -23.71 29.40 -4.59
C ALA A 635 -25.03 28.84 -4.10
N ARG A 636 -25.07 27.58 -3.73
CA ARG A 636 -26.33 26.94 -3.28
C ARG A 636 -25.96 26.06 -2.12
N GLU A 637 -25.66 26.77 -1.06
CA GLU A 637 -25.37 26.09 0.17
C GLU A 637 -26.63 25.32 0.65
N GLN A 638 -26.39 24.21 1.34
CA GLN A 638 -27.46 23.28 1.79
C GLN A 638 -28.14 22.51 0.62
N ALA A 639 -27.53 22.49 -0.58
CA ALA A 639 -27.96 21.59 -1.63
C ALA A 639 -26.83 20.63 -1.82
N LEU A 640 -27.16 19.35 -2.00
CA LEU A 640 -26.11 18.33 -2.15
C LEU A 640 -25.71 18.24 -3.62
N THR A 641 -24.61 18.93 -3.96
CA THR A 641 -24.11 18.91 -5.33
C THR A 641 -22.57 18.68 -5.23
N ASN A 642 -21.99 18.48 -6.39
CA ASN A 642 -20.58 18.40 -6.57
C ASN A 642 -19.89 19.73 -6.84
N ASP A 643 -20.50 20.82 -6.41
CA ASP A 643 -19.95 22.13 -6.52
C ASP A 643 -18.53 22.32 -5.97
N PHE A 644 -18.20 21.73 -4.82
CA PHE A 644 -16.89 21.88 -4.28
C PHE A 644 -15.82 21.53 -5.26
N PHE A 645 -16.05 20.42 -5.99
CA PHE A 645 -15.01 19.90 -6.89
C PHE A 645 -14.97 20.74 -8.15
N VAL A 646 -16.13 21.09 -8.67
CA VAL A 646 -16.19 21.82 -9.96
C VAL A 646 -15.49 23.17 -9.76
N ASN A 647 -15.80 23.88 -8.68
CA ASN A 647 -15.20 25.15 -8.44
C ASN A 647 -13.75 25.07 -8.01
N LEU A 648 -13.41 24.13 -7.13
CA LEU A 648 -12.02 23.97 -6.82
C LEU A 648 -11.10 23.81 -8.04
N LEU A 649 -11.55 23.02 -9.01
CA LEU A 649 -10.73 22.61 -10.15
C LEU A 649 -10.77 23.63 -11.34
N ASP A 650 -11.58 24.68 -11.19
CA ASP A 650 -11.75 25.70 -12.32
C ASP A 650 -10.47 26.52 -12.44
N MET A 651 -9.79 26.36 -13.57
CA MET A 651 -8.53 27.13 -13.74
C MET A 651 -8.72 28.67 -13.86
N GLY A 652 -9.94 29.13 -14.00
CA GLY A 652 -10.26 30.53 -14.07
C GLY A 652 -10.07 31.21 -12.72
N THR A 653 -9.78 30.45 -11.67
CA THR A 653 -9.57 31.01 -10.35
C THR A 653 -8.07 30.77 -9.93
N GLU A 654 -7.43 31.82 -9.43
CA GLU A 654 -6.07 31.83 -8.93
C GLU A 654 -6.07 32.05 -7.40
N TRP A 655 -5.22 31.27 -6.73
CA TRP A 655 -5.17 31.14 -5.28
C TRP A 655 -3.85 31.67 -4.73
N LYS A 656 -4.00 32.49 -3.68
CA LYS A 656 -2.87 33.02 -2.97
C LYS A 656 -3.06 33.01 -1.51
N PRO A 657 -2.00 32.73 -0.75
CA PRO A 657 -2.07 32.87 0.72
C PRO A 657 -2.31 34.32 1.17
N THR A 658 -3.03 34.45 2.28
CA THR A 658 -3.34 35.79 2.75
C THR A 658 -2.15 36.30 3.53
N ALA A 659 -1.96 37.61 3.41
CA ALA A 659 -1.07 38.42 4.28
C ALA A 659 -1.30 38.15 5.76
N ALA A 660 -2.56 38.25 6.22
CA ALA A 660 -2.89 38.05 7.65
C ALA A 660 -2.73 36.59 8.19
N ASP A 661 -2.89 35.58 7.32
CA ASP A 661 -2.78 34.19 7.75
C ASP A 661 -2.28 33.36 6.56
N ALA A 662 -1.04 32.85 6.61
CA ALA A 662 -0.50 32.03 5.48
C ALA A 662 -1.21 30.67 5.30
N ASP A 663 -2.09 30.26 6.25
CA ASP A 663 -2.86 29.02 6.14
C ASP A 663 -4.23 29.24 5.62
N VAL A 664 -4.54 30.50 5.30
CA VAL A 664 -5.77 30.82 4.62
C VAL A 664 -5.49 31.40 3.23
N PHE A 665 -6.26 30.97 2.23
CA PHE A 665 -6.03 31.33 0.84
C PHE A 665 -7.22 32.01 0.22
N GLU A 666 -6.97 33.03 -0.62
CA GLU A 666 -8.00 33.70 -1.43
C GLU A 666 -8.02 33.14 -2.86
N GLY A 667 -9.21 32.83 -3.35
CA GLY A 667 -9.41 32.48 -4.72
C GLY A 667 -9.99 33.64 -5.51
N ARG A 668 -9.26 34.15 -6.48
CA ARG A 668 -9.75 35.27 -7.27
C ARG A 668 -9.84 34.93 -8.75
N ASP A 669 -10.80 35.56 -9.42
CA ASP A 669 -10.89 35.49 -10.86
C ASP A 669 -9.58 35.91 -11.45
N ARG A 670 -9.08 35.07 -12.33
CA ARG A 670 -7.75 35.22 -12.86
C ARG A 670 -7.71 36.51 -13.73
N ALA A 671 -8.78 36.78 -14.47
CA ALA A 671 -8.86 37.94 -15.34
C ALA A 671 -9.13 39.21 -14.53
N THR A 672 -10.23 39.25 -13.78
CA THR A 672 -10.71 40.46 -13.17
C THR A 672 -10.09 40.76 -11.86
N GLY A 673 -9.61 39.76 -11.12
CA GLY A 673 -9.08 39.99 -9.80
C GLY A 673 -10.15 39.96 -8.72
N GLU A 674 -11.40 39.74 -9.08
CA GLU A 674 -12.45 39.80 -8.06
C GLU A 674 -12.40 38.52 -7.16
N LEU A 675 -12.69 38.71 -5.89
CA LEU A 675 -12.60 37.67 -4.85
C LEU A 675 -13.82 36.80 -4.97
N LYS A 676 -13.57 35.50 -5.10
CA LYS A 676 -14.63 34.48 -5.27
C LYS A 676 -14.78 33.63 -4.04
N TRP A 677 -13.71 33.17 -3.45
CA TRP A 677 -13.75 32.18 -2.37
C TRP A 677 -12.57 32.37 -1.43
N THR A 678 -12.66 31.73 -0.29
CA THR A 678 -11.51 31.53 0.55
C THR A 678 -11.49 30.06 0.98
N GLY A 679 -10.28 29.59 1.31
CA GLY A 679 -10.07 28.18 1.78
C GLY A 679 -8.87 28.04 2.65
N THR A 680 -8.80 26.91 3.32
CA THR A 680 -7.68 26.50 4.13
C THR A 680 -6.80 25.51 3.36
N ARG A 681 -5.74 25.05 4.03
CA ARG A 681 -4.86 24.02 3.45
C ARG A 681 -5.68 22.71 3.25
N VAL A 682 -6.66 22.45 4.14
CA VAL A 682 -7.50 21.29 4.05
C VAL A 682 -8.34 21.33 2.80
N ASP A 683 -8.86 22.48 2.48
CA ASP A 683 -9.59 22.68 1.23
C ASP A 683 -8.72 22.58 0.01
N LEU A 684 -7.61 23.30 0.01
CA LEU A 684 -6.83 23.36 -1.23
C LEU A 684 -5.99 22.11 -1.50
N VAL A 685 -5.79 21.23 -0.51
CA VAL A 685 -4.95 20.09 -0.75
C VAL A 685 -5.53 19.22 -1.86
N PHE A 686 -6.86 19.27 -2.01
CA PHE A 686 -7.59 18.52 -2.99
C PHE A 686 -7.36 18.98 -4.41
N GLY A 687 -6.81 20.17 -4.53
CA GLY A 687 -6.43 20.73 -5.82
C GLY A 687 -4.92 20.80 -5.97
N SER A 688 -4.19 20.22 -5.03
CA SER A 688 -2.72 20.28 -5.04
C SER A 688 -2.03 18.89 -5.15
N HIS A 689 -2.33 17.99 -4.20
CA HIS A 689 -1.76 16.70 -4.15
C HIS A 689 -2.23 15.91 -5.38
N SER A 690 -1.30 15.24 -6.03
CA SER A 690 -1.52 14.72 -7.35
C SER A 690 -2.50 13.57 -7.31
N GLN A 691 -2.48 12.74 -6.25
CA GLN A 691 -3.48 11.68 -6.11
C GLN A 691 -4.86 12.18 -5.70
N LEU A 692 -4.92 13.12 -4.74
CA LEU A 692 -6.19 13.65 -4.34
C LEU A 692 -6.85 14.49 -5.49
N ARG A 693 -6.05 15.21 -6.26
CA ARG A 693 -6.62 16.03 -7.33
C ARG A 693 -7.20 15.04 -8.38
N ALA A 694 -6.60 13.89 -8.62
CA ALA A 694 -7.15 12.93 -9.56
C ALA A 694 -8.54 12.40 -9.11
N LEU A 695 -8.67 12.24 -7.78
CA LEU A 695 -9.96 11.89 -7.20
C LEU A 695 -10.99 12.97 -7.34
N ALA A 696 -10.55 14.18 -6.96
CA ALA A 696 -11.45 15.33 -7.12
C ALA A 696 -11.98 15.48 -8.57
N GLU A 697 -11.10 15.23 -9.52
CA GLU A 697 -11.43 15.32 -10.96
C GLU A 697 -12.59 14.38 -11.37
N VAL A 698 -12.65 13.22 -10.74
CA VAL A 698 -13.69 12.26 -11.04
C VAL A 698 -15.02 12.83 -10.60
N TYR A 699 -15.04 13.40 -9.39
CA TYR A 699 -16.27 13.93 -8.83
C TYR A 699 -16.64 15.33 -9.35
N GLY A 700 -15.70 15.95 -9.98
CA GLY A 700 -15.94 17.28 -10.60
C GLY A 700 -16.17 17.25 -12.07
N SER A 701 -16.34 16.03 -12.64
CA SER A 701 -16.63 15.92 -14.05
C SER A 701 -18.15 16.07 -14.36
N ALA A 702 -18.49 16.32 -15.65
CA ALA A 702 -19.83 16.64 -16.05
C ALA A 702 -20.79 15.52 -15.90
N ASP A 703 -20.28 14.31 -15.90
CA ASP A 703 -21.09 13.11 -15.85
C ASP A 703 -21.20 12.58 -14.41
N ALA A 704 -20.83 13.38 -13.41
CA ALA A 704 -20.60 12.86 -12.05
C ALA A 704 -21.66 13.15 -11.02
N GLN A 705 -22.74 13.87 -11.35
CA GLN A 705 -23.67 14.31 -10.29
C GLN A 705 -24.28 13.07 -9.60
N GLU A 706 -24.65 12.02 -10.39
CA GLU A 706 -25.28 10.87 -9.78
C GLU A 706 -24.31 10.08 -8.88
N LYS A 707 -23.12 9.84 -9.39
CA LYS A 707 -22.07 9.21 -8.64
C LYS A 707 -21.72 10.02 -7.36
N PHE A 708 -21.59 11.30 -7.48
CA PHE A 708 -21.27 12.09 -6.28
C PHE A 708 -22.37 11.83 -5.23
N VAL A 709 -23.62 11.90 -5.65
CA VAL A 709 -24.66 11.76 -4.64
C VAL A 709 -24.69 10.36 -4.00
N ARG A 710 -24.55 9.32 -4.84
CA ARG A 710 -24.65 7.96 -4.37
C ARG A 710 -23.46 7.61 -3.46
N ASP A 711 -22.26 8.02 -3.84
CA ASP A 711 -21.08 7.79 -3.04
C ASP A 711 -21.13 8.64 -1.74
N PHE A 712 -21.64 9.85 -1.83
CA PHE A 712 -21.81 10.67 -0.57
C PHE A 712 -22.74 9.95 0.43
N VAL A 713 -23.89 9.46 -0.05
CA VAL A 713 -24.84 8.84 0.85
C VAL A 713 -24.22 7.56 1.41
N ALA A 714 -23.46 6.74 0.58
CA ALA A 714 -22.88 5.56 1.06
C ALA A 714 -21.87 5.84 2.17
N VAL A 715 -20.98 6.85 2.03
CA VAL A 715 -19.98 7.12 3.10
C VAL A 715 -20.63 7.79 4.31
N TRP A 716 -21.65 8.62 4.10
CA TRP A 716 -22.46 9.14 5.25
C TRP A 716 -23.02 8.03 6.15
N ASN A 717 -23.65 7.05 5.48
CA ASN A 717 -24.19 5.87 6.14
C ASN A 717 -23.09 5.06 6.83
N LYS A 718 -21.96 4.89 6.11
CA LYS A 718 -20.85 4.18 6.71
C LYS A 718 -20.47 4.85 8.04
N VAL A 719 -20.28 6.14 8.00
CA VAL A 719 -19.89 6.91 9.27
C VAL A 719 -20.92 6.78 10.37
N MET A 720 -22.18 6.93 10.01
CA MET A 720 -23.23 6.74 10.98
C MET A 720 -23.21 5.36 11.67
N ASN A 721 -22.77 4.32 10.95
CA ASN A 721 -22.79 2.96 11.49
C ASN A 721 -21.44 2.44 12.04
N LEU A 722 -20.44 3.31 12.21
CA LEU A 722 -19.10 2.79 12.55
C LEU A 722 -19.09 1.93 13.81
N ASP A 723 -19.94 2.30 14.82
CA ASP A 723 -19.88 1.62 16.12
C ASP A 723 -20.93 0.50 16.19
N ARG A 724 -21.62 0.25 15.11
CA ARG A 724 -22.76 -0.68 15.16
C ARG A 724 -22.38 -2.15 15.01
N PHE A 725 -21.62 -2.65 15.96
CA PHE A 725 -21.24 -4.06 16.02
C PHE A 725 -22.39 -4.95 16.46
N ASP A 726 -23.41 -4.39 17.12
CA ASP A 726 -24.75 -5.07 17.26
C ASP A 726 -25.42 -5.55 15.95
N LEU A 727 -25.10 -4.94 14.81
CA LEU A 727 -25.64 -5.39 13.52
C LEU A 727 -24.66 -6.30 12.73
N ALA A 728 -23.39 -6.33 13.15
CA ALA A 728 -22.39 -7.40 12.78
C ALA A 728 -22.85 -8.89 12.97
N GLY B 16 9.34 11.11 11.92
CA GLY B 16 8.41 9.89 12.01
C GLY B 16 9.09 8.61 11.49
N THR B 17 9.76 7.87 12.37
CA THR B 17 10.62 6.74 11.95
C THR B 17 9.74 5.55 11.49
N SER B 18 10.01 5.02 10.31
CA SER B 18 9.26 3.92 9.70
C SER B 18 10.08 2.58 9.62
N ASN B 19 9.40 1.51 9.16
CA ASN B 19 10.04 0.20 9.01
C ASN B 19 11.20 0.23 7.97
N ARG B 20 10.96 0.95 6.85
CA ARG B 20 11.99 1.21 5.81
CA ARG B 20 11.95 1.23 5.79
C ARG B 20 13.21 1.93 6.38
N ASP B 21 13.04 2.84 7.35
CA ASP B 21 14.17 3.40 8.07
C ASP B 21 14.93 2.32 8.84
N TRP B 22 14.23 1.53 9.67
CA TRP B 22 14.93 0.58 10.56
C TRP B 22 15.59 -0.57 9.76
N TRP B 23 14.92 -1.01 8.72
CA TRP B 23 15.29 -2.24 8.00
C TRP B 23 15.24 -1.90 6.49
N PRO B 24 16.21 -1.05 6.03
CA PRO B 24 16.09 -0.52 4.63
C PRO B 24 16.33 -1.58 3.55
N ASN B 25 16.88 -2.72 3.91
CA ASN B 25 17.00 -3.83 2.99
C ASN B 25 15.96 -4.93 3.04
N GLN B 26 14.96 -4.86 3.93
CA GLN B 26 13.93 -5.94 3.94
C GLN B 26 13.17 -5.86 2.61
N LEU B 27 12.61 -7.00 2.23
CA LEU B 27 11.80 -7.15 1.02
C LEU B 27 10.51 -6.34 1.14
N ASP B 28 10.19 -5.58 0.12
CA ASP B 28 9.00 -4.76 0.12
C ASP B 28 7.77 -5.28 -0.65
N LEU B 29 6.79 -5.81 0.09
CA LEU B 29 5.58 -6.38 -0.51
C LEU B 29 4.51 -5.42 -0.91
N SER B 30 4.68 -4.14 -0.63
CA SER B 30 3.60 -3.18 -0.92
CA SER B 30 3.61 -3.18 -0.93
C SER B 30 3.43 -3.05 -2.44
N ILE B 31 4.47 -3.34 -3.21
CA ILE B 31 4.27 -3.31 -4.66
C ILE B 31 3.25 -4.28 -5.19
N LEU B 32 2.97 -5.37 -4.52
CA LEU B 32 1.96 -6.36 -4.98
C LEU B 32 0.50 -5.98 -4.63
N HIS B 33 0.39 -4.97 -3.75
CA HIS B 33 -0.93 -4.51 -3.30
C HIS B 33 -1.28 -3.04 -3.65
N ARG B 34 -0.64 -2.50 -4.69
CA ARG B 34 -1.03 -1.21 -5.25
C ARG B 34 -2.26 -1.45 -6.00
N HIS B 35 -3.00 -0.41 -6.34
CA HIS B 35 -4.12 -0.57 -7.26
C HIS B 35 -5.22 -1.45 -6.68
N SER B 36 -5.36 -1.39 -5.36
CA SER B 36 -6.51 -2.05 -4.65
C SER B 36 -7.81 -1.32 -4.95
N SER B 37 -8.91 -2.00 -4.72
CA SER B 37 -10.20 -1.32 -4.76
C SER B 37 -10.26 -0.12 -3.76
N LEU B 38 -9.48 -0.11 -2.67
CA LEU B 38 -9.53 0.98 -1.72
C LEU B 38 -9.18 2.34 -2.37
N SER B 39 -8.18 2.37 -3.27
CA SER B 39 -7.71 3.58 -3.85
C SER B 39 -8.43 4.02 -5.07
N ASP B 40 -9.26 3.14 -5.62
CA ASP B 40 -9.92 3.33 -6.89
C ASP B 40 -11.22 4.01 -6.62
N PRO B 41 -11.47 5.19 -7.21
CA PRO B 41 -12.75 5.86 -6.96
C PRO B 41 -13.90 5.26 -7.73
N MET B 42 -13.67 4.49 -8.80
CA MET B 42 -14.72 3.90 -9.59
C MET B 42 -15.24 2.65 -8.84
N GLY B 43 -16.52 2.34 -9.01
CA GLY B 43 -17.04 1.12 -8.38
C GLY B 43 -16.38 -0.17 -8.89
N LYS B 44 -16.52 -1.23 -8.13
CA LYS B 44 -15.92 -2.56 -8.42
C LYS B 44 -16.20 -3.03 -9.86
N ASP B 45 -17.40 -2.74 -10.34
CA ASP B 45 -17.87 -3.16 -11.62
C ASP B 45 -17.74 -2.13 -12.74
N PHE B 46 -17.03 -1.02 -12.53
CA PHE B 46 -16.87 0.00 -13.60
C PHE B 46 -16.05 -0.68 -14.69
N ASN B 47 -16.49 -0.61 -15.92
CA ASN B 47 -15.76 -1.23 -17.03
C ASN B 47 -15.37 -0.12 -18.04
N TYR B 48 -14.10 0.26 -18.10
CA TYR B 48 -13.67 1.37 -18.92
C TYR B 48 -13.94 1.15 -20.42
N ALA B 49 -13.70 -0.07 -20.90
CA ALA B 49 -13.98 -0.45 -22.31
C ALA B 49 -15.41 -0.17 -22.80
N GLN B 50 -16.34 -0.50 -21.94
CA GLN B 50 -17.75 -0.23 -22.19
C GLN B 50 -18.06 1.25 -22.20
N ALA B 51 -17.40 2.02 -21.31
CA ALA B 51 -17.60 3.45 -21.30
C ALA B 51 -17.00 4.08 -22.51
N PHE B 52 -15.78 3.68 -22.86
CA PHE B 52 -15.17 4.30 -24.04
C PHE B 52 -15.95 4.00 -25.35
N GLU B 53 -16.48 2.79 -25.43
CA GLU B 53 -17.23 2.36 -26.58
C GLU B 53 -18.39 3.30 -26.90
N LYS B 54 -19.00 3.91 -25.88
CA LYS B 54 -20.08 4.86 -26.05
C LYS B 54 -19.63 6.33 -26.19
N LEU B 55 -18.35 6.62 -25.98
CA LEU B 55 -17.88 7.95 -26.18
C LEU B 55 -18.08 8.31 -27.67
N ASP B 56 -18.55 9.53 -27.88
CA ASP B 56 -18.48 10.10 -29.23
C ASP B 56 -17.09 10.67 -29.51
N LEU B 57 -16.24 9.79 -30.05
CA LEU B 57 -14.82 10.11 -30.30
C LEU B 57 -14.66 11.32 -31.28
N ALA B 58 -15.51 11.34 -32.29
CA ALA B 58 -15.54 12.45 -33.25
C ALA B 58 -15.75 13.83 -32.52
N ALA B 59 -16.64 13.88 -31.54
CA ALA B 59 -16.92 15.12 -30.81
C ALA B 59 -15.73 15.54 -29.95
N VAL B 60 -15.06 14.58 -29.30
CA VAL B 60 -13.90 14.84 -28.57
C VAL B 60 -12.84 15.49 -29.51
N LYS B 61 -12.61 14.85 -30.67
CA LYS B 61 -11.57 15.30 -31.59
C LYS B 61 -11.89 16.72 -32.12
N ARG B 62 -13.17 17.04 -32.32
CA ARG B 62 -13.51 18.40 -32.68
C ARG B 62 -13.15 19.41 -31.58
N ASP B 63 -13.40 19.07 -30.34
CA ASP B 63 -13.06 19.94 -29.19
C ASP B 63 -11.52 20.11 -29.05
N LEU B 64 -10.76 19.06 -29.39
CA LEU B 64 -9.29 19.07 -29.33
C LEU B 64 -8.74 19.93 -30.46
N HIS B 65 -9.36 19.86 -31.65
CA HIS B 65 -9.01 20.74 -32.77
C HIS B 65 -9.24 22.20 -32.33
N ALA B 66 -10.37 22.50 -31.79
CA ALA B 66 -10.63 23.89 -31.28
C ALA B 66 -9.66 24.37 -30.26
N LEU B 67 -9.32 23.51 -29.34
CA LEU B 67 -8.37 23.81 -28.32
C LEU B 67 -7.00 24.21 -28.85
N MET B 68 -6.56 23.57 -29.95
CA MET B 68 -5.23 23.89 -30.48
C MET B 68 -4.94 25.39 -30.63
N THR B 69 -5.95 26.18 -31.01
CA THR B 69 -5.63 27.59 -31.26
C THR B 69 -6.38 28.49 -30.28
N THR B 70 -6.80 27.95 -29.15
CA THR B 70 -7.47 28.76 -28.08
C THR B 70 -6.49 28.98 -26.97
N SER B 71 -5.75 30.08 -27.09
CA SER B 71 -4.62 30.39 -26.24
C SER B 71 -5.09 30.87 -24.85
N GLN B 72 -4.53 30.32 -23.77
CA GLN B 72 -4.82 30.80 -22.42
C GLN B 72 -3.68 31.73 -21.94
N ASP B 73 -4.05 32.82 -21.25
CA ASP B 73 -3.06 33.77 -20.81
C ASP B 73 -2.04 33.30 -19.85
N TRP B 74 -2.39 32.30 -19.06
CA TRP B 74 -1.47 31.77 -18.05
C TRP B 74 -0.38 30.86 -18.71
N TRP B 75 -0.55 30.46 -19.98
CA TRP B 75 0.48 29.76 -20.73
C TRP B 75 0.22 29.96 -22.22
N PRO B 76 0.54 31.15 -22.70
CA PRO B 76 0.16 31.47 -24.07
C PRO B 76 0.76 30.58 -25.10
N ALA B 77 0.02 30.33 -26.16
CA ALA B 77 0.42 29.38 -27.22
C ALA B 77 1.48 29.97 -28.16
N ASP B 78 2.59 29.26 -28.28
CA ASP B 78 3.62 29.61 -29.27
C ASP B 78 3.02 29.63 -30.66
N PHE B 79 3.31 30.68 -31.47
CA PHE B 79 2.75 30.76 -32.84
C PHE B 79 1.23 30.67 -32.86
N GLY B 80 0.56 30.99 -31.76
CA GLY B 80 -0.83 30.79 -31.58
C GLY B 80 -1.35 29.36 -31.62
N HIS B 81 -0.51 28.35 -31.53
CA HIS B 81 -0.93 26.92 -31.79
C HIS B 81 -0.19 26.04 -30.77
N TYR B 82 -0.95 25.36 -29.93
CA TYR B 82 -0.38 24.41 -28.92
C TYR B 82 0.11 23.04 -29.41
N GLY B 83 0.07 22.83 -30.71
CA GLY B 83 0.30 21.55 -31.37
C GLY B 83 1.67 20.98 -30.97
N GLY B 84 2.73 21.78 -31.11
CA GLY B 84 4.05 21.28 -30.71
C GLY B 84 4.11 20.83 -29.24
N LEU B 85 3.58 21.67 -28.34
CA LEU B 85 3.57 21.34 -26.93
C LEU B 85 2.85 19.97 -26.67
N PHE B 86 1.74 19.76 -27.33
CA PHE B 86 1.01 18.55 -27.16
C PHE B 86 1.65 17.31 -27.80
N ILE B 87 2.37 17.51 -28.90
CA ILE B 87 3.10 16.33 -29.48
C ILE B 87 4.16 15.93 -28.44
N ARG B 88 4.89 16.91 -27.84
CA ARG B 88 5.88 16.63 -26.84
C ARG B 88 5.27 15.92 -25.66
N MET B 89 4.12 16.40 -25.19
CA MET B 89 3.42 15.80 -24.10
C MET B 89 3.15 14.32 -24.38
N ALA B 90 2.53 14.03 -25.50
CA ALA B 90 2.23 12.60 -25.88
C ALA B 90 3.45 11.72 -26.06
N TRP B 91 4.46 12.29 -26.73
CA TRP B 91 5.79 11.65 -26.85
C TRP B 91 6.38 11.25 -25.45
N HIS B 92 6.33 12.20 -24.48
CA HIS B 92 6.81 11.97 -23.17
C HIS B 92 6.00 10.95 -22.41
N SER B 93 4.68 11.00 -22.55
CA SER B 93 3.76 10.00 -22.02
C SER B 93 4.18 8.60 -22.46
N ALA B 94 4.43 8.46 -23.75
CA ALA B 94 4.88 7.10 -24.25
C ALA B 94 6.38 6.77 -24.00
N GLY B 95 7.19 7.81 -23.87
CA GLY B 95 8.65 7.65 -23.97
C GLY B 95 9.35 7.21 -22.71
N THR B 96 8.60 6.95 -21.63
CA THR B 96 9.22 6.27 -20.45
C THR B 96 9.41 4.76 -20.54
N TYR B 97 8.83 4.18 -21.61
CA TYR B 97 8.79 2.73 -21.82
C TYR B 97 10.18 2.08 -21.93
N ARG B 98 10.39 0.93 -21.31
CA ARG B 98 11.63 0.13 -21.38
C ARG B 98 11.17 -1.27 -21.79
N THR B 99 11.86 -1.88 -22.75
CA THR B 99 11.53 -3.22 -23.19
CA THR B 99 11.57 -3.20 -23.23
C THR B 99 12.01 -4.24 -22.16
N ALA B 100 12.99 -3.91 -21.32
CA ALA B 100 13.60 -4.87 -20.42
C ALA B 100 12.55 -5.52 -19.47
N ASP B 101 11.63 -4.67 -18.94
CA ASP B 101 10.54 -5.14 -18.10
C ASP B 101 9.15 -4.79 -18.52
N GLY B 102 9.02 -3.97 -19.59
CA GLY B 102 7.71 -3.46 -20.03
C GLY B 102 7.13 -2.32 -19.23
N ARG B 103 7.87 -1.89 -18.23
CA ARG B 103 7.40 -0.78 -17.38
C ARG B 103 7.51 0.55 -18.07
N GLY B 104 6.76 1.51 -17.53
CA GLY B 104 6.56 2.82 -18.20
C GLY B 104 5.70 2.70 -19.44
N GLY B 105 5.77 3.72 -20.30
CA GLY B 105 4.84 3.85 -21.39
C GLY B 105 3.60 4.70 -21.06
N ALA B 106 2.79 4.92 -22.11
CA ALA B 106 1.55 5.71 -22.02
C ALA B 106 0.33 4.99 -21.45
N GLY B 107 0.37 3.63 -21.33
CA GLY B 107 -0.83 2.79 -21.16
C GLY B 107 -1.57 2.94 -19.85
N GLU B 108 -0.97 3.63 -18.86
CA GLU B 108 -1.64 3.85 -17.62
C GLU B 108 -1.79 5.31 -17.22
N GLY B 109 -1.38 6.25 -18.09
CA GLY B 109 -1.47 7.65 -17.73
C GLY B 109 -0.73 8.18 -16.51
N GLN B 110 0.37 7.48 -16.19
CA GLN B 110 1.24 7.76 -15.09
C GLN B 110 1.93 9.10 -15.11
N GLN B 111 1.90 9.83 -16.22
CA GLN B 111 2.48 11.14 -16.31
C GLN B 111 1.87 12.17 -15.35
N ARG B 112 0.63 11.96 -14.90
CA ARG B 112 -0.03 12.83 -13.99
C ARG B 112 0.25 12.54 -12.53
N PHE B 113 1.03 11.50 -12.26
CA PHE B 113 1.42 11.09 -10.94
C PHE B 113 2.92 11.29 -10.69
N ALA B 114 3.32 11.25 -9.41
CA ALA B 114 4.72 11.20 -9.00
C ALA B 114 5.38 9.89 -9.41
N PRO B 115 6.67 9.89 -9.78
CA PRO B 115 7.54 11.07 -9.95
C PRO B 115 7.47 11.73 -11.35
N LEU B 116 6.85 11.07 -12.34
CA LEU B 116 6.88 11.51 -13.68
C LEU B 116 6.32 12.93 -13.88
N ASN B 117 5.31 13.30 -13.12
CA ASN B 117 4.76 14.60 -13.24
C ASN B 117 5.74 15.72 -12.92
N SER B 118 6.88 15.37 -12.26
CA SER B 118 7.85 16.34 -11.75
C SER B 118 9.27 16.08 -12.25
N TRP B 119 9.44 15.14 -13.20
CA TRP B 119 10.73 14.96 -13.81
C TRP B 119 11.11 16.22 -14.54
N PRO B 120 12.39 16.52 -14.56
CA PRO B 120 12.76 17.74 -15.27
C PRO B 120 12.42 17.76 -16.73
N ASP B 121 12.53 16.62 -17.41
CA ASP B 121 12.16 16.56 -18.79
C ASP B 121 10.68 16.67 -19.01
N ASN B 122 9.87 16.54 -17.99
CA ASN B 122 8.40 16.85 -18.18
C ASN B 122 8.01 18.26 -17.69
N ALA B 123 9.00 19.15 -17.54
CA ALA B 123 8.78 20.56 -17.19
C ALA B 123 7.81 21.20 -18.17
N ASN B 124 6.81 21.86 -17.61
CA ASN B 124 5.73 22.53 -18.35
C ASN B 124 4.76 21.64 -19.09
N LEU B 125 4.94 20.32 -19.01
CA LEU B 125 3.87 19.44 -19.42
C LEU B 125 2.73 19.47 -18.45
N ASP B 126 2.99 19.93 -17.20
CA ASP B 126 1.90 20.26 -16.31
C ASP B 126 0.90 21.27 -16.88
N LYS B 127 1.42 22.26 -17.63
CA LYS B 127 0.59 23.23 -18.30
C LYS B 127 -0.25 22.56 -19.39
N ALA B 128 0.38 21.73 -20.20
CA ALA B 128 -0.35 21.00 -21.23
C ALA B 128 -1.51 20.20 -20.71
N ARG B 129 -1.25 19.43 -19.65
CA ARG B 129 -2.29 18.59 -19.08
C ARG B 129 -3.44 19.46 -18.54
N ARG B 130 -3.12 20.60 -17.90
CA ARG B 130 -4.15 21.49 -17.36
C ARG B 130 -5.03 22.11 -18.47
N LEU B 131 -4.41 22.40 -19.64
CA LEU B 131 -5.16 22.90 -20.82
C LEU B 131 -6.24 21.87 -21.24
N LEU B 132 -5.99 20.60 -20.92
CA LEU B 132 -6.91 19.51 -21.18
C LEU B 132 -7.98 19.21 -20.14
N TRP B 133 -7.99 19.88 -18.99
CA TRP B 133 -8.98 19.62 -17.96
C TRP B 133 -10.41 19.88 -18.47
N PRO B 134 -10.67 21.02 -19.18
CA PRO B 134 -12.02 21.27 -19.65
C PRO B 134 -12.64 20.09 -20.47
N ILE B 135 -11.83 19.57 -21.40
CA ILE B 135 -12.19 18.39 -22.20
C ILE B 135 -12.41 17.14 -21.34
N LYS B 136 -11.44 16.86 -20.48
CA LYS B 136 -11.55 15.74 -19.57
C LYS B 136 -12.85 15.81 -18.75
N GLN B 137 -13.07 16.97 -18.14
CA GLN B 137 -14.28 17.23 -17.39
C GLN B 137 -15.57 16.99 -18.18
N LYS B 138 -15.61 17.46 -19.40
CA LYS B 138 -16.79 17.41 -20.22
C LYS B 138 -17.18 15.94 -20.54
N TYR B 139 -16.21 15.09 -20.87
CA TYR B 139 -16.51 13.71 -21.27
C TYR B 139 -16.43 12.71 -20.11
N GLY B 140 -15.81 13.13 -19.03
CA GLY B 140 -15.79 12.31 -17.83
C GLY B 140 -15.19 10.98 -17.97
N ARG B 141 -15.84 9.99 -17.37
CA ARG B 141 -15.25 8.64 -17.26
C ARG B 141 -15.21 7.96 -18.63
N ALA B 142 -15.84 8.54 -19.66
CA ALA B 142 -15.88 7.88 -20.98
C ALA B 142 -14.55 8.04 -21.72
N ILE B 143 -13.66 8.91 -21.25
CA ILE B 143 -12.33 8.95 -21.85
C ILE B 143 -11.31 9.13 -20.74
N SER B 144 -10.37 8.21 -20.68
CA SER B 144 -9.37 8.20 -19.59
C SER B 144 -8.37 9.31 -19.90
N TRP B 145 -7.64 9.76 -18.90
CA TRP B 145 -6.53 10.67 -19.16
C TRP B 145 -5.51 9.91 -20.02
N ALA B 146 -5.26 8.66 -19.70
CA ALA B 146 -4.29 7.90 -20.51
C ALA B 146 -4.56 7.91 -22.02
N ASP B 147 -5.80 7.65 -22.39
CA ASP B 147 -6.18 7.79 -23.78
C ASP B 147 -6.15 9.20 -24.28
N LEU B 148 -6.63 10.13 -23.48
CA LEU B 148 -6.72 11.54 -23.89
C LEU B 148 -5.31 12.11 -24.21
N LEU B 149 -4.32 11.77 -23.42
CA LEU B 149 -2.95 12.27 -23.72
C LEU B 149 -2.49 11.88 -25.12
N ILE B 150 -2.69 10.64 -25.49
CA ILE B 150 -2.30 10.16 -26.80
C ILE B 150 -3.20 10.75 -27.89
N LEU B 151 -4.54 10.78 -27.64
CA LEU B 151 -5.43 11.36 -28.65
C LEU B 151 -5.09 12.78 -29.01
N THR B 152 -4.68 13.55 -28.00
CA THR B 152 -4.34 14.93 -28.15
C THR B 152 -3.13 15.12 -29.01
N GLY B 153 -2.12 14.28 -28.78
CA GLY B 153 -0.99 14.20 -29.67
C GLY B 153 -1.38 14.00 -31.10
N ASN B 154 -2.25 13.01 -31.29
CA ASN B 154 -2.72 12.69 -32.65
C ASN B 154 -3.47 13.89 -33.29
N VAL B 155 -4.31 14.58 -32.50
CA VAL B 155 -5.04 15.68 -33.08
C VAL B 155 -4.12 16.80 -33.39
N ALA B 156 -3.08 16.99 -32.59
CA ALA B 156 -2.10 18.01 -32.88
C ALA B 156 -1.49 17.77 -34.24
N LEU B 157 -0.96 16.57 -34.43
CA LEU B 157 -0.42 16.17 -35.75
C LEU B 157 -1.37 16.40 -36.89
N GLU B 158 -2.60 15.97 -36.71
CA GLU B 158 -3.65 16.17 -37.75
C GLU B 158 -3.97 17.63 -38.04
N SER B 159 -4.13 18.47 -36.99
CA SER B 159 -4.41 19.89 -37.07
C SER B 159 -3.37 20.54 -37.93
N MET B 160 -2.14 20.15 -37.74
CA MET B 160 -0.97 20.69 -38.48
C MET B 160 -0.63 20.00 -39.82
N GLY B 161 -1.46 19.14 -40.31
CA GLY B 161 -1.31 18.68 -41.65
C GLY B 161 -0.72 17.31 -41.84
N PHE B 162 -0.53 16.55 -40.77
CA PHE B 162 0.07 15.22 -40.83
C PHE B 162 -1.00 14.16 -40.66
N LYS B 163 -1.10 13.25 -41.59
CA LYS B 163 -2.02 12.10 -41.49
C LYS B 163 -1.42 10.99 -40.60
N THR B 164 -2.13 10.69 -39.53
CA THR B 164 -1.71 9.67 -38.63
C THR B 164 -2.09 8.31 -39.15
N PHE B 165 -1.50 7.28 -38.55
CA PHE B 165 -1.69 5.91 -38.97
C PHE B 165 -2.98 5.37 -38.35
N GLY B 166 -3.48 6.02 -37.31
CA GLY B 166 -4.60 5.46 -36.54
C GLY B 166 -4.54 5.71 -35.05
N PHE B 167 -5.53 5.16 -34.31
CA PHE B 167 -5.65 5.39 -32.84
C PHE B 167 -6.55 4.34 -32.28
N ALA B 168 -6.13 3.74 -31.18
CA ALA B 168 -6.95 2.76 -30.42
C ALA B 168 -7.14 3.39 -28.99
N GLY B 169 -8.37 3.42 -28.54
CA GLY B 169 -8.60 3.64 -27.09
C GLY B 169 -8.55 2.30 -26.34
N GLY B 170 -8.72 2.43 -25.04
CA GLY B 170 -8.78 1.32 -24.04
C GLY B 170 -7.71 1.35 -22.95
N ARG B 171 -6.97 2.44 -22.78
CA ARG B 171 -6.05 2.57 -21.69
C ARG B 171 -6.79 3.02 -20.43
N ALA B 172 -7.09 2.10 -19.48
CA ALA B 172 -7.82 2.54 -18.28
C ALA B 172 -6.99 3.43 -17.40
N ASP B 173 -7.55 4.49 -16.76
CA ASP B 173 -6.75 5.26 -15.81
C ASP B 173 -6.37 4.40 -14.57
N THR B 174 -5.23 4.68 -13.99
CA THR B 174 -4.80 4.17 -12.72
C THR B 174 -4.86 5.37 -11.68
N TRP B 175 -4.69 5.09 -10.40
CA TRP B 175 -5.03 6.04 -9.31
C TRP B 175 -3.95 6.28 -8.27
N GLU B 176 -2.82 5.65 -8.49
CA GLU B 176 -1.65 5.93 -7.73
C GLU B 176 -0.37 5.59 -8.53
N PRO B 177 0.75 6.10 -8.08
CA PRO B 177 1.98 5.80 -8.73
C PRO B 177 2.33 4.33 -8.80
N GLU B 178 2.87 3.94 -9.94
CA GLU B 178 3.52 2.64 -10.08
C GLU B 178 4.85 2.61 -9.36
N ASP B 179 5.25 1.43 -8.93
CA ASP B 179 6.59 1.22 -8.32
C ASP B 179 7.53 0.78 -9.42
N VAL B 180 8.38 1.70 -9.85
CA VAL B 180 9.27 1.42 -10.96
C VAL B 180 10.64 1.84 -10.50
N TYR B 181 11.60 1.06 -10.91
CA TYR B 181 13.00 1.45 -10.65
C TYR B 181 13.48 2.34 -11.77
N TRP B 182 13.62 3.62 -11.46
CA TRP B 182 14.09 4.63 -12.42
C TRP B 182 15.61 4.91 -12.35
N GLY B 183 16.30 4.18 -11.44
CA GLY B 183 17.75 4.37 -11.14
C GLY B 183 17.94 4.68 -9.60
N SER B 184 19.20 4.79 -9.21
CA SER B 184 19.60 4.89 -7.82
C SER B 184 20.14 6.25 -7.47
N GLU B 185 20.28 7.16 -8.45
CA GLU B 185 20.85 8.45 -8.21
C GLU B 185 19.94 9.23 -7.28
N LYS B 186 20.56 10.08 -6.45
CA LYS B 186 19.80 10.87 -5.45
C LYS B 186 19.81 12.31 -5.82
N ILE B 187 20.26 12.64 -7.04
CA ILE B 187 20.38 14.00 -7.56
C ILE B 187 19.72 14.03 -8.94
N TRP B 188 18.73 14.92 -9.12
CA TRP B 188 18.13 15.07 -10.45
C TRP B 188 19.20 15.27 -11.53
N LEU B 189 19.11 14.50 -12.62
CA LEU B 189 19.96 14.75 -13.78
C LEU B 189 21.46 14.51 -13.55
N GLU B 190 21.82 13.72 -12.55
CA GLU B 190 23.23 13.57 -12.21
C GLU B 190 24.05 13.00 -13.42
N LEU B 191 25.21 13.58 -13.63
CA LEU B 191 26.08 13.11 -14.68
C LEU B 191 26.65 11.72 -14.30
N SER B 192 27.06 10.95 -15.33
CA SER B 192 27.55 9.59 -15.08
C SER B 192 28.79 9.56 -14.17
N GLY B 193 29.01 8.38 -13.57
CA GLY B 193 30.26 8.10 -12.80
C GLY B 193 30.19 8.52 -11.30
N GLY B 194 29.00 8.96 -10.86
CA GLY B 194 28.74 9.29 -9.46
C GLY B 194 28.62 8.02 -8.63
N PRO B 195 28.42 8.16 -7.33
CA PRO B 195 28.31 6.97 -6.46
C PRO B 195 27.18 5.98 -6.83
N ASN B 196 26.17 6.44 -7.58
CA ASN B 196 25.00 5.56 -7.98
C ASN B 196 24.91 5.49 -9.50
N SER B 197 26.06 5.56 -10.13
CA SER B 197 26.16 5.63 -11.56
C SER B 197 25.36 4.53 -12.25
N ARG B 198 24.52 4.92 -13.21
CA ARG B 198 23.84 4.01 -14.08
C ARG B 198 24.72 3.47 -15.22
N TYR B 199 25.98 4.00 -15.33
CA TYR B 199 26.92 3.56 -16.31
C TYR B 199 28.10 2.86 -15.68
N SER B 200 28.63 1.88 -16.39
CA SER B 200 29.91 1.28 -16.03
C SER B 200 30.59 0.80 -17.32
N GLY B 201 31.85 0.42 -17.20
CA GLY B 201 32.65 0.12 -18.31
C GLY B 201 32.60 1.03 -19.51
N ASP B 202 32.49 0.41 -20.70
CA ASP B 202 32.41 1.09 -21.99
C ASP B 202 30.97 1.63 -22.31
N ARG B 203 30.63 2.69 -21.57
CA ARG B 203 29.34 3.30 -21.48
C ARG B 203 28.16 2.29 -21.58
N GLN B 204 28.17 1.30 -20.66
CA GLN B 204 27.11 0.32 -20.51
C GLN B 204 26.06 0.74 -19.53
N LEU B 205 24.83 0.87 -20.04
CA LEU B 205 23.70 1.33 -19.24
C LEU B 205 23.16 0.17 -18.48
N GLU B 206 22.92 0.32 -17.17
CA GLU B 206 22.37 -0.84 -16.36
C GLU B 206 20.94 -1.19 -16.79
N ASN B 207 20.64 -2.47 -17.02
CA ASN B 207 19.24 -2.88 -17.16
C ASN B 207 18.58 -2.72 -15.81
N PRO B 208 17.31 -2.36 -15.74
CA PRO B 208 16.41 -2.26 -16.86
C PRO B 208 16.29 -0.80 -17.41
N LEU B 209 17.29 0.05 -17.19
CA LEU B 209 17.12 1.48 -17.44
C LEU B 209 17.23 1.80 -18.94
N ALA B 210 16.53 2.85 -19.35
CA ALA B 210 16.52 3.26 -20.76
C ALA B 210 16.64 4.74 -20.97
N ALA B 211 17.27 5.40 -20.03
CA ALA B 211 17.57 6.83 -20.11
C ALA B 211 18.96 7.06 -19.51
N VAL B 212 19.62 8.10 -19.98
CA VAL B 212 21.09 8.35 -19.68
C VAL B 212 21.34 9.12 -18.40
N GLN B 213 20.30 9.77 -17.89
CA GLN B 213 20.35 10.52 -16.61
C GLN B 213 18.96 10.48 -15.97
N MET B 214 18.97 10.60 -14.65
CA MET B 214 17.75 10.51 -13.80
C MET B 214 16.91 11.70 -14.12
N GLY B 215 15.75 11.45 -14.68
CA GLY B 215 14.76 12.51 -14.93
C GLY B 215 14.71 12.93 -16.39
N LEU B 216 15.46 12.24 -17.27
CA LEU B 216 15.36 12.46 -18.69
C LEU B 216 14.57 11.26 -19.32
N ILE B 217 14.01 11.50 -20.50
CA ILE B 217 13.19 10.52 -21.25
C ILE B 217 14.09 9.52 -21.97
N TYR B 218 15.01 10.02 -22.81
CA TYR B 218 16.03 9.20 -23.35
C TYR B 218 17.46 9.74 -23.13
N VAL B 219 17.84 10.79 -23.86
CA VAL B 219 19.22 11.29 -23.91
C VAL B 219 19.29 12.78 -23.51
N ASN B 220 20.50 13.28 -23.36
CA ASN B 220 20.74 14.67 -22.98
C ASN B 220 20.84 15.44 -24.36
N PRO B 221 19.96 16.43 -24.59
CA PRO B 221 20.00 17.15 -25.88
C PRO B 221 21.26 17.94 -26.18
N GLU B 222 22.05 18.23 -25.15
CA GLU B 222 23.33 18.86 -25.34
C GLU B 222 24.41 17.92 -25.74
N GLY B 223 24.23 16.63 -25.49
CA GLY B 223 25.20 15.59 -25.78
C GLY B 223 25.47 14.78 -24.48
N PRO B 224 26.15 13.64 -24.64
CA PRO B 224 26.48 12.77 -23.49
C PRO B 224 27.24 13.48 -22.34
N ASP B 225 26.62 13.45 -21.18
CA ASP B 225 27.03 14.16 -20.00
C ASP B 225 27.27 15.65 -20.25
N GLY B 226 26.55 16.25 -21.22
CA GLY B 226 26.72 17.65 -21.56
C GLY B 226 27.81 18.03 -22.56
N ASN B 227 28.43 17.05 -23.19
CA ASN B 227 29.55 17.25 -24.15
C ASN B 227 28.95 17.27 -25.52
N PRO B 228 29.00 18.43 -26.20
CA PRO B 228 28.29 18.58 -27.46
C PRO B 228 28.98 17.93 -28.65
N ASP B 229 28.96 16.61 -28.66
CA ASP B 229 29.54 15.83 -29.73
C ASP B 229 28.41 15.03 -30.37
N PRO B 230 27.99 15.42 -31.58
CA PRO B 230 26.85 14.73 -32.25
C PRO B 230 27.09 13.26 -32.50
N VAL B 231 28.34 12.90 -32.76
CA VAL B 231 28.72 11.53 -33.08
C VAL B 231 28.54 10.62 -31.85
N ALA B 232 29.02 11.04 -30.67
CA ALA B 232 28.90 10.26 -29.46
C ALA B 232 27.43 10.34 -28.99
N ALA B 233 26.77 11.46 -29.25
CA ALA B 233 25.34 11.55 -28.86
C ALA B 233 24.58 10.46 -29.56
N ALA B 234 24.88 10.24 -30.85
CA ALA B 234 24.22 9.17 -31.61
C ALA B 234 24.27 7.80 -30.98
N ARG B 235 25.37 7.47 -30.33
CA ARG B 235 25.51 6.19 -29.66
C ARG B 235 24.45 6.05 -28.54
N ASP B 236 24.28 7.12 -27.76
CA ASP B 236 23.30 7.17 -26.69
C ASP B 236 21.86 7.07 -27.18
N ILE B 237 21.57 7.78 -28.29
CA ILE B 237 20.30 7.74 -28.94
C ILE B 237 20.02 6.31 -29.39
N ARG B 238 20.97 5.68 -30.07
CA ARG B 238 20.71 4.35 -30.58
C ARG B 238 20.42 3.36 -29.42
N ASP B 239 21.22 3.43 -28.39
CA ASP B 239 21.13 2.50 -27.28
C ASP B 239 19.77 2.70 -26.52
N THR B 240 19.44 3.94 -26.19
CA THR B 240 18.20 4.20 -25.43
C THR B 240 16.98 3.92 -26.27
N PHE B 241 16.98 4.37 -27.52
CA PHE B 241 15.85 4.04 -28.41
C PHE B 241 15.68 2.50 -28.59
N ALA B 242 16.77 1.73 -28.71
CA ALA B 242 16.67 0.28 -28.84
C ALA B 242 16.06 -0.31 -27.57
N ARG B 243 16.37 0.28 -26.46
CA ARG B 243 15.82 -0.10 -25.17
C ARG B 243 14.40 0.31 -24.98
N MET B 244 13.86 1.16 -25.86
CA MET B 244 12.45 1.49 -26.00
C MET B 244 11.81 0.87 -27.26
N ALA B 245 12.45 -0.17 -27.78
CA ALA B 245 11.92 -1.01 -28.93
C ALA B 245 12.00 -0.37 -30.31
N MET B 246 12.81 0.66 -30.50
CA MET B 246 12.89 1.29 -31.79
C MET B 246 14.24 1.05 -32.47
N ASN B 247 14.21 0.66 -33.77
CA ASN B 247 15.39 0.53 -34.60
C ASN B 247 15.88 1.85 -35.20
N ASP B 248 16.95 1.79 -35.99
CA ASP B 248 17.50 3.04 -36.61
C ASP B 248 16.46 3.78 -37.45
N GLU B 249 15.75 3.08 -38.31
CA GLU B 249 14.81 3.75 -39.19
C GLU B 249 13.72 4.47 -38.38
N GLU B 250 13.22 3.80 -37.35
CA GLU B 250 12.12 4.32 -36.59
C GLU B 250 12.58 5.51 -35.75
N THR B 251 13.83 5.48 -35.29
CA THR B 251 14.38 6.49 -34.42
C THR B 251 14.56 7.79 -35.22
N VAL B 252 15.13 7.68 -36.41
CA VAL B 252 15.32 8.86 -37.30
C VAL B 252 13.94 9.49 -37.66
N ALA B 253 13.01 8.62 -38.01
CA ALA B 253 11.70 9.10 -38.36
C ALA B 253 11.02 9.83 -37.22
N LEU B 254 11.11 9.28 -36.01
CA LEU B 254 10.50 9.88 -34.81
C LEU B 254 11.10 11.23 -34.44
N ILE B 255 12.44 11.31 -34.50
CA ILE B 255 13.11 12.52 -34.01
C ILE B 255 12.90 13.69 -35.01
N ALA B 256 13.12 13.39 -36.27
CA ALA B 256 12.97 14.42 -37.39
C ALA B 256 11.46 14.74 -37.56
N GLY B 257 10.60 13.79 -37.30
CA GLY B 257 9.16 13.99 -37.41
C GLY B 257 8.68 14.96 -36.34
N GLY B 258 9.03 14.64 -35.13
CA GLY B 258 8.74 15.50 -33.99
C GLY B 258 9.27 16.89 -34.14
N HIS B 259 10.57 16.98 -34.51
CA HIS B 259 11.23 18.27 -34.55
C HIS B 259 10.96 19.05 -35.85
N THR B 260 10.05 18.51 -36.66
CA THR B 260 9.40 19.29 -37.69
C THR B 260 8.47 20.36 -37.08
N PHE B 261 8.01 20.15 -35.86
CA PHE B 261 7.09 21.06 -35.17
C PHE B 261 7.63 21.85 -33.95
N GLY B 262 7.12 23.03 -33.80
CA GLY B 262 7.23 23.76 -32.52
C GLY B 262 8.61 24.28 -32.25
N LYS B 263 8.92 24.42 -30.97
CA LYS B 263 10.18 25.01 -30.54
C LYS B 263 10.53 24.54 -29.13
N THR B 264 11.77 24.82 -28.80
CA THR B 264 12.27 24.63 -27.41
C THR B 264 12.17 25.99 -26.67
N HIS B 265 12.46 25.98 -25.38
CA HIS B 265 12.24 27.20 -24.52
C HIS B 265 13.39 27.38 -23.59
N GLY B 266 14.17 28.44 -23.86
CA GLY B 266 15.31 28.75 -23.06
C GLY B 266 15.64 30.23 -23.01
N ALA B 267 14.65 31.06 -22.73
CA ALA B 267 14.74 32.53 -22.96
C ALA B 267 15.66 33.28 -21.96
N GLY B 268 15.90 32.65 -20.82
CA GLY B 268 16.78 33.21 -19.77
C GLY B 268 17.32 32.08 -18.89
N PRO B 269 18.14 32.43 -17.89
CA PRO B 269 18.81 31.45 -17.02
C PRO B 269 17.87 30.55 -16.25
N ALA B 270 18.32 29.31 -16.12
CA ALA B 270 17.53 28.30 -15.49
C ALA B 270 17.30 28.53 -14.04
N SER B 271 18.20 29.26 -13.43
CA SER B 271 18.01 29.67 -12.06
C SER B 271 16.70 30.42 -11.78
N ASN B 272 16.11 31.05 -12.76
CA ASN B 272 14.79 31.67 -12.60
C ASN B 272 13.63 30.68 -12.32
N VAL B 273 13.81 29.43 -12.75
CA VAL B 273 12.75 28.44 -12.62
C VAL B 273 12.68 27.82 -11.24
N GLY B 274 11.49 27.83 -10.65
CA GLY B 274 11.26 27.31 -9.28
C GLY B 274 10.84 25.90 -9.13
N ALA B 275 10.15 25.63 -8.03
CA ALA B 275 9.86 24.23 -7.60
C ALA B 275 9.04 23.37 -8.62
N GLU B 276 9.48 22.16 -8.84
CA GLU B 276 8.73 21.20 -9.60
C GLU B 276 7.36 20.92 -8.94
N PRO B 277 6.40 20.36 -9.65
CA PRO B 277 5.02 20.27 -9.04
C PRO B 277 4.94 19.60 -7.69
N GLU B 278 5.55 18.42 -7.53
CA GLU B 278 5.51 17.76 -6.22
C GLU B 278 6.15 18.50 -5.12
N ALA B 279 6.97 19.53 -5.41
CA ALA B 279 7.55 20.39 -4.36
C ALA B 279 6.90 21.74 -4.21
N ALA B 280 5.98 22.13 -5.08
CA ALA B 280 5.50 23.54 -5.08
C ALA B 280 4.49 23.75 -3.97
N GLY B 281 4.38 25.00 -3.52
CA GLY B 281 3.35 25.35 -2.57
C GLY B 281 1.95 24.91 -2.98
N ILE B 282 1.12 24.83 -1.96
CA ILE B 282 -0.26 24.37 -2.15
C ILE B 282 -1.09 25.30 -3.05
N GLU B 283 -0.78 26.56 -3.00
CA GLU B 283 -1.43 27.54 -3.89
C GLU B 283 -1.14 27.37 -5.36
N ALA B 284 -0.05 26.69 -5.70
CA ALA B 284 0.22 26.39 -7.11
C ALA B 284 -0.78 25.42 -7.75
N GLN B 285 -1.60 24.78 -6.90
CA GLN B 285 -2.71 24.00 -7.40
C GLN B 285 -2.28 23.00 -8.53
N GLY B 286 -1.24 22.25 -8.18
CA GLY B 286 -0.87 21.06 -9.05
C GLY B 286 0.16 21.37 -10.14
N LEU B 287 0.51 22.65 -10.29
CA LEU B 287 1.43 23.10 -11.32
C LEU B 287 2.78 23.40 -10.70
N GLY B 288 3.78 23.58 -11.55
CA GLY B 288 5.14 23.88 -11.06
C GLY B 288 6.02 24.64 -12.03
N TRP B 289 7.31 24.70 -11.68
CA TRP B 289 8.34 25.35 -12.48
C TRP B 289 7.96 26.81 -12.76
N LYS B 290 7.38 27.47 -11.78
CA LYS B 290 7.08 28.87 -11.92
C LYS B 290 8.38 29.62 -12.16
N SER B 291 8.39 30.53 -13.14
CA SER B 291 9.62 31.27 -13.54
C SER B 291 9.60 32.76 -13.17
N ALA B 292 10.71 33.23 -12.64
CA ALA B 292 10.88 34.66 -12.29
C ALA B 292 11.45 35.46 -13.51
N TYR B 293 11.66 34.81 -14.66
CA TYR B 293 12.24 35.50 -15.78
C TYR B 293 11.18 36.24 -16.57
N ARG B 294 11.22 37.59 -16.45
CA ARG B 294 10.33 38.49 -17.16
C ARG B 294 8.89 38.05 -16.92
N THR B 295 8.08 37.78 -17.95
CA THR B 295 6.70 37.27 -17.71
C THR B 295 6.57 35.83 -17.20
N GLY B 296 7.58 34.99 -17.35
CA GLY B 296 7.51 33.61 -16.76
C GLY B 296 6.89 32.64 -17.75
N LYS B 297 6.55 33.15 -18.94
CA LYS B 297 5.77 32.35 -19.89
C LYS B 297 5.85 32.89 -21.33
N GLY B 298 5.27 32.16 -22.29
CA GLY B 298 5.22 32.64 -23.67
C GLY B 298 6.60 32.96 -24.23
N ALA B 299 6.79 34.18 -24.80
CA ALA B 299 8.06 34.62 -25.30
C ALA B 299 9.19 34.47 -24.27
N ASP B 300 8.88 34.46 -22.97
CA ASP B 300 9.88 34.35 -21.95
C ASP B 300 10.01 32.96 -21.32
N ALA B 301 9.34 31.96 -21.87
CA ALA B 301 9.31 30.64 -21.28
C ALA B 301 10.70 29.99 -21.21
N ILE B 302 10.90 29.23 -20.14
CA ILE B 302 12.10 28.43 -19.92
C ILE B 302 11.66 27.02 -19.52
N THR B 303 12.03 26.01 -20.33
CA THR B 303 11.68 24.66 -20.09
C THR B 303 12.94 23.79 -20.05
N SER B 304 13.57 23.61 -21.21
CA SER B 304 14.79 22.84 -21.26
C SER B 304 16.01 23.70 -21.08
N GLY B 305 15.88 25.02 -21.27
CA GLY B 305 17.05 25.88 -21.29
C GLY B 305 17.67 26.03 -22.70
N LEU B 306 17.27 25.24 -23.71
CA LEU B 306 17.64 25.50 -25.05
C LEU B 306 16.71 26.46 -25.78
N GLU B 307 17.21 27.18 -26.81
CA GLU B 307 16.36 28.09 -27.62
C GLU B 307 16.57 27.78 -29.10
N VAL B 308 15.84 26.77 -29.61
CA VAL B 308 15.94 26.27 -30.94
C VAL B 308 14.55 26.25 -31.57
N THR B 309 14.42 26.74 -32.81
CA THR B 309 13.18 26.49 -33.63
C THR B 309 13.67 25.91 -34.95
N TRP B 310 13.15 24.72 -35.31
CA TRP B 310 13.72 23.91 -36.37
C TRP B 310 13.34 24.32 -37.73
N THR B 311 12.05 24.69 -37.97
CA THR B 311 11.58 24.93 -39.34
C THR B 311 11.00 26.31 -39.60
N THR B 312 10.87 26.62 -40.85
CA THR B 312 10.27 27.88 -41.26
C THR B 312 8.75 27.88 -41.04
N THR B 313 8.08 26.73 -40.88
CA THR B 313 6.64 26.68 -40.58
C THR B 313 6.37 25.73 -39.36
N PRO B 314 6.61 26.23 -38.12
CA PRO B 314 6.61 25.35 -36.94
C PRO B 314 5.22 24.84 -36.59
N THR B 315 4.17 25.41 -37.22
CA THR B 315 2.83 24.90 -37.01
C THR B 315 2.29 24.07 -38.18
N GLN B 316 3.16 23.63 -39.09
CA GLN B 316 2.64 22.90 -40.22
C GLN B 316 3.66 21.82 -40.56
N TRP B 317 3.18 20.65 -40.90
CA TRP B 317 4.01 19.60 -41.48
C TRP B 317 4.74 20.13 -42.70
N SER B 318 5.99 19.76 -42.85
CA SER B 318 6.84 20.22 -43.92
C SER B 318 7.97 19.20 -44.14
N HIS B 319 8.82 19.52 -45.12
CA HIS B 319 10.02 18.75 -45.38
C HIS B 319 11.20 19.61 -45.05
N ASN B 320 11.02 20.62 -44.16
CA ASN B 320 12.05 21.59 -43.94
C ASN B 320 13.11 21.13 -42.91
N PHE B 321 12.78 20.14 -42.04
CA PHE B 321 13.77 19.67 -41.08
C PHE B 321 15.04 19.19 -41.80
N PHE B 322 14.88 18.23 -42.73
CA PHE B 322 16.00 17.69 -43.49
C PHE B 322 16.62 18.67 -44.48
N GLU B 323 15.81 19.54 -45.05
CA GLU B 323 16.32 20.64 -45.87
C GLU B 323 17.32 21.47 -45.06
N ASN B 324 16.94 21.90 -43.87
CA ASN B 324 17.89 22.64 -43.04
C ASN B 324 19.08 21.82 -42.59
N LEU B 325 18.84 20.59 -42.11
CA LEU B 325 19.88 19.77 -41.52
C LEU B 325 21.08 19.62 -42.48
N PHE B 326 20.74 19.30 -43.72
CA PHE B 326 21.70 19.07 -44.75
C PHE B 326 22.11 20.33 -45.51
N GLY B 327 21.28 21.38 -45.48
CA GLY B 327 21.49 22.55 -46.36
C GLY B 327 22.39 23.59 -45.77
N TYR B 328 22.70 23.48 -44.49
CA TYR B 328 23.60 24.41 -43.82
C TYR B 328 24.76 23.65 -43.18
N GLU B 329 25.80 24.38 -42.88
CA GLU B 329 26.88 23.95 -41.98
C GLU B 329 26.63 24.60 -40.61
N TRP B 330 26.99 23.86 -39.55
CA TRP B 330 26.52 24.17 -38.21
C TRP B 330 27.66 24.65 -37.33
N GLU B 331 27.41 25.62 -36.47
CA GLU B 331 28.38 26.20 -35.60
C GLU B 331 27.89 26.08 -34.17
N LEU B 332 28.80 25.72 -33.25
CA LEU B 332 28.46 25.58 -31.88
C LEU B 332 28.20 26.97 -31.26
N THR B 333 27.18 27.09 -30.42
CA THR B 333 26.85 28.36 -29.78
C THR B 333 26.15 28.06 -28.43
N LYS B 334 25.74 29.13 -27.72
CA LYS B 334 25.00 28.97 -26.47
C LYS B 334 23.66 29.66 -26.49
N SER B 335 22.65 29.06 -25.81
CA SER B 335 21.33 29.61 -25.72
C SER B 335 21.39 30.74 -24.67
N PRO B 336 20.33 31.53 -24.48
CA PRO B 336 20.36 32.54 -23.37
C PRO B 336 20.47 31.97 -21.97
N ALA B 337 20.25 30.68 -21.80
CA ALA B 337 20.39 30.07 -20.49
C ALA B 337 21.77 29.46 -20.36
N GLY B 338 22.55 29.52 -21.40
CA GLY B 338 23.92 28.98 -21.37
C GLY B 338 24.12 27.59 -21.88
N ALA B 339 23.12 27.01 -22.49
CA ALA B 339 23.22 25.60 -22.97
C ALA B 339 23.85 25.51 -24.30
N HIS B 340 24.43 24.33 -24.62
CA HIS B 340 24.99 24.14 -25.92
C HIS B 340 23.92 23.79 -26.96
N GLN B 341 24.00 24.44 -28.13
CA GLN B 341 23.15 24.21 -29.31
C GLN B 341 23.90 24.75 -30.53
N TRP B 342 23.28 24.65 -31.70
CA TRP B 342 23.91 24.84 -32.98
C TRP B 342 23.13 25.89 -33.79
N VAL B 343 23.84 26.75 -34.52
CA VAL B 343 23.24 27.72 -35.43
C VAL B 343 23.86 27.59 -36.80
N ALA B 344 23.07 27.90 -37.82
CA ALA B 344 23.44 27.68 -39.20
C ALA B 344 24.42 28.79 -39.67
N LYS B 345 25.62 28.36 -40.09
CA LYS B 345 26.64 29.28 -40.64
C LYS B 345 26.11 30.04 -41.86
N GLY B 346 26.15 31.36 -41.76
CA GLY B 346 25.83 32.29 -42.85
C GLY B 346 24.39 32.34 -43.28
N ALA B 347 23.47 31.74 -42.54
CA ALA B 347 22.10 31.68 -43.04
C ALA B 347 21.41 33.05 -42.79
N ASP B 348 20.40 33.35 -43.57
CA ASP B 348 19.50 34.47 -43.29
C ASP B 348 18.54 34.08 -42.20
N ALA B 349 17.84 35.09 -41.70
CA ALA B 349 16.90 34.93 -40.63
C ALA B 349 15.59 34.56 -41.26
N VAL B 350 15.34 33.26 -41.43
CA VAL B 350 14.16 32.77 -42.11
C VAL B 350 13.10 32.11 -41.19
N ILE B 351 13.48 31.82 -39.96
CA ILE B 351 12.59 31.10 -39.00
C ILE B 351 11.72 32.12 -38.23
N PRO B 352 10.39 31.92 -38.23
CA PRO B 352 9.57 32.90 -37.50
C PRO B 352 9.65 32.91 -36.02
N ASP B 353 9.42 34.08 -35.42
CA ASP B 353 9.38 34.21 -33.95
C ASP B 353 8.01 33.70 -33.50
N ALA B 354 7.95 33.09 -32.35
CA ALA B 354 6.74 32.56 -31.81
C ALA B 354 5.65 33.62 -31.41
N PHE B 355 6.11 34.85 -31.07
CA PHE B 355 5.24 35.89 -30.61
C PHE B 355 5.30 37.26 -31.37
N ASP B 356 6.43 37.59 -31.98
CA ASP B 356 6.59 38.95 -32.56
C ASP B 356 6.70 38.82 -34.04
N PRO B 357 5.68 39.27 -34.76
CA PRO B 357 5.70 39.19 -36.22
C PRO B 357 6.86 39.88 -36.85
N SER B 358 7.48 40.81 -36.19
CA SER B 358 8.58 41.50 -36.84
C SER B 358 9.96 40.90 -36.53
N LYS B 359 10.07 39.77 -35.77
CA LYS B 359 11.38 39.13 -35.62
C LYS B 359 11.45 37.85 -36.42
N LYS B 360 12.63 37.57 -36.93
CA LYS B 360 12.97 36.29 -37.48
C LYS B 360 14.33 35.85 -36.93
N HIS B 361 14.63 34.57 -37.14
CA HIS B 361 15.76 33.91 -36.54
C HIS B 361 16.44 33.01 -37.54
N ARG B 362 17.74 32.82 -37.32
CA ARG B 362 18.47 31.89 -38.14
C ARG B 362 18.11 30.43 -37.75
N PRO B 363 18.22 29.49 -38.72
CA PRO B 363 18.01 28.13 -38.34
C PRO B 363 18.94 27.66 -37.26
N THR B 364 18.40 26.81 -36.38
CA THR B 364 19.12 26.25 -35.24
C THR B 364 18.83 24.74 -35.10
N MET B 365 19.72 24.05 -34.41
CA MET B 365 19.61 22.61 -34.18
C MET B 365 20.17 22.27 -32.83
N LEU B 366 19.63 21.21 -32.25
CA LEU B 366 20.29 20.55 -31.09
C LEU B 366 21.46 19.64 -31.51
N THR B 367 22.40 19.37 -30.57
CA THR B 367 23.42 18.33 -30.81
C THR B 367 22.86 16.98 -31.29
N THR B 368 21.77 16.55 -30.63
CA THR B 368 21.10 15.33 -30.94
C THR B 368 20.36 15.34 -32.29
N ASP B 369 19.92 16.51 -32.77
CA ASP B 369 19.45 16.64 -34.17
C ASP B 369 20.61 16.40 -35.15
N LEU B 370 21.79 16.95 -34.83
CA LEU B 370 22.95 16.78 -35.75
C LEU B 370 23.43 15.35 -35.81
N SER B 371 23.18 14.53 -34.75
CA SER B 371 23.43 13.12 -34.80
C SER B 371 22.82 12.40 -36.02
N LEU B 372 21.66 12.89 -36.45
CA LEU B 372 20.95 12.29 -37.60
C LEU B 372 21.70 12.48 -38.90
N ARG B 373 22.61 13.43 -38.90
CA ARG B 373 23.47 13.62 -40.09
C ARG B 373 24.89 13.11 -39.90
N PHE B 374 25.48 13.21 -38.70
CA PHE B 374 26.89 12.84 -38.48
C PHE B 374 27.17 11.42 -37.99
N ASP B 375 26.14 10.69 -37.57
CA ASP B 375 26.27 9.25 -37.42
C ASP B 375 26.13 8.67 -38.80
N PRO B 376 27.12 7.85 -39.23
CA PRO B 376 27.08 7.37 -40.61
C PRO B 376 25.86 6.57 -40.98
N ALA B 377 25.35 5.77 -40.06
CA ALA B 377 24.17 4.95 -40.31
C ALA B 377 22.92 5.78 -40.37
N TYR B 378 22.79 6.74 -39.43
CA TYR B 378 21.68 7.67 -39.46
C TYR B 378 21.68 8.52 -40.73
N GLU B 379 22.86 8.93 -41.15
CA GLU B 379 22.98 9.82 -42.32
C GLU B 379 22.31 9.22 -43.51
N LYS B 380 22.50 7.92 -43.72
CA LYS B 380 21.96 7.21 -44.89
C LYS B 380 20.46 7.22 -44.90
N ILE B 381 19.85 6.98 -43.73
CA ILE B 381 18.41 7.07 -43.54
C ILE B 381 17.84 8.51 -43.70
N SER B 382 18.47 9.49 -43.01
CA SER B 382 18.10 10.89 -43.13
C SER B 382 18.17 11.37 -44.58
N ARG B 383 19.18 10.90 -45.29
CA ARG B 383 19.32 11.31 -46.72
C ARG B 383 18.25 10.64 -47.58
N ARG B 384 17.92 9.39 -47.31
CA ARG B 384 16.84 8.73 -48.02
C ARG B 384 15.49 9.42 -47.71
N PHE B 385 15.29 9.89 -46.47
CA PHE B 385 14.08 10.66 -46.12
C PHE B 385 13.99 12.05 -46.77
N HIS B 386 15.12 12.72 -46.79
CA HIS B 386 15.29 14.01 -47.46
C HIS B 386 14.91 13.94 -48.97
N GLU B 387 15.36 12.88 -49.61
CA GLU B 387 15.14 12.66 -51.05
C GLU B 387 13.77 12.10 -51.33
N ASN B 388 13.18 11.38 -50.36
CA ASN B 388 11.93 10.71 -50.57
C ASN B 388 10.95 11.01 -49.40
N PRO B 389 10.42 12.23 -49.36
CA PRO B 389 9.63 12.64 -48.20
C PRO B 389 8.39 11.82 -47.91
N GLU B 390 7.87 11.19 -48.93
CA GLU B 390 6.73 10.27 -48.76
C GLU B 390 7.16 9.07 -47.88
N GLN B 391 8.40 8.57 -48.07
CA GLN B 391 8.91 7.52 -47.23
C GLN B 391 9.08 7.97 -45.77
N PHE B 392 9.54 9.21 -45.61
CA PHE B 392 9.67 9.83 -44.28
C PHE B 392 8.30 9.86 -43.58
N ALA B 393 7.30 10.38 -44.30
CA ALA B 393 6.00 10.58 -43.73
C ALA B 393 5.39 9.25 -43.28
N ASP B 394 5.54 8.19 -44.10
CA ASP B 394 4.94 6.90 -43.80
C ASP B 394 5.69 6.25 -42.62
N ALA B 395 7.01 6.28 -42.64
CA ALA B 395 7.78 5.71 -41.50
C ALA B 395 7.45 6.47 -40.18
N PHE B 396 7.35 7.78 -40.25
CA PHE B 396 7.03 8.56 -39.02
C PHE B 396 5.61 8.16 -38.54
N ALA B 397 4.64 8.07 -39.45
CA ALA B 397 3.25 7.70 -39.02
C ALA B 397 3.23 6.31 -38.35
N ARG B 398 3.99 5.37 -38.94
CA ARG B 398 4.05 4.01 -38.39
C ARG B 398 4.73 3.95 -37.03
N ALA B 399 5.81 4.69 -36.93
CA ALA B 399 6.56 4.69 -35.70
C ALA B 399 5.81 5.48 -34.58
N TRP B 400 5.17 6.56 -34.92
CA TRP B 400 4.28 7.28 -33.95
C TRP B 400 3.17 6.36 -33.41
N PHE B 401 2.53 5.54 -34.31
CA PHE B 401 1.53 4.60 -33.86
C PHE B 401 2.22 3.55 -32.90
N LYS B 402 3.37 3.02 -33.28
CA LYS B 402 4.05 2.03 -32.46
C LYS B 402 4.43 2.58 -31.07
N LEU B 403 5.06 3.77 -31.09
CA LEU B 403 5.46 4.51 -29.87
C LEU B 403 4.28 4.61 -28.83
N THR B 404 3.16 5.08 -29.34
CA THR B 404 2.02 5.32 -28.50
C THR B 404 1.11 4.17 -28.16
N HIS B 405 1.32 3.02 -28.81
CA HIS B 405 0.54 1.79 -28.61
C HIS B 405 1.37 0.59 -28.10
N ARG B 406 2.67 0.81 -27.84
CA ARG B 406 3.60 -0.30 -27.70
C ARG B 406 3.28 -1.20 -26.44
N ASP B 407 2.70 -0.58 -25.42
CA ASP B 407 2.36 -1.20 -24.15
C ASP B 407 0.90 -1.50 -23.95
N MET B 408 0.14 -1.45 -25.04
CA MET B 408 -1.30 -1.73 -24.96
C MET B 408 -1.69 -3.19 -24.97
N GLY B 409 -0.80 -4.08 -25.36
CA GLY B 409 -1.09 -5.50 -25.36
C GLY B 409 -1.68 -6.00 -26.67
N PRO B 410 -2.33 -7.12 -26.60
CA PRO B 410 -2.89 -7.72 -27.86
C PRO B 410 -4.00 -6.82 -28.48
N ARG B 411 -4.20 -6.99 -29.78
CA ARG B 411 -5.07 -6.14 -30.59
C ARG B 411 -6.49 -6.23 -30.11
N ALA B 412 -6.82 -7.34 -29.44
CA ALA B 412 -8.11 -7.50 -28.85
C ALA B 412 -8.44 -6.40 -27.83
N ARG B 413 -7.46 -5.74 -27.25
CA ARG B 413 -7.69 -4.61 -26.33
C ARG B 413 -8.04 -3.28 -27.03
N TYR B 414 -7.81 -3.19 -28.31
CA TYR B 414 -7.86 -1.90 -29.04
C TYR B 414 -9.28 -1.52 -29.30
N LEU B 415 -9.69 -0.32 -28.88
CA LEU B 415 -11.07 0.07 -29.07
C LEU B 415 -11.27 1.26 -30.03
N GLY B 416 -12.49 1.40 -30.45
CA GLY B 416 -12.97 2.52 -31.26
C GLY B 416 -12.89 2.41 -32.76
N PRO B 417 -13.30 3.48 -33.45
CA PRO B 417 -13.44 3.45 -34.91
C PRO B 417 -12.17 3.74 -35.70
N GLU B 418 -11.05 4.05 -35.05
CA GLU B 418 -9.84 4.43 -35.78
C GLU B 418 -8.72 3.42 -35.70
N VAL B 419 -9.02 2.20 -35.27
CA VAL B 419 -7.97 1.23 -35.10
C VAL B 419 -7.45 0.85 -36.47
N PRO B 420 -6.15 0.88 -36.70
CA PRO B 420 -5.70 0.36 -38.00
C PRO B 420 -5.93 -1.11 -38.20
N ALA B 421 -6.49 -1.44 -39.34
CA ALA B 421 -6.64 -2.83 -39.73
C ALA B 421 -5.36 -3.58 -40.01
N GLU B 422 -4.28 -2.90 -40.41
CA GLU B 422 -3.06 -3.59 -40.65
C GLU B 422 -2.48 -4.25 -39.42
N VAL B 423 -2.18 -5.55 -39.51
CA VAL B 423 -1.51 -6.27 -38.41
C VAL B 423 0.02 -6.08 -38.54
N LEU B 424 0.70 -5.60 -37.50
CA LEU B 424 2.14 -5.25 -37.49
C LEU B 424 2.91 -6.30 -36.72
N LEU B 425 4.10 -6.66 -37.19
CA LEU B 425 4.93 -7.63 -36.50
C LEU B 425 5.16 -7.35 -35.04
N TRP B 426 5.38 -6.06 -34.71
CA TRP B 426 5.61 -5.69 -33.31
C TRP B 426 4.50 -6.07 -32.34
N GLN B 427 3.29 -6.21 -32.85
CA GLN B 427 2.16 -6.56 -32.02
C GLN B 427 2.15 -8.03 -31.52
N ASP B 428 3.16 -8.86 -31.89
CA ASP B 428 3.13 -10.30 -31.61
C ASP B 428 1.76 -10.86 -31.95
N PRO B 429 1.36 -10.73 -33.19
CA PRO B 429 0.02 -11.04 -33.56
C PRO B 429 -0.41 -12.53 -33.49
N ILE B 430 -1.69 -12.71 -33.25
CA ILE B 430 -2.34 -13.99 -33.05
C ILE B 430 -3.35 -14.17 -34.21
N PRO B 431 -3.26 -15.21 -34.99
CA PRO B 431 -4.27 -15.42 -36.01
C PRO B 431 -5.71 -15.50 -35.50
N ALA B 432 -6.64 -15.09 -36.35
CA ALA B 432 -8.07 -15.18 -36.04
C ALA B 432 -8.44 -16.63 -35.90
N VAL B 433 -9.41 -16.91 -35.06
CA VAL B 433 -10.03 -18.23 -35.06
C VAL B 433 -11.24 -18.28 -36.00
N ASP B 434 -11.21 -19.23 -36.85
CA ASP B 434 -12.05 -19.33 -38.04
C ASP B 434 -12.96 -20.59 -38.01
N HIS B 435 -12.97 -21.36 -36.90
CA HIS B 435 -13.54 -22.71 -36.85
C HIS B 435 -14.20 -22.94 -35.50
N PRO B 436 -15.08 -23.93 -35.38
CA PRO B 436 -15.63 -24.23 -34.07
C PRO B 436 -14.61 -24.66 -33.01
N LEU B 437 -14.83 -24.27 -31.76
CA LEU B 437 -13.97 -24.68 -30.66
C LEU B 437 -14.32 -25.99 -29.97
N ILE B 438 -13.38 -26.62 -29.30
CA ILE B 438 -13.69 -27.77 -28.51
C ILE B 438 -14.67 -27.40 -27.39
N ASP B 439 -15.51 -28.35 -27.03
CA ASP B 439 -16.47 -28.14 -25.92
C ASP B 439 -16.04 -28.92 -24.73
N ALA B 440 -16.92 -29.07 -23.75
CA ALA B 440 -16.56 -29.75 -22.48
C ALA B 440 -16.31 -31.16 -22.66
N ALA B 441 -17.10 -31.82 -23.47
CA ALA B 441 -16.87 -33.25 -23.82
C ALA B 441 -15.52 -33.49 -24.44
N ASP B 442 -15.17 -32.65 -25.41
CA ASP B 442 -13.92 -32.75 -26.14
C ASP B 442 -12.77 -32.50 -25.18
N ALA B 443 -12.90 -31.51 -24.26
CA ALA B 443 -11.84 -31.25 -23.28
C ALA B 443 -11.58 -32.44 -22.39
N ALA B 444 -12.65 -33.13 -21.95
CA ALA B 444 -12.48 -34.29 -21.13
C ALA B 444 -11.81 -35.38 -21.95
N GLU B 445 -12.17 -35.53 -23.23
CA GLU B 445 -11.56 -36.60 -24.01
C GLU B 445 -10.04 -36.32 -24.21
N LEU B 446 -9.64 -35.06 -24.48
CA LEU B 446 -8.23 -34.72 -24.64
C LEU B 446 -7.38 -34.91 -23.37
N LYS B 447 -7.92 -34.51 -22.23
CA LYS B 447 -7.28 -34.72 -20.95
C LYS B 447 -7.03 -36.21 -20.70
N ALA B 448 -8.00 -37.05 -20.99
CA ALA B 448 -7.81 -38.46 -20.80
C ALA B 448 -6.69 -38.98 -21.75
N LYS B 449 -6.61 -38.49 -22.97
CA LYS B 449 -5.57 -38.94 -23.90
C LYS B 449 -4.22 -38.44 -23.44
N VAL B 450 -4.19 -37.22 -22.91
CA VAL B 450 -2.97 -36.65 -22.38
C VAL B 450 -2.47 -37.56 -21.25
N LEU B 451 -3.32 -37.90 -20.32
CA LEU B 451 -2.92 -38.74 -19.16
C LEU B 451 -2.61 -40.15 -19.62
N ALA B 452 -3.28 -40.69 -20.63
CA ALA B 452 -2.90 -42.01 -21.13
C ALA B 452 -1.54 -42.05 -21.85
N SER B 453 -1.05 -40.93 -22.44
CA SER B 453 0.15 -40.94 -23.21
C SER B 453 1.37 -41.23 -22.32
N GLY B 454 1.27 -41.11 -21.02
CA GLY B 454 2.48 -41.25 -20.23
C GLY B 454 3.14 -40.02 -19.69
N LEU B 455 2.77 -38.85 -20.16
CA LEU B 455 3.35 -37.62 -19.67
C LEU B 455 3.09 -37.50 -18.19
N THR B 456 4.06 -37.11 -17.42
CA THR B 456 3.90 -36.98 -16.00
C THR B 456 3.29 -35.67 -15.55
N VAL B 457 2.77 -35.68 -14.34
CA VAL B 457 2.30 -34.46 -13.67
C VAL B 457 3.38 -33.36 -13.79
N SER B 458 4.62 -33.72 -13.43
CA SER B 458 5.72 -32.79 -13.53
C SER B 458 5.92 -32.13 -14.93
N GLN B 459 5.95 -32.97 -15.95
CA GLN B 459 6.06 -32.52 -17.31
C GLN B 459 4.87 -31.62 -17.75
N LEU B 460 3.66 -32.03 -17.41
CA LEU B 460 2.49 -31.32 -17.87
C LEU B 460 2.42 -29.93 -17.22
N VAL B 461 2.57 -29.90 -15.93
CA VAL B 461 2.58 -28.67 -15.15
C VAL B 461 3.76 -27.75 -15.56
N SER B 462 4.96 -28.32 -15.72
CA SER B 462 6.14 -27.48 -16.08
C SER B 462 5.96 -26.79 -17.46
N THR B 463 5.46 -27.56 -18.42
CA THR B 463 5.28 -27.07 -19.73
C THR B 463 4.25 -25.97 -19.84
N ALA B 464 3.10 -26.17 -19.21
CA ALA B 464 2.06 -25.12 -19.24
C ALA B 464 2.44 -23.85 -18.40
N TRP B 465 3.18 -24.10 -17.34
CA TRP B 465 3.75 -22.91 -16.58
C TRP B 465 4.71 -22.11 -17.52
N ALA B 466 5.52 -22.83 -18.29
CA ALA B 466 6.60 -22.23 -19.10
C ALA B 466 5.90 -21.44 -20.24
N ALA B 467 4.79 -21.95 -20.75
CA ALA B 467 4.04 -21.25 -21.79
C ALA B 467 3.29 -20.04 -21.32
N ALA B 468 2.66 -20.16 -20.16
CA ALA B 468 1.74 -19.10 -19.67
C ALA B 468 2.44 -17.98 -18.92
N SER B 469 3.55 -18.30 -18.21
CA SER B 469 4.19 -17.39 -17.29
C SER B 469 5.16 -16.40 -17.94
N THR B 470 5.15 -16.33 -19.28
CA THR B 470 5.90 -15.26 -20.00
C THR B 470 5.14 -13.96 -19.97
N PHE B 471 3.87 -14.01 -19.62
CA PHE B 471 3.07 -12.79 -19.63
C PHE B 471 3.63 -11.75 -18.60
N ARG B 472 3.59 -10.52 -19.01
CA ARG B 472 3.80 -9.44 -18.07
C ARG B 472 2.75 -8.32 -18.23
N GLY B 473 2.23 -7.83 -17.10
CA GLY B 473 1.17 -6.86 -17.12
C GLY B 473 1.64 -5.44 -17.36
N SER B 474 2.93 -5.20 -17.22
CA SER B 474 3.53 -3.94 -17.49
C SER B 474 3.23 -3.43 -18.96
N ASP B 475 3.44 -4.31 -19.95
CA ASP B 475 3.17 -4.02 -21.34
C ASP B 475 2.24 -5.00 -21.99
N LYS B 476 1.73 -5.97 -21.22
CA LYS B 476 0.77 -6.95 -21.66
C LYS B 476 1.21 -7.84 -22.83
N ARG B 477 2.52 -7.99 -22.91
CA ARG B 477 3.15 -8.96 -23.90
C ARG B 477 3.28 -10.32 -23.23
N GLY B 478 3.41 -11.39 -24.03
CA GLY B 478 3.57 -12.71 -23.41
C GLY B 478 2.30 -13.40 -23.11
N GLY B 479 2.48 -14.60 -22.55
CA GLY B 479 1.38 -15.56 -22.21
C GLY B 479 1.32 -16.73 -23.16
N ALA B 480 0.39 -17.61 -22.87
CA ALA B 480 0.24 -18.88 -23.65
C ALA B 480 -0.42 -18.79 -25.04
N ASN B 481 -1.22 -17.77 -25.27
CA ASN B 481 -1.81 -17.58 -26.60
C ASN B 481 -0.73 -17.44 -27.63
N GLY B 482 -0.94 -18.12 -28.77
CA GLY B 482 0.04 -18.19 -29.81
C GLY B 482 0.93 -19.42 -29.87
N ALA B 483 0.95 -20.21 -28.81
CA ALA B 483 1.94 -21.32 -28.70
C ALA B 483 3.37 -20.95 -29.13
N ARG B 484 3.84 -19.85 -28.62
CA ARG B 484 5.12 -19.38 -29.03
C ARG B 484 6.20 -20.18 -28.36
N ILE B 485 5.84 -21.00 -27.35
CA ILE B 485 6.79 -21.86 -26.71
C ILE B 485 7.42 -22.87 -27.67
N ARG B 486 6.72 -23.23 -28.75
CA ARG B 486 7.28 -24.17 -29.72
C ARG B 486 8.20 -23.51 -30.81
N LEU B 487 8.33 -22.19 -30.74
CA LEU B 487 9.07 -21.42 -31.75
C LEU B 487 10.36 -20.85 -31.20
N ALA B 488 11.24 -20.37 -32.13
CA ALA B 488 12.39 -19.64 -31.71
C ALA B 488 11.85 -18.31 -31.12
N PRO B 489 12.41 -17.75 -30.08
CA PRO B 489 13.50 -18.32 -29.24
C PRO B 489 13.01 -19.11 -28.00
N GLN B 490 11.70 -19.06 -27.71
CA GLN B 490 11.21 -19.65 -26.45
C GLN B 490 11.58 -21.09 -26.32
N LYS B 491 11.54 -21.87 -27.41
CA LYS B 491 11.84 -23.29 -27.31
C LYS B 491 13.26 -23.61 -26.85
N ASP B 492 14.15 -22.65 -27.00
CA ASP B 492 15.57 -22.72 -26.74
CA ASP B 492 15.53 -22.91 -26.52
C ASP B 492 15.93 -22.09 -25.35
N TRP B 493 14.99 -21.42 -24.67
CA TRP B 493 15.36 -20.79 -23.42
C TRP B 493 15.70 -21.80 -22.35
N GLU B 494 16.82 -21.58 -21.68
CA GLU B 494 17.28 -22.48 -20.60
C GLU B 494 16.22 -22.79 -19.52
N ALA B 495 15.56 -21.76 -19.01
CA ALA B 495 14.49 -21.95 -18.04
C ALA B 495 13.41 -22.93 -18.51
N ASN B 496 13.20 -23.03 -19.81
CA ASN B 496 12.21 -23.90 -20.39
C ASN B 496 12.64 -25.30 -20.60
N GLN B 497 13.88 -25.62 -20.25
CA GLN B 497 14.40 -26.97 -20.36
C GLN B 497 14.26 -27.58 -21.78
N PRO B 498 14.96 -27.00 -22.75
CA PRO B 498 14.70 -27.28 -24.14
C PRO B 498 14.57 -28.75 -24.53
N GLU B 499 15.38 -29.66 -24.00
CA GLU B 499 15.23 -31.08 -24.40
C GLU B 499 13.93 -31.73 -23.84
N GLN B 500 13.65 -31.45 -22.57
CA GLN B 500 12.39 -32.03 -21.98
CA GLN B 500 12.48 -32.02 -21.93
C GLN B 500 11.21 -31.39 -22.68
N LEU B 501 11.28 -30.06 -22.96
CA LEU B 501 10.23 -29.37 -23.67
C LEU B 501 9.88 -30.01 -25.01
N ALA B 502 10.93 -30.29 -25.80
CA ALA B 502 10.77 -30.83 -27.11
C ALA B 502 10.08 -32.15 -27.08
N ALA B 503 10.41 -32.97 -26.10
CA ALA B 503 9.70 -34.25 -25.93
C ALA B 503 8.21 -34.12 -25.58
N VAL B 504 7.84 -33.18 -24.71
CA VAL B 504 6.46 -32.99 -24.38
C VAL B 504 5.71 -32.52 -25.59
N LEU B 505 6.26 -31.49 -26.28
CA LEU B 505 5.60 -30.93 -27.43
C LEU B 505 5.36 -32.01 -28.52
N GLU B 506 6.31 -32.91 -28.72
CA GLU B 506 6.14 -33.98 -29.74
C GLU B 506 4.95 -34.86 -29.43
N THR B 507 4.80 -35.25 -28.16
CA THR B 507 3.67 -36.03 -27.70
C THR B 507 2.37 -35.26 -27.80
N LEU B 508 2.36 -34.01 -27.36
CA LEU B 508 1.12 -33.22 -27.50
C LEU B 508 0.74 -32.98 -28.98
N GLU B 509 1.70 -32.72 -29.82
CA GLU B 509 1.43 -32.50 -31.30
C GLU B 509 0.85 -33.79 -31.90
N ALA B 510 1.29 -34.94 -31.44
CA ALA B 510 0.73 -36.23 -31.98
C ALA B 510 -0.71 -36.40 -31.57
N ILE B 511 -1.01 -36.05 -30.31
CA ILE B 511 -2.41 -36.14 -29.80
C ILE B 511 -3.27 -35.15 -30.56
N ARG B 512 -2.76 -33.93 -30.75
CA ARG B 512 -3.51 -32.90 -31.49
C ARG B 512 -3.81 -33.38 -32.94
N THR B 513 -2.80 -33.89 -33.62
CA THR B 513 -2.98 -34.37 -34.98
C THR B 513 -4.05 -35.42 -35.06
N ALA B 514 -4.03 -36.40 -34.17
CA ALA B 514 -5.02 -37.44 -34.16
C ALA B 514 -6.44 -36.90 -33.87
N PHE B 515 -6.58 -36.05 -32.84
CA PHE B 515 -7.85 -35.44 -32.51
C PHE B 515 -8.41 -34.67 -33.67
N ASN B 516 -7.61 -33.79 -34.25
CA ASN B 516 -8.06 -32.95 -35.34
C ASN B 516 -8.44 -33.81 -36.58
N GLY B 517 -7.66 -34.84 -36.85
CA GLY B 517 -7.89 -35.73 -37.99
C GLY B 517 -9.23 -36.44 -37.89
N ALA B 518 -9.72 -36.71 -36.68
CA ALA B 518 -10.93 -37.42 -36.48
C ALA B 518 -12.14 -36.52 -36.42
N GLN B 519 -12.00 -35.22 -36.56
CA GLN B 519 -13.14 -34.32 -36.48
C GLN B 519 -13.85 -34.17 -37.83
N ARG B 520 -15.15 -33.92 -37.67
CA ARG B 520 -16.05 -33.41 -38.68
C ARG B 520 -16.21 -31.91 -38.58
N GLY B 521 -16.48 -31.34 -39.74
CA GLY B 521 -17.12 -30.06 -39.80
C GLY B 521 -16.18 -28.95 -39.38
N GLY B 522 -14.88 -29.16 -39.53
CA GLY B 522 -13.96 -28.06 -39.25
C GLY B 522 -13.58 -27.73 -37.80
N LYS B 523 -14.16 -28.42 -36.82
CA LYS B 523 -13.64 -28.37 -35.46
C LYS B 523 -12.18 -28.73 -35.42
N GLN B 524 -11.39 -27.94 -34.69
CA GLN B 524 -10.04 -28.37 -34.34
C GLN B 524 -9.53 -27.67 -33.06
N VAL B 525 -8.49 -28.24 -32.47
CA VAL B 525 -7.85 -27.69 -31.34
C VAL B 525 -6.44 -27.15 -31.74
N SER B 526 -6.14 -25.93 -31.25
CA SER B 526 -4.84 -25.34 -31.38
C SER B 526 -3.82 -26.03 -30.46
N LEU B 527 -2.53 -26.00 -30.80
CA LEU B 527 -1.54 -26.46 -29.90
C LEU B 527 -1.48 -25.58 -28.63
N ALA B 528 -1.75 -24.29 -28.80
CA ALA B 528 -1.79 -23.32 -27.70
C ALA B 528 -2.78 -23.73 -26.63
N ASP B 529 -4.02 -24.04 -27.08
CA ASP B 529 -5.00 -24.55 -26.16
C ASP B 529 -4.60 -25.88 -25.52
N LEU B 530 -4.11 -26.81 -26.31
CA LEU B 530 -3.77 -28.13 -25.78
C LEU B 530 -2.66 -28.12 -24.71
N ILE B 531 -1.68 -27.26 -24.91
CA ILE B 531 -0.63 -27.08 -23.90
C ILE B 531 -1.21 -26.65 -22.56
N VAL B 532 -2.14 -25.71 -22.60
CA VAL B 532 -2.75 -25.26 -21.40
C VAL B 532 -3.71 -26.35 -20.82
N LEU B 533 -4.49 -26.99 -21.71
CA LEU B 533 -5.39 -28.04 -21.24
C LEU B 533 -4.65 -29.22 -20.61
N ALA B 534 -3.50 -29.58 -21.20
CA ALA B 534 -2.64 -30.58 -20.71
C ALA B 534 -2.16 -30.27 -19.32
N GLY B 535 -1.73 -29.01 -19.09
CA GLY B 535 -1.35 -28.56 -17.75
C GLY B 535 -2.47 -28.74 -16.72
N CYS B 536 -3.68 -28.34 -17.11
CA CYS B 536 -4.91 -28.57 -16.34
C CYS B 536 -5.11 -30.05 -15.98
N ALA B 537 -4.95 -30.96 -16.96
CA ALA B 537 -5.03 -32.35 -16.65
C ALA B 537 -3.98 -32.79 -15.64
N GLY B 538 -2.76 -32.27 -15.76
CA GLY B 538 -1.74 -32.65 -14.78
C GLY B 538 -2.06 -32.15 -13.34
N VAL B 539 -2.66 -30.95 -13.23
CA VAL B 539 -3.14 -30.45 -11.92
C VAL B 539 -4.24 -31.36 -11.35
N GLU B 540 -5.18 -31.76 -12.21
CA GLU B 540 -6.23 -32.67 -11.81
C GLU B 540 -5.69 -34.03 -11.37
N GLN B 541 -4.71 -34.54 -12.13
CA GLN B 541 -4.08 -35.78 -11.75
C GLN B 541 -3.34 -35.69 -10.41
N ALA B 542 -2.61 -34.58 -10.21
CA ALA B 542 -1.97 -34.27 -8.92
C ALA B 542 -2.97 -34.26 -7.75
N ALA B 543 -4.11 -33.63 -7.95
CA ALA B 543 -5.11 -33.63 -6.92
C ALA B 543 -5.61 -35.04 -6.63
N LYS B 544 -5.84 -35.82 -7.69
CA LYS B 544 -6.24 -37.18 -7.50
C LYS B 544 -5.22 -38.02 -6.73
N ASN B 545 -3.93 -37.84 -7.03
CA ASN B 545 -2.89 -38.51 -6.33
C ASN B 545 -2.95 -38.16 -4.82
N ALA B 546 -3.40 -36.97 -4.46
CA ALA B 546 -3.54 -36.61 -3.07
C ALA B 546 -4.90 -37.01 -2.54
N GLY B 547 -5.64 -37.78 -3.29
CA GLY B 547 -6.97 -38.22 -2.85
C GLY B 547 -8.09 -37.23 -2.94
N HIS B 548 -7.91 -36.12 -3.71
CA HIS B 548 -8.94 -35.08 -3.93
C HIS B 548 -9.54 -35.11 -5.36
N ALA B 549 -10.86 -34.90 -5.44
CA ALA B 549 -11.57 -34.78 -6.67
C ALA B 549 -11.63 -33.31 -7.00
N VAL B 550 -10.91 -32.88 -8.03
CA VAL B 550 -10.88 -31.49 -8.41
C VAL B 550 -11.12 -31.28 -9.86
N THR B 551 -11.74 -30.19 -10.20
CA THR B 551 -11.93 -29.86 -11.63
C THR B 551 -11.27 -28.51 -11.91
N VAL B 552 -10.40 -28.46 -12.92
CA VAL B 552 -9.65 -27.27 -13.18
C VAL B 552 -10.35 -26.58 -14.35
N PRO B 553 -10.72 -25.31 -14.21
CA PRO B 553 -11.31 -24.60 -15.33
C PRO B 553 -10.38 -24.47 -16.52
N PHE B 554 -10.98 -24.38 -17.69
CA PHE B 554 -10.29 -24.21 -18.96
C PHE B 554 -11.17 -23.49 -19.94
N ALA B 555 -10.63 -22.49 -20.58
CA ALA B 555 -11.34 -21.68 -21.59
C ALA B 555 -10.57 -21.84 -22.93
N PRO B 556 -11.17 -22.51 -23.92
CA PRO B 556 -10.53 -22.65 -25.23
C PRO B 556 -10.57 -21.33 -26.00
N GLY B 557 -9.88 -21.28 -27.14
CA GLY B 557 -9.85 -20.06 -27.95
C GLY B 557 -8.51 -19.45 -28.31
N ARG B 558 -7.44 -20.00 -27.78
CA ARG B 558 -6.12 -19.59 -28.22
C ARG B 558 -5.90 -20.12 -29.67
N ALA B 559 -5.06 -19.39 -30.40
CA ALA B 559 -4.63 -19.76 -31.68
C ALA B 559 -3.09 -19.89 -31.76
N ASP B 560 -2.57 -20.61 -32.78
CA ASP B 560 -1.17 -20.80 -32.97
C ASP B 560 -0.62 -19.71 -33.92
N ALA B 561 0.36 -18.90 -33.47
CA ALA B 561 1.07 -17.94 -34.32
C ALA B 561 2.18 -18.67 -35.08
N SER B 562 2.57 -18.17 -36.25
CA SER B 562 3.72 -18.72 -36.98
C SER B 562 5.08 -18.15 -36.53
N GLN B 563 6.19 -18.80 -36.94
CA GLN B 563 7.51 -18.18 -36.76
C GLN B 563 7.63 -16.75 -37.38
N GLU B 564 7.01 -16.55 -38.54
CA GLU B 564 7.06 -15.28 -39.23
C GLU B 564 6.26 -14.25 -38.51
N GLN B 565 5.29 -14.65 -37.70
CA GLN B 565 4.56 -13.76 -36.82
C GLN B 565 5.22 -13.49 -35.51
N THR B 566 6.50 -13.83 -35.34
CA THR B 566 7.11 -13.86 -34.05
C THR B 566 8.54 -13.32 -34.24
N ASP B 567 8.74 -12.05 -33.85
CA ASP B 567 10.04 -11.36 -34.06
C ASP B 567 10.92 -11.85 -32.93
N VAL B 568 11.95 -12.57 -33.32
CA VAL B 568 12.79 -13.27 -32.36
C VAL B 568 13.62 -12.28 -31.45
N GLU B 569 14.06 -11.14 -31.97
CA GLU B 569 14.85 -10.23 -31.17
C GLU B 569 13.98 -9.57 -30.16
N SER B 570 12.81 -9.13 -30.58
CA SER B 570 11.82 -8.56 -29.65
C SER B 570 11.42 -9.55 -28.55
N MET B 571 11.35 -10.82 -28.88
CA MET B 571 10.94 -11.82 -27.93
C MET B 571 12.05 -12.05 -26.84
N ALA B 572 13.32 -11.68 -27.09
CA ALA B 572 14.43 -11.92 -26.18
C ALA B 572 14.23 -11.28 -24.85
N VAL B 573 13.60 -10.10 -24.82
CA VAL B 573 13.38 -9.39 -23.51
C VAL B 573 12.39 -10.07 -22.59
N LEU B 574 11.61 -11.00 -23.12
CA LEU B 574 10.74 -11.81 -22.27
C LEU B 574 11.37 -13.07 -21.61
N GLU B 575 12.59 -13.44 -22.03
CA GLU B 575 13.23 -14.62 -21.40
C GLU B 575 13.31 -14.39 -19.85
N PRO B 576 12.81 -15.37 -19.05
CA PRO B 576 13.03 -15.29 -17.62
C PRO B 576 14.47 -15.68 -17.29
N VAL B 577 15.20 -14.70 -16.75
CA VAL B 577 16.52 -14.99 -16.22
C VAL B 577 16.42 -15.37 -14.71
N ALA B 578 15.29 -15.10 -14.11
CA ALA B 578 14.95 -15.41 -12.78
C ALA B 578 13.50 -15.80 -12.76
N ASP B 579 13.20 -16.93 -12.13
CA ASP B 579 11.82 -17.40 -11.96
C ASP B 579 11.76 -18.22 -10.68
N GLY B 580 11.44 -17.53 -9.59
CA GLY B 580 11.32 -18.21 -8.31
C GLY B 580 10.32 -19.32 -8.27
N PHE B 581 9.34 -19.22 -9.17
CA PHE B 581 8.30 -20.21 -9.21
C PHE B 581 8.80 -21.57 -9.74
N ARG B 582 9.95 -21.58 -10.41
CA ARG B 582 10.68 -22.82 -10.87
C ARG B 582 12.05 -22.96 -10.21
N ASN B 583 12.29 -22.16 -9.17
CA ASN B 583 13.52 -22.14 -8.40
C ASN B 583 14.69 -21.97 -9.31
N TYR B 584 14.56 -21.01 -10.20
CA TYR B 584 15.49 -20.80 -11.28
C TYR B 584 16.11 -19.44 -11.25
N LEU B 585 17.43 -19.43 -11.38
CA LEU B 585 18.28 -18.23 -11.46
C LEU B 585 19.35 -18.49 -12.49
N LYS B 586 19.41 -17.68 -13.53
CA LYS B 586 20.25 -18.00 -14.70
C LYS B 586 21.71 -17.77 -14.39
N GLY B 587 21.99 -16.72 -13.61
CA GLY B 587 23.35 -16.41 -13.18
C GLY B 587 23.28 -15.79 -11.79
N LYS B 588 24.32 -15.04 -11.44
CA LYS B 588 24.43 -14.37 -10.13
C LYS B 588 24.09 -12.94 -10.36
N TYR B 589 23.18 -12.38 -9.58
CA TYR B 589 22.73 -11.00 -9.77
C TYR B 589 23.06 -10.27 -8.53
N ARG B 590 23.06 -8.96 -8.64
CA ARG B 590 23.31 -8.12 -7.50
C ARG B 590 22.10 -8.23 -6.59
N VAL B 591 20.90 -8.33 -7.16
CA VAL B 591 19.66 -8.30 -6.38
C VAL B 591 19.36 -9.67 -5.75
N PRO B 592 19.06 -9.70 -4.43
CA PRO B 592 18.71 -11.00 -3.84
C PRO B 592 17.53 -11.70 -4.57
N ALA B 593 17.59 -13.01 -4.57
CA ALA B 593 16.67 -13.80 -5.33
C ALA B 593 15.23 -13.61 -4.87
N GLU B 594 15.01 -13.32 -3.57
CA GLU B 594 13.65 -13.08 -3.07
C GLU B 594 13.07 -11.81 -3.62
N VAL B 595 13.93 -10.86 -3.89
CA VAL B 595 13.53 -9.58 -4.51
C VAL B 595 13.12 -9.79 -5.93
N LEU B 596 13.86 -10.65 -6.62
CA LEU B 596 13.51 -11.03 -7.97
C LEU B 596 12.22 -11.84 -8.05
N LEU B 597 11.96 -12.63 -7.03
CA LEU B 597 10.67 -13.32 -6.91
C LEU B 597 9.48 -12.36 -6.88
N VAL B 598 9.56 -11.32 -6.02
CA VAL B 598 8.41 -10.44 -5.84
C VAL B 598 8.21 -9.62 -7.17
N ASP B 599 9.33 -9.31 -7.83
CA ASP B 599 9.30 -8.54 -9.09
C ASP B 599 8.55 -9.38 -10.09
N LYS B 600 8.82 -10.68 -10.14
CA LYS B 600 8.15 -11.57 -11.11
C LYS B 600 6.62 -11.68 -10.77
N ALA B 601 6.32 -11.76 -9.45
CA ALA B 601 4.95 -11.78 -9.02
C ALA B 601 4.17 -10.56 -9.49
N GLN B 602 4.80 -9.40 -9.38
CA GLN B 602 4.23 -8.14 -9.80
C GLN B 602 3.95 -8.17 -11.30
N LEU B 603 4.91 -8.65 -12.06
CA LEU B 603 4.73 -8.71 -13.54
C LEU B 603 3.59 -9.66 -13.90
N LEU B 604 3.45 -10.75 -13.13
CA LEU B 604 2.39 -11.68 -13.40
C LEU B 604 1.03 -11.19 -12.83
N THR B 605 1.01 -10.04 -12.15
CA THR B 605 -0.18 -9.48 -11.51
C THR B 605 -0.71 -10.15 -10.28
N LEU B 606 0.19 -10.87 -9.61
CA LEU B 606 -0.23 -11.64 -8.41
C LEU B 606 -0.15 -10.83 -7.10
N SER B 607 -1.08 -11.09 -6.21
CA SER B 607 -0.95 -10.50 -4.85
C SER B 607 0.04 -11.42 -4.06
N ALA B 608 0.41 -10.98 -2.90
CA ALA B 608 1.22 -11.80 -1.95
C ALA B 608 0.63 -13.13 -1.61
N PRO B 609 -0.65 -13.21 -1.24
CA PRO B 609 -1.25 -14.52 -1.00
C PRO B 609 -1.21 -15.43 -2.26
N GLU B 610 -1.45 -14.85 -3.46
CA GLU B 610 -1.48 -15.72 -4.68
C GLU B 610 -0.04 -16.20 -5.02
N MET B 611 0.95 -15.35 -4.78
CA MET B 611 2.37 -15.73 -5.00
C MET B 611 2.71 -16.87 -4.02
N THR B 612 2.24 -16.77 -2.78
CA THR B 612 2.53 -17.77 -1.78
C THR B 612 1.92 -19.14 -2.12
N VAL B 613 0.64 -19.16 -2.42
CA VAL B 613 -0.03 -20.39 -2.72
C VAL B 613 0.55 -21.01 -3.96
N LEU B 614 0.75 -20.20 -5.00
CA LEU B 614 1.18 -20.68 -6.29
C LEU B 614 2.59 -21.37 -6.14
N LEU B 615 3.50 -20.72 -5.40
CA LEU B 615 4.88 -21.28 -5.32
C LEU B 615 4.89 -22.58 -4.46
N GLY B 616 4.12 -22.64 -3.36
CA GLY B 616 4.04 -23.84 -2.56
C GLY B 616 3.50 -25.01 -3.35
N GLY B 617 2.53 -24.76 -4.22
CA GLY B 617 2.02 -25.87 -5.00
C GLY B 617 2.93 -26.30 -6.10
N LEU B 618 3.44 -25.32 -6.87
CA LEU B 618 4.39 -25.69 -7.92
C LEU B 618 5.56 -26.55 -7.38
N ARG B 619 6.10 -26.20 -6.23
CA ARG B 619 7.16 -27.00 -5.60
C ARG B 619 6.81 -28.49 -5.53
N VAL B 620 5.62 -28.82 -5.04
CA VAL B 620 5.35 -30.18 -4.81
C VAL B 620 4.83 -30.88 -6.06
N LEU B 621 4.49 -30.15 -7.13
CA LEU B 621 4.08 -30.72 -8.41
C LEU B 621 5.24 -31.06 -9.37
N GLY B 622 6.45 -30.65 -9.03
CA GLY B 622 7.66 -30.96 -9.78
C GLY B 622 7.95 -29.94 -10.86
N ALA B 623 7.56 -28.70 -10.60
CA ALA B 623 7.82 -27.63 -11.56
C ALA B 623 9.24 -27.08 -11.52
N ASN B 624 10.11 -27.46 -10.60
CA ASN B 624 11.45 -26.86 -10.56
C ASN B 624 12.25 -27.21 -11.88
N VAL B 625 12.98 -26.25 -12.38
CA VAL B 625 13.96 -26.53 -13.46
C VAL B 625 14.93 -27.62 -13.01
N GLY B 626 15.22 -28.59 -13.90
CA GLY B 626 16.23 -29.62 -13.64
C GLY B 626 15.84 -30.64 -12.61
N GLN B 627 14.58 -30.69 -12.23
CA GLN B 627 14.15 -31.57 -11.13
C GLN B 627 14.96 -31.39 -9.79
N SER B 628 15.46 -30.18 -9.53
CA SER B 628 16.06 -29.80 -8.26
C SER B 628 15.08 -30.13 -7.13
N ARG B 629 15.69 -30.59 -6.04
CA ARG B 629 15.02 -30.94 -4.80
CA ARG B 629 14.96 -30.96 -4.81
C ARG B 629 14.82 -29.73 -3.91
N HIS B 630 15.38 -28.58 -4.32
CA HIS B 630 15.30 -27.38 -3.46
C HIS B 630 13.84 -26.91 -3.22
N GLY B 631 13.40 -26.87 -1.99
CA GLY B 631 12.02 -26.45 -1.71
C GLY B 631 10.98 -27.52 -1.89
N VAL B 632 11.39 -28.72 -2.29
CA VAL B 632 10.41 -29.81 -2.53
C VAL B 632 10.17 -30.50 -1.18
N PHE B 633 9.52 -29.80 -0.29
CA PHE B 633 9.33 -30.28 1.05
C PHE B 633 8.10 -31.19 1.17
N THR B 634 8.17 -32.34 0.52
CA THR B 634 7.11 -33.30 0.59
C THR B 634 7.74 -34.73 0.39
N ALA B 635 7.10 -35.77 0.87
CA ALA B 635 7.45 -37.14 0.52
C ALA B 635 6.52 -37.68 -0.55
N ARG B 636 5.64 -36.84 -1.11
CA ARG B 636 4.75 -37.30 -2.18
C ARG B 636 4.75 -36.18 -3.23
N GLU B 637 5.85 -36.21 -3.91
CA GLU B 637 5.99 -35.33 -5.03
C GLU B 637 4.91 -35.73 -6.14
N GLN B 638 4.44 -34.71 -6.88
CA GLN B 638 3.37 -34.85 -7.85
C GLN B 638 1.98 -35.09 -7.25
N ALA B 639 1.80 -34.90 -5.94
CA ALA B 639 0.49 -34.93 -5.33
C ALA B 639 0.24 -33.48 -4.89
N LEU B 640 -0.93 -32.96 -5.17
CA LEU B 640 -1.25 -31.60 -4.80
C LEU B 640 -1.68 -31.49 -3.34
N THR B 641 -0.73 -31.08 -2.50
CA THR B 641 -0.95 -30.92 -1.08
C THR B 641 -0.31 -29.60 -0.63
N ASN B 642 -0.59 -29.27 0.62
CA ASN B 642 0.00 -28.17 1.33
C ASN B 642 1.27 -28.57 2.10
N ASP B 643 1.91 -29.66 1.75
CA ASP B 643 3.14 -30.10 2.43
C ASP B 643 4.24 -29.05 2.42
N PHE B 644 4.41 -28.22 1.37
CA PHE B 644 5.46 -27.25 1.37
C PHE B 644 5.37 -26.36 2.66
N PHE B 645 4.17 -25.98 3.00
CA PHE B 645 3.94 -25.07 4.10
C PHE B 645 4.08 -25.74 5.45
N VAL B 646 3.46 -26.90 5.57
CA VAL B 646 3.52 -27.64 6.83
C VAL B 646 5.03 -27.95 7.17
N ASN B 647 5.78 -28.43 6.22
CA ASN B 647 7.17 -28.77 6.46
C ASN B 647 8.03 -27.57 6.59
N LEU B 648 7.87 -26.55 5.76
CA LEU B 648 8.65 -25.33 5.95
C LEU B 648 8.62 -24.81 7.39
N LEU B 649 7.43 -24.81 7.99
CA LEU B 649 7.18 -24.15 9.23
C LEU B 649 7.50 -25.05 10.45
N ASP B 650 7.88 -26.31 10.22
CA ASP B 650 8.15 -27.29 11.34
C ASP B 650 9.37 -26.85 12.17
N MET B 651 9.16 -26.41 13.39
CA MET B 651 10.31 -25.99 14.23
C MET B 651 11.28 -27.16 14.63
N GLY B 652 10.91 -28.39 14.35
CA GLY B 652 11.80 -29.53 14.54
C GLY B 652 12.95 -29.52 13.58
N THR B 653 12.96 -28.61 12.59
CA THR B 653 13.96 -28.57 11.58
C THR B 653 14.74 -27.25 11.73
N GLU B 654 16.08 -27.37 11.74
CA GLU B 654 17.01 -26.25 11.77
C GLU B 654 17.71 -26.10 10.42
N TRP B 655 17.86 -24.86 10.00
CA TRP B 655 18.36 -24.42 8.68
C TRP B 655 19.65 -23.64 8.83
N LYS B 656 20.58 -23.91 7.96
CA LYS B 656 21.85 -23.28 7.92
C LYS B 656 22.36 -23.26 6.51
N PRO B 657 23.04 -22.16 6.14
CA PRO B 657 23.64 -22.03 4.82
C PRO B 657 24.75 -23.09 4.59
N THR B 658 24.89 -23.49 3.34
CA THR B 658 25.92 -24.50 3.04
C THR B 658 27.24 -23.75 2.91
N ALA B 659 28.29 -24.47 3.34
CA ALA B 659 29.69 -24.12 3.12
C ALA B 659 29.98 -23.74 1.68
N ALA B 660 29.57 -24.62 0.72
CA ALA B 660 29.83 -24.39 -0.71
C ALA B 660 29.06 -23.20 -1.36
N ASP B 661 27.86 -22.91 -0.88
CA ASP B 661 27.02 -21.87 -1.48
C ASP B 661 26.17 -21.26 -0.35
N ALA B 662 26.43 -20.02 0.04
CA ALA B 662 25.63 -19.35 1.11
C ALA B 662 24.15 -19.09 0.70
N ASP B 663 23.77 -19.32 -0.56
CA ASP B 663 22.38 -19.11 -1.07
C ASP B 663 21.66 -20.43 -1.13
N VAL B 664 22.33 -21.52 -0.72
CA VAL B 664 21.67 -22.80 -0.55
C VAL B 664 21.70 -23.23 0.91
N PHE B 665 20.59 -23.77 1.41
CA PHE B 665 20.43 -24.09 2.82
C PHE B 665 20.08 -25.54 3.06
N GLU B 666 20.57 -26.09 4.19
CA GLU B 666 20.24 -27.43 4.63
C GLU B 666 19.31 -27.41 5.81
N GLY B 667 18.26 -28.19 5.74
CA GLY B 667 17.32 -28.37 6.82
C GLY B 667 17.57 -29.70 7.51
N ARG B 668 17.97 -29.66 8.77
CA ARG B 668 18.26 -30.92 9.47
C ARG B 668 17.41 -31.01 10.72
N ASP B 669 17.08 -32.27 11.07
CA ASP B 669 16.42 -32.57 12.31
C ASP B 669 17.24 -31.98 13.43
N ARG B 670 16.53 -31.22 14.25
CA ARG B 670 17.20 -30.45 15.27
C ARG B 670 17.79 -31.41 16.34
N ALA B 671 17.11 -32.52 16.62
CA ALA B 671 17.58 -33.49 17.58
C ALA B 671 18.67 -34.38 16.98
N THR B 672 18.39 -35.07 15.88
CA THR B 672 19.24 -36.12 15.37
C THR B 672 20.36 -35.63 14.51
N GLY B 673 20.19 -34.48 13.84
CA GLY B 673 21.22 -33.97 12.96
C GLY B 673 21.02 -34.49 11.55
N GLU B 674 20.03 -35.35 11.33
CA GLU B 674 19.90 -35.99 10.01
C GLU B 674 19.33 -34.98 8.98
N LEU B 675 19.78 -35.12 7.73
CA LEU B 675 19.44 -34.16 6.67
C LEU B 675 18.03 -34.49 6.16
N LYS B 676 17.16 -33.50 6.13
CA LYS B 676 15.79 -33.67 5.66
C LYS B 676 15.50 -33.00 4.35
N TRP B 677 15.92 -31.76 4.20
CA TRP B 677 15.62 -30.97 3.01
C TRP B 677 16.79 -30.08 2.65
N THR B 678 16.72 -29.53 1.44
CA THR B 678 17.53 -28.39 1.04
C THR B 678 16.58 -27.35 0.41
N GLY B 679 16.94 -26.10 0.52
CA GLY B 679 16.14 -24.95 0.02
C GLY B 679 17.07 -23.80 -0.45
N THR B 680 16.52 -22.93 -1.31
CA THR B 680 17.15 -21.67 -1.67
C THR B 680 16.59 -20.51 -0.85
N ARG B 681 17.06 -19.31 -1.13
CA ARG B 681 16.55 -18.07 -0.48
C ARG B 681 15.07 -17.88 -0.86
N VAL B 682 14.70 -18.33 -2.07
CA VAL B 682 13.31 -18.20 -2.52
C VAL B 682 12.42 -19.06 -1.72
N ASP B 683 12.86 -20.26 -1.41
CA ASP B 683 12.16 -21.14 -0.50
C ASP B 683 12.06 -20.60 0.91
N LEU B 684 13.18 -20.23 1.47
CA LEU B 684 13.19 -19.93 2.90
CA LEU B 684 13.26 -19.88 2.91
C LEU B 684 12.65 -18.57 3.23
N VAL B 685 12.50 -17.68 2.24
CA VAL B 685 11.98 -16.37 2.58
C VAL B 685 10.57 -16.49 3.18
N PHE B 686 9.85 -17.54 2.79
CA PHE B 686 8.48 -17.75 3.30
C PHE B 686 8.43 -18.15 4.72
N GLY B 687 9.58 -18.60 5.28
CA GLY B 687 9.72 -18.99 6.69
C GLY B 687 10.46 -17.89 7.45
N SER B 688 10.80 -16.79 6.77
CA SER B 688 11.54 -15.72 7.39
C SER B 688 10.84 -14.36 7.46
N HIS B 689 10.43 -13.81 6.32
CA HIS B 689 9.79 -12.52 6.24
C HIS B 689 8.48 -12.56 7.01
N SER B 690 8.26 -11.54 7.89
CA SER B 690 7.22 -11.70 8.88
C SER B 690 5.82 -11.70 8.22
N GLN B 691 5.63 -11.02 7.09
CA GLN B 691 4.34 -11.04 6.39
C GLN B 691 4.12 -12.29 5.57
N LEU B 692 5.16 -12.75 4.89
CA LEU B 692 5.06 -14.00 4.13
C LEU B 692 4.90 -15.20 5.08
N ARG B 693 5.56 -15.17 6.24
CA ARG B 693 5.42 -16.29 7.15
C ARG B 693 4.00 -16.33 7.65
N ALA B 694 3.39 -15.15 7.92
CA ALA B 694 1.95 -15.14 8.27
C ALA B 694 1.03 -15.81 7.22
N LEU B 695 1.31 -15.57 5.97
CA LEU B 695 0.56 -16.26 4.84
C LEU B 695 0.84 -17.72 4.82
N ALA B 696 2.13 -18.08 4.92
CA ALA B 696 2.47 -19.46 4.95
C ALA B 696 1.74 -20.26 6.07
N GLU B 697 1.62 -19.62 7.21
CA GLU B 697 0.96 -20.20 8.36
C GLU B 697 -0.49 -20.56 8.09
N VAL B 698 -1.17 -19.75 7.27
CA VAL B 698 -2.57 -19.98 6.97
C VAL B 698 -2.67 -21.28 6.16
N TYR B 699 -1.77 -21.43 5.21
CA TYR B 699 -1.81 -22.59 4.31
C TYR B 699 -1.19 -23.82 4.89
N GLY B 700 -0.42 -23.60 5.95
CA GLY B 700 0.21 -24.73 6.67
C GLY B 700 -0.50 -25.14 7.93
N SER B 701 -1.73 -24.63 8.13
CA SER B 701 -2.51 -25.07 9.27
C SER B 701 -3.33 -26.37 8.97
N ALA B 702 -3.83 -27.01 10.05
CA ALA B 702 -4.46 -28.31 9.96
C ALA B 702 -5.78 -28.28 9.27
N ASP B 703 -6.40 -27.16 9.19
CA ASP B 703 -7.72 -27.03 8.60
C ASP B 703 -7.60 -26.47 7.17
N ALA B 704 -6.43 -26.43 6.57
CA ALA B 704 -6.16 -25.66 5.37
C ALA B 704 -6.00 -26.46 4.07
N GLN B 705 -6.11 -27.76 4.10
CA GLN B 705 -5.78 -28.56 2.90
C GLN B 705 -6.72 -28.23 1.73
N GLU B 706 -8.00 -28.08 2.01
CA GLU B 706 -8.99 -27.80 1.00
C GLU B 706 -8.86 -26.37 0.49
N LYS B 707 -8.70 -25.40 1.38
CA LYS B 707 -8.40 -24.05 1.00
C LYS B 707 -7.12 -23.98 0.12
N PHE B 708 -6.05 -24.64 0.53
CA PHE B 708 -4.88 -24.60 -0.30
C PHE B 708 -5.20 -25.08 -1.72
N VAL B 709 -5.93 -26.16 -1.83
CA VAL B 709 -6.21 -26.72 -3.18
C VAL B 709 -7.07 -25.75 -4.01
N ARG B 710 -8.07 -25.15 -3.39
CA ARG B 710 -9.02 -24.34 -4.11
CA ARG B 710 -9.03 -24.26 -4.09
C ARG B 710 -8.33 -23.00 -4.53
N ASP B 711 -7.54 -22.40 -3.61
CA ASP B 711 -6.76 -21.23 -3.92
C ASP B 711 -5.68 -21.50 -4.99
N PHE B 712 -5.07 -22.68 -4.88
CA PHE B 712 -4.08 -23.06 -5.92
C PHE B 712 -4.72 -23.10 -7.31
N VAL B 713 -5.85 -23.76 -7.41
CA VAL B 713 -6.46 -23.92 -8.72
C VAL B 713 -6.90 -22.53 -9.22
N ALA B 714 -7.37 -21.63 -8.33
CA ALA B 714 -7.77 -20.32 -8.79
C ALA B 714 -6.60 -19.53 -9.38
N VAL B 715 -5.45 -19.54 -8.72
CA VAL B 715 -4.28 -18.76 -9.25
C VAL B 715 -3.66 -19.44 -10.47
N TRP B 716 -3.69 -20.76 -10.51
CA TRP B 716 -3.27 -21.54 -11.76
C TRP B 716 -4.05 -21.07 -13.02
N ASN B 717 -5.34 -21.02 -12.83
CA ASN B 717 -6.26 -20.58 -13.84
C ASN B 717 -6.05 -19.10 -14.20
N LYS B 718 -5.85 -18.26 -13.21
CA LYS B 718 -5.54 -16.88 -13.45
C LYS B 718 -4.34 -16.78 -14.36
N VAL B 719 -3.24 -17.48 -14.03
CA VAL B 719 -2.02 -17.38 -14.82
C VAL B 719 -2.25 -17.89 -16.27
N MET B 720 -2.94 -19.03 -16.38
CA MET B 720 -3.25 -19.54 -17.71
C MET B 720 -4.04 -18.53 -18.58
N ASN B 721 -4.84 -17.65 -17.96
CA ASN B 721 -5.69 -16.73 -18.72
C ASN B 721 -5.19 -15.29 -18.79
N LEU B 722 -3.94 -15.00 -18.38
CA LEU B 722 -3.50 -13.62 -18.23
C LEU B 722 -3.61 -12.84 -19.56
N ASP B 723 -3.37 -13.52 -20.70
CA ASP B 723 -3.33 -12.82 -22.02
C ASP B 723 -4.66 -12.89 -22.71
N ARG B 724 -5.68 -13.45 -22.04
CA ARG B 724 -6.95 -13.74 -22.71
C ARG B 724 -7.91 -12.56 -22.79
N PHE B 725 -7.49 -11.51 -23.46
CA PHE B 725 -8.32 -10.31 -23.65
C PHE B 725 -9.44 -10.52 -24.65
N ASP B 726 -9.36 -11.55 -25.50
CA ASP B 726 -10.51 -12.07 -26.30
C ASP B 726 -11.73 -12.50 -25.43
N LEU B 727 -11.55 -12.87 -24.19
CA LEU B 727 -12.65 -13.23 -23.30
C LEU B 727 -13.09 -12.07 -22.37
N ALA B 728 -12.28 -11.01 -22.29
CA ALA B 728 -12.32 -9.90 -21.30
C ALA B 728 -13.72 -9.29 -20.96
NA NA C . -5.41 0.06 18.75
CL CL D . -2.00 -0.07 15.62
CHA HEM E . 9.83 -9.32 33.28
CHB HEM E . 10.27 -4.55 33.61
CHC HEM E . 5.49 -4.18 34.17
CHD HEM E . 5.10 -8.94 33.89
C1A HEM E . 10.34 -8.06 33.16
C2A HEM E . 11.70 -7.73 32.85
C3A HEM E . 11.82 -6.38 33.01
C4A HEM E . 10.55 -5.90 33.39
CMA HEM E . 12.99 -5.50 32.74
CAA HEM E . 12.80 -8.67 32.39
CBA HEM E . 12.71 -9.13 30.92
CGA HEM E . 13.76 -10.20 30.72
O1A HEM E . 14.98 -9.88 30.87
O2A HEM E . 13.50 -11.40 30.38
C1B HEM E . 8.99 -4.03 33.78
C2B HEM E . 8.73 -2.63 34.04
C3B HEM E . 7.36 -2.54 34.14
C4B HEM E . 6.85 -3.92 34.09
CMB HEM E . 9.76 -1.54 34.00
CAB HEM E . 6.50 -1.37 34.43
CBB HEM E . 7.02 -0.43 35.13
C1C HEM E . 4.91 -5.41 34.07
C2C HEM E . 3.49 -5.68 34.00
C3C HEM E . 3.41 -7.04 33.83
C4C HEM E . 4.74 -7.62 33.80
CMC HEM E . 2.39 -4.62 33.93
CAC HEM E . 2.21 -7.91 33.81
CBC HEM E . 1.06 -7.58 34.34
C1D HEM E . 6.41 -9.45 33.84
C2D HEM E . 6.69 -10.87 33.72
C3D HEM E . 8.03 -10.97 33.57
C4D HEM E . 8.50 -9.60 33.54
CMD HEM E . 5.77 -12.03 33.98
CAD HEM E . 8.87 -12.19 33.59
CBD HEM E . 9.27 -12.81 32.25
CGD HEM E . 9.78 -14.22 32.33
O1D HEM E . 10.38 -14.66 31.29
O2D HEM E . 9.56 -14.96 33.34
NA HEM E . 9.68 -6.95 33.53
NB HEM E . 7.85 -4.73 33.88
NC HEM E . 5.62 -6.58 33.93
ND HEM E . 7.49 -8.72 33.62
FE HEM E . 7.68 -6.79 33.74
C CYN F . 7.61 -6.96 31.78
N CYN F . 7.89 -6.25 30.78
C1 MPD G . -0.70 -31.35 18.92
C2 MPD G . -0.34 -30.28 19.95
O2 MPD G . -0.47 -28.93 19.43
CM MPD G . -1.30 -30.30 21.09
C3 MPD G . 1.15 -30.45 20.30
C4 MPD G . 1.71 -31.76 20.92
O4 MPD G . 1.01 -31.87 22.15
C5 MPD G . 1.68 -33.05 20.08
C1 MPD H . 17.87 -5.97 22.60
C2 MPD H . 19.21 -5.50 23.17
O2 MPD H . 19.62 -6.43 24.14
CM MPD H . 20.28 -5.55 22.09
C3 MPD H . 19.15 -4.16 23.93
C4 MPD H . 18.97 -4.27 25.46
O4 MPD H . 19.08 -5.61 25.87
C5 MPD H . 20.01 -3.61 26.36
CHA HEM I . 10.96 19.69 -28.09
CHB HEM I . 14.87 17.09 -27.21
CHC HEM I . 12.95 13.31 -29.49
CHD HEM I . 9.04 16.02 -30.42
C1A HEM I . 12.13 19.27 -27.54
C2A HEM I . 12.96 20.01 -26.60
C3A HEM I . 14.07 19.29 -26.37
C4A HEM I . 13.95 18.10 -27.22
CMA HEM I . 15.25 19.57 -25.50
CAA HEM I . 12.74 21.32 -25.96
CBA HEM I . 11.76 21.25 -24.81
CGA HEM I . 11.44 22.66 -24.38
O1A HEM I . 12.37 23.42 -23.98
O2A HEM I . 10.20 23.01 -24.34
C1B HEM I . 14.72 15.83 -27.82
C2B HEM I . 15.68 14.77 -27.81
C3B HEM I . 15.15 13.69 -28.45
C4B HEM I . 13.81 14.12 -28.82
CMB HEM I . 17.03 14.72 -27.13
CAB HEM I . 15.62 12.33 -28.78
CBB HEM I . 16.85 12.14 -29.13
C1C HEM I . 11.67 13.68 -29.89
C2C HEM I . 10.65 12.80 -30.43
C3C HEM I . 9.48 13.56 -30.66
C4C HEM I . 9.86 14.92 -30.25
CMC HEM I . 10.87 11.30 -30.58
CAC HEM I . 8.15 13.24 -31.26
CBC HEM I . 8.03 12.21 -32.14
C1D HEM I . 9.29 17.27 -29.91
C2D HEM I . 8.38 18.39 -30.08
C3D HEM I . 8.94 19.43 -29.40
C4D HEM I . 10.17 18.90 -28.83
CMD HEM I . 7.07 18.48 -30.80
CAD HEM I . 8.40 20.83 -29.28
CBD HEM I . 7.65 21.24 -28.08
CGD HEM I . 7.00 22.59 -28.18
O1D HEM I . 6.64 23.14 -27.05
O2D HEM I . 6.76 23.13 -29.27
NA HEM I . 12.74 18.11 -27.89
NB HEM I . 13.65 15.44 -28.44
NC HEM I . 11.16 14.92 -29.78
ND HEM I . 10.36 17.58 -29.20
FE HEM I . 11.94 16.54 -28.83
NA NA J . 4.25 -0.45 -19.14
CL CL K . 4.62 1.69 -14.91
C CYN L . 10.94 16.00 -27.14
N CYN L . 10.87 15.87 -25.87
C1 MPD M . 4.67 -26.24 -35.53
C2 MPD M . 6.08 -26.86 -35.55
O2 MPD M . 6.32 -27.42 -34.22
CM MPD M . 5.97 -28.16 -36.37
C3 MPD M . 7.30 -25.95 -36.10
C4 MPD M . 7.09 -24.50 -36.71
O4 MPD M . 8.18 -23.76 -37.27
C5 MPD M . 6.02 -24.45 -37.81
C1 MPD N . 25.08 -38.90 8.16
C2 MPD N . 25.19 -37.64 9.02
O2 MPD N . 25.68 -36.62 8.15
CM MPD N . 23.87 -37.13 9.53
C3 MPD N . 26.10 -37.92 10.20
C4 MPD N . 25.53 -38.89 11.23
O4 MPD N . 24.74 -38.12 12.10
C5 MPD N . 24.52 -40.02 10.91
C1 MPD O . 15.57 23.82 -16.54
C2 MPD O . 16.45 22.62 -16.24
O2 MPD O . 16.63 21.76 -17.34
CM MPD O . 17.84 23.16 -15.98
C3 MPD O . 15.96 21.68 -15.15
C4 MPD O . 14.58 21.91 -14.61
O4 MPD O . 14.54 23.17 -14.04
C5 MPD O . 13.46 21.92 -15.64
P PO4 P . 18.81 35.20 -34.34
O1 PO4 P . 18.29 34.29 -33.21
O2 PO4 P . 17.73 36.25 -34.57
O3 PO4 P . 19.11 34.42 -35.59
O4 PO4 P . 20.04 35.99 -33.89
#